data_9H4T
#
_entry.id   9H4T
#
_cell.length_a   93.662
_cell.length_b   117.467
_cell.length_c   100.053
_cell.angle_alpha   90.00
_cell.angle_beta   103.25
_cell.angle_gamma   90.00
#
_symmetry.space_group_name_H-M   'P 1 21 1'
#
loop_
_entity.id
_entity.type
_entity.pdbx_description
1 polymer 'Trimethylamine-N-oxide reductase 1'
2 non-polymer '2-AMINO-5,6-DIMERCAPTO-7-METHYL-3,7,8A,9-TETRAHYDRO-8-OXA-1,3,9,10-TETRAAZA-ANTHRACEN-4-ONE GUANOSINE DINUCLEOTIDE'
3 non-polymer 'MOLYBDENUM(VI) ION'
4 non-polymer DI(HYDROXYETHYL)ETHER
5 non-polymer 'TRIETHYLENE GLYCOL'
6 non-polymer D-MALATE
7 non-polymer 'PENTAETHYLENE GLYCOL'
8 water water
#
_entity_poly.entity_id   1
_entity_poly.type   'polypeptide(L)'
_entity_poly.pdbx_seq_one_letter_code
;MNNNDLFQASRRRFLAQLGGLTVAGMLGPSLLTPRRATAAQAATDAVISKEGILTGSHWGAIRATVKDGRFVAAKPFELD
KYPSKMIAGLPDHVHNAARIRYPMVRVDWLRKRHLSDTSQRGDNRFVRVSWDEALDMFYEELERVQKTHGPSALLTASGW
QSTGMFHNASGMLAKAIALHGNSVGTGGDYSTGAAQVILPRVVGSMEVYEQQTSWPLVLQNSKTIVLWGSDLLKNQQANW
WCPDHDVYEYYAQLKAKVAAGEIEVISIDPVVTSTHEYLGREHVKHIAVNPQTDVPLQLALAHTLYSENLYDKNFLANYC
VGFEQFLPYLLGEKDGQPKDAAWAEKLTGIDAETIRGLARQMAANRTQIIAGWCVQRMQHGEQWAWMIVVLAAMLGQIGL
PGGGFGFGWHYNGAGTPGRKGVILSGFSGSTSIPPVHDNSDYKGYSSTIPIARFIDAILEPGKVINWNGKSVKLPPLKMC
IFAGTNPFHRHQQINRIIEGLRKLETVIAIDNQWTSTCRFADIVLPATTQFERNDLDQYGNHSNRGIIAMKQVVPPQFEA
RNDFDIFRELCRRFNREEAFTEGLDEMGWLKRIWQEGVQQGKGRGVHLPAFDDFWNNKEYVEFDHPQMFVRHQAFREDPD
LEPLGTPSGLIEIYSKTIADMNYDDCQGHPMWFEKIERSHGGPGSQKYPLHLQSVHPDFRLHSQLCESETLRQQYTVAGK
EPVFINPQDASARGIRNGDVVRVFNARGQVLAGAVVSDRYAPGVARIHEGAWYDPDKGGEPGALCKYGNPNVLTIDIGTS
QLAQATSAHTTLVEIEKYNGTVEQVTAFNGPVEMVAQCEYVPASQVKS
;
_entity_poly.pdbx_strand_id   A,B
#
# COMPACT_ATOMS: atom_id res chain seq x y z
N SER A 49 20.78 -16.56 -18.75
CA SER A 49 19.97 -16.79 -17.57
C SER A 49 18.68 -17.52 -17.93
N LYS A 50 17.55 -16.79 -17.98
CA LYS A 50 16.23 -17.41 -18.03
C LYS A 50 15.48 -17.15 -19.34
N GLU A 51 14.79 -18.21 -19.78
CA GLU A 51 14.07 -18.23 -21.04
C GLU A 51 12.63 -18.66 -20.78
N GLY A 52 11.69 -18.11 -21.56
CA GLY A 52 10.29 -18.52 -21.52
C GLY A 52 9.46 -17.99 -20.35
N ILE A 53 9.86 -16.85 -19.78
CA ILE A 53 9.15 -16.29 -18.64
C ILE A 53 7.85 -15.67 -19.16
N LEU A 54 6.73 -16.11 -18.59
CA LEU A 54 5.42 -15.70 -19.03
C LEU A 54 5.00 -14.40 -18.35
N THR A 55 4.56 -13.44 -19.17
CA THR A 55 3.96 -12.23 -18.64
C THR A 55 3.08 -11.58 -19.71
N GLY A 56 2.58 -10.38 -19.42
CA GLY A 56 1.57 -9.73 -20.24
C GLY A 56 1.65 -8.22 -20.22
N SER A 57 1.01 -7.61 -21.22
CA SER A 57 1.04 -6.18 -21.42
C SER A 57 -0.17 -5.74 -22.23
N HIS A 58 -0.37 -4.42 -22.38
CA HIS A 58 -1.45 -3.93 -23.22
C HIS A 58 -1.36 -4.48 -24.63
N TRP A 59 -0.13 -4.85 -25.05
CA TRP A 59 0.14 -5.27 -26.42
C TRP A 59 0.13 -6.78 -26.61
N GLY A 60 -0.17 -7.52 -25.53
CA GLY A 60 -0.27 -8.97 -25.58
C GLY A 60 0.64 -9.70 -24.60
N ALA A 61 0.46 -11.03 -24.54
CA ALA A 61 1.20 -11.89 -23.65
C ALA A 61 2.50 -12.31 -24.33
N ILE A 62 3.55 -12.47 -23.52
CA ILE A 62 4.88 -12.80 -24.03
C ILE A 62 5.56 -13.92 -23.25
N ARG A 63 6.50 -14.58 -23.93
CA ARG A 63 7.52 -15.41 -23.31
C ARG A 63 8.84 -14.64 -23.38
N ALA A 64 9.25 -14.07 -22.25
CA ALA A 64 10.44 -13.24 -22.19
C ALA A 64 11.72 -14.04 -21.94
N THR A 65 12.80 -13.59 -22.60
CA THR A 65 14.14 -14.14 -22.44
C THR A 65 15.04 -13.14 -21.74
N VAL A 66 15.80 -13.62 -20.74
CA VAL A 66 16.74 -12.78 -20.01
C VAL A 66 18.14 -13.39 -20.12
N LYS A 67 19.13 -12.52 -20.33
CA LYS A 67 20.53 -12.93 -20.44
C LYS A 67 21.38 -11.93 -19.65
N ASP A 68 22.10 -12.45 -18.64
CA ASP A 68 22.96 -11.63 -17.79
C ASP A 68 22.21 -10.45 -17.18
N GLY A 69 20.97 -10.70 -16.71
CA GLY A 69 20.17 -9.69 -16.06
C GLY A 69 19.51 -8.65 -16.96
N ARG A 70 19.57 -8.88 -18.28
CA ARG A 70 18.95 -7.96 -19.23
C ARG A 70 17.85 -8.67 -20.04
N PHE A 71 16.68 -8.03 -20.10
CA PHE A 71 15.57 -8.46 -20.95
C PHE A 71 15.96 -8.21 -22.40
N VAL A 72 16.16 -9.30 -23.16
CA VAL A 72 16.77 -9.23 -24.48
C VAL A 72 15.79 -9.53 -25.61
N ALA A 73 14.86 -10.45 -25.39
CA ALA A 73 13.86 -10.73 -26.42
C ALA A 73 12.50 -11.07 -25.83
N ALA A 74 11.45 -10.60 -26.51
CA ALA A 74 10.07 -10.86 -26.12
C ALA A 74 9.39 -11.65 -27.23
N LYS A 75 9.22 -12.96 -27.01
CA LYS A 75 8.53 -13.82 -27.95
C LYS A 75 7.03 -13.81 -27.69
N PRO A 76 6.18 -13.99 -28.73
CA PRO A 76 4.74 -14.11 -28.55
C PRO A 76 4.34 -15.32 -27.69
N PHE A 77 3.34 -15.11 -26.83
CA PHE A 77 2.70 -16.21 -26.10
C PHE A 77 2.20 -17.27 -27.08
N GLU A 78 2.43 -18.55 -26.75
CA GLU A 78 2.18 -19.64 -27.70
C GLU A 78 0.71 -19.80 -28.10
N LEU A 79 -0.22 -19.31 -27.28
CA LEU A 79 -1.63 -19.32 -27.65
C LEU A 79 -2.07 -18.17 -28.56
N ASP A 80 -1.19 -17.18 -28.78
CA ASP A 80 -1.55 -15.99 -29.55
C ASP A 80 -1.18 -16.18 -31.01
N LYS A 81 -2.21 -16.31 -31.86
CA LYS A 81 -2.01 -16.55 -33.28
C LYS A 81 -1.72 -15.25 -34.04
N TYR A 82 -2.07 -14.11 -33.44
CA TYR A 82 -1.96 -12.83 -34.11
C TYR A 82 -1.27 -11.79 -33.23
N PRO A 83 0.02 -11.98 -32.89
CA PRO A 83 0.72 -11.05 -32.02
C PRO A 83 1.00 -9.71 -32.70
N SER A 84 1.11 -8.66 -31.88
CA SER A 84 1.43 -7.34 -32.37
C SER A 84 2.93 -7.17 -32.52
N LYS A 85 3.35 -6.55 -33.62
CA LYS A 85 4.74 -6.17 -33.83
CA LYS A 85 4.74 -6.17 -33.84
C LYS A 85 5.33 -5.42 -32.64
N MET A 86 4.47 -4.67 -31.94
CA MET A 86 4.91 -3.82 -30.83
C MET A 86 5.57 -4.55 -29.66
N ILE A 87 5.38 -5.88 -29.54
CA ILE A 87 6.05 -6.60 -28.47
C ILE A 87 7.57 -6.55 -28.61
N ALA A 88 8.05 -6.35 -29.85
CA ALA A 88 9.48 -6.24 -30.10
C ALA A 88 10.10 -5.01 -29.43
N GLY A 89 9.27 -4.06 -28.99
CA GLY A 89 9.75 -2.87 -28.30
C GLY A 89 9.86 -3.00 -26.78
N LEU A 90 9.42 -4.13 -26.22
CA LEU A 90 9.28 -4.23 -24.77
C LEU A 90 10.62 -4.32 -24.05
N PRO A 91 11.64 -5.01 -24.60
CA PRO A 91 12.98 -4.96 -24.03
C PRO A 91 13.57 -3.55 -23.97
N ASP A 92 13.41 -2.77 -25.05
CA ASP A 92 13.81 -1.37 -25.07
C ASP A 92 13.10 -0.54 -24.01
N HIS A 93 11.80 -0.79 -23.86
CA HIS A 93 10.97 -0.13 -22.87
C HIS A 93 11.56 -0.31 -21.47
N VAL A 94 12.04 -1.53 -21.18
CA VAL A 94 12.68 -1.80 -19.90
C VAL A 94 14.10 -1.23 -19.84
N HIS A 95 14.85 -1.36 -20.94
CA HIS A 95 16.22 -0.91 -21.01
C HIS A 95 16.48 0.10 -22.14
N ASN A 96 16.37 1.39 -21.81
CA ASN A 96 16.68 2.48 -22.72
C ASN A 96 17.06 3.71 -21.92
N ALA A 97 17.61 4.71 -22.60
CA ALA A 97 18.18 5.89 -21.95
C ALA A 97 17.15 6.78 -21.23
N ALA A 98 15.87 6.67 -21.60
CA ALA A 98 14.83 7.49 -20.98
C ALA A 98 14.29 6.93 -19.66
N ARG A 99 14.66 5.69 -19.30
CA ARG A 99 14.26 5.14 -18.01
C ARG A 99 14.65 6.09 -16.89
N ILE A 100 13.72 6.30 -15.95
CA ILE A 100 13.96 7.16 -14.81
C ILE A 100 14.76 6.34 -13.80
N ARG A 101 15.98 6.80 -13.49
CA ARG A 101 16.93 6.08 -12.66
C ARG A 101 16.74 6.34 -11.17
N TYR A 102 16.43 7.60 -10.82
CA TYR A 102 16.22 7.97 -9.44
C TYR A 102 15.29 9.17 -9.29
N PRO A 103 14.79 9.46 -8.07
CA PRO A 103 14.04 10.69 -7.83
C PRO A 103 14.79 11.94 -8.26
N MET A 104 14.06 12.86 -8.90
CA MET A 104 14.63 14.06 -9.48
C MET A 104 13.77 15.26 -9.10
N VAL A 105 14.42 16.41 -8.86
CA VAL A 105 13.69 17.62 -8.53
C VAL A 105 14.23 18.76 -9.37
N ARG A 106 13.30 19.57 -9.92
CA ARG A 106 13.65 20.69 -10.77
C ARG A 106 14.47 21.71 -9.98
N VAL A 107 15.63 22.10 -10.54
CA VAL A 107 16.61 22.89 -9.85
C VAL A 107 15.99 23.96 -8.95
N ASP A 108 15.21 24.87 -9.55
CA ASP A 108 14.75 26.03 -8.82
C ASP A 108 13.59 25.70 -7.89
N TRP A 109 12.90 24.57 -8.15
CA TRP A 109 11.88 24.10 -7.22
C TRP A 109 12.55 23.54 -5.96
N LEU A 110 13.67 22.84 -6.14
CA LEU A 110 14.44 22.37 -5.00
C LEU A 110 14.92 23.55 -4.16
N ARG A 111 15.27 24.65 -4.84
CA ARG A 111 15.67 25.88 -4.18
C ARG A 111 14.53 26.54 -3.41
N LYS A 112 13.44 26.86 -4.13
CA LYS A 112 12.41 27.76 -3.62
C LYS A 112 11.02 27.14 -3.50
N ARG A 113 10.89 25.85 -3.84
CA ARG A 113 9.60 25.17 -3.83
C ARG A 113 8.54 26.00 -4.54
N HIS A 114 7.38 26.21 -3.88
CA HIS A 114 6.26 26.90 -4.50
C HIS A 114 6.54 28.37 -4.80
N LEU A 115 7.65 28.90 -4.28
CA LEU A 115 8.09 30.25 -4.61
C LEU A 115 9.08 30.28 -5.77
N SER A 116 9.21 29.18 -6.52
CA SER A 116 10.20 29.07 -7.57
C SER A 116 9.81 29.82 -8.85
N ASP A 117 10.77 29.92 -9.78
CA ASP A 117 10.52 30.45 -11.11
C ASP A 117 9.92 29.36 -12.00
N THR A 118 8.62 29.47 -12.28
CA THR A 118 7.90 28.43 -12.99
C THR A 118 8.23 28.45 -14.48
N SER A 119 8.76 29.58 -14.96
CA SER A 119 9.19 29.73 -16.34
C SER A 119 10.24 28.69 -16.75
N GLN A 120 11.02 28.21 -15.78
CA GLN A 120 12.08 27.24 -16.03
C GLN A 120 11.56 25.81 -16.18
N ARG A 121 10.27 25.57 -15.91
CA ARG A 121 9.72 24.25 -16.20
C ARG A 121 9.85 24.00 -17.69
N GLY A 122 10.36 22.81 -18.05
CA GLY A 122 10.60 22.44 -19.43
C GLY A 122 12.07 22.52 -19.85
N ASP A 123 12.89 23.21 -19.05
CA ASP A 123 14.31 23.33 -19.37
C ASP A 123 15.09 22.03 -19.14
N ASN A 124 14.53 21.12 -18.32
CA ASN A 124 14.97 19.74 -18.21
C ASN A 124 16.19 19.60 -17.30
N ARG A 125 16.44 20.64 -16.49
CA ARG A 125 17.53 20.64 -15.53
C ARG A 125 17.01 20.18 -14.18
N PHE A 126 17.42 18.96 -13.77
CA PHE A 126 16.94 18.33 -12.57
C PHE A 126 18.08 17.81 -11.67
N VAL A 127 17.80 17.77 -10.36
CA VAL A 127 18.77 17.32 -9.37
C VAL A 127 18.35 15.97 -8.80
N ARG A 128 19.27 15.00 -8.76
CA ARG A 128 19.00 13.74 -8.09
C ARG A 128 18.84 13.95 -6.58
N VAL A 129 17.81 13.33 -6.01
CA VAL A 129 17.63 13.30 -4.56
C VAL A 129 17.35 11.88 -4.10
N SER A 130 17.39 11.65 -2.78
CA SER A 130 17.00 10.37 -2.21
C SER A 130 15.48 10.21 -2.22
N TRP A 131 15.05 8.94 -2.20
CA TRP A 131 13.64 8.62 -2.10
C TRP A 131 12.97 9.30 -0.91
N ASP A 132 13.62 9.24 0.26
CA ASP A 132 13.02 9.78 1.47
C ASP A 132 12.91 11.30 1.39
N GLU A 133 13.92 11.96 0.83
CA GLU A 133 13.85 13.40 0.59
C GLU A 133 12.71 13.75 -0.36
N ALA A 134 12.53 12.93 -1.40
CA ALA A 134 11.51 13.18 -2.40
C ALA A 134 10.12 13.06 -1.79
N LEU A 135 9.88 11.95 -1.08
CA LEU A 135 8.61 11.68 -0.42
C LEU A 135 8.28 12.71 0.66
N ASP A 136 9.29 13.16 1.39
CA ASP A 136 9.09 14.22 2.38
C ASP A 136 8.55 15.51 1.74
N MET A 137 9.18 15.91 0.63
CA MET A 137 8.74 17.10 -0.10
C MET A 137 7.32 16.93 -0.61
N PHE A 138 7.00 15.72 -1.07
CA PHE A 138 5.67 15.36 -1.56
C PHE A 138 4.67 15.58 -0.42
N TYR A 139 4.95 14.95 0.73
CA TYR A 139 4.09 15.07 1.90
C TYR A 139 3.92 16.51 2.38
N GLU A 140 5.05 17.21 2.52
CA GLU A 140 5.05 18.60 2.95
C GLU A 140 4.27 19.51 2.00
N GLU A 141 4.29 19.20 0.70
CA GLU A 141 3.50 19.95 -0.26
C GLU A 141 2.00 19.68 -0.09
N LEU A 142 1.64 18.41 0.08
CA LEU A 142 0.25 18.05 0.36
C LEU A 142 -0.24 18.79 1.61
N GLU A 143 0.57 18.78 2.67
CA GLU A 143 0.27 19.51 3.89
C GLU A 143 0.10 21.00 3.63
N ARG A 144 1.05 21.60 2.91
CA ARG A 144 1.03 23.02 2.64
C ARG A 144 -0.21 23.45 1.84
N VAL A 145 -0.52 22.70 0.79
CA VAL A 145 -1.63 23.03 -0.09
C VAL A 145 -2.96 22.90 0.64
N GLN A 146 -3.08 21.83 1.45
CA GLN A 146 -4.31 21.63 2.21
C GLN A 146 -4.53 22.76 3.22
N LYS A 147 -3.45 23.23 3.84
CA LYS A 147 -3.52 24.29 4.83
C LYS A 147 -3.71 25.67 4.20
N THR A 148 -3.10 25.90 3.04
CA THR A 148 -3.11 27.21 2.39
C THR A 148 -4.37 27.43 1.55
N HIS A 149 -4.68 26.45 0.70
CA HIS A 149 -5.71 26.57 -0.31
C HIS A 149 -6.94 25.71 -0.04
N GLY A 150 -6.70 24.52 0.55
CA GLY A 150 -7.76 23.53 0.70
C GLY A 150 -7.91 22.66 -0.55
N PRO A 151 -8.96 21.81 -0.61
CA PRO A 151 -9.06 20.76 -1.62
C PRO A 151 -9.31 21.24 -3.05
N SER A 152 -9.74 22.50 -3.24
CA SER A 152 -9.97 23.04 -4.57
C SER A 152 -8.69 23.30 -5.37
N ALA A 153 -7.53 23.26 -4.69
CA ALA A 153 -6.24 23.50 -5.32
C ALA A 153 -5.55 22.24 -5.86
N LEU A 154 -6.10 21.05 -5.55
CA LEU A 154 -5.37 19.81 -5.76
C LEU A 154 -6.07 18.92 -6.79
N LEU A 155 -5.29 18.49 -7.80
CA LEU A 155 -5.79 17.61 -8.85
C LEU A 155 -4.90 16.37 -9.02
N THR A 156 -5.54 15.20 -9.09
CA THR A 156 -4.86 13.97 -9.47
C THR A 156 -5.30 13.60 -10.89
N ALA A 157 -4.49 12.79 -11.57
CA ALA A 157 -4.77 12.40 -12.93
C ALA A 157 -4.08 11.06 -13.25
N SER A 158 -4.83 10.20 -13.95
CA SER A 158 -4.36 8.87 -14.33
C SER A 158 -4.81 8.56 -15.75
N GLY A 159 -4.33 7.44 -16.28
CA GLY A 159 -4.54 7.10 -17.68
C GLY A 159 -4.34 5.62 -17.95
N TRP A 160 -3.76 5.29 -19.10
CA TRP A 160 -3.71 3.92 -19.56
C TRP A 160 -2.72 3.04 -18.81
N GLN A 161 -1.68 3.67 -18.26
CA GLN A 161 -0.72 2.98 -17.40
C GLN A 161 -0.34 1.64 -18.03
N SER A 162 -0.25 0.58 -17.21
CA SER A 162 0.08 -0.75 -17.69
C SER A 162 -0.97 -1.76 -17.21
N THR A 163 -0.96 -2.95 -17.82
CA THR A 163 -1.83 -4.03 -17.39
C THR A 163 -1.36 -4.55 -16.03
N GLY A 164 -2.27 -5.22 -15.32
CA GLY A 164 -1.95 -5.80 -14.03
C GLY A 164 -2.97 -5.42 -12.97
N MET A 165 -3.55 -6.45 -12.35
CA MET A 165 -4.66 -6.27 -11.43
C MET A 165 -4.21 -5.60 -10.14
N PHE A 166 -3.06 -6.01 -9.61
CA PHE A 166 -2.54 -5.42 -8.38
C PHE A 166 -1.83 -4.09 -8.60
N HIS A 167 -0.89 -4.05 -9.55
CA HIS A 167 -0.05 -2.87 -9.72
C HIS A 167 -0.78 -1.81 -10.53
N ASN A 168 -1.84 -1.26 -9.90
CA ASN A 168 -2.75 -0.33 -10.52
C ASN A 168 -2.35 1.09 -10.14
N ALA A 169 -1.55 1.72 -10.99
CA ALA A 169 -0.95 3.01 -10.69
C ALA A 169 -2.01 4.04 -10.31
N SER A 170 -3.10 4.10 -11.06
CA SER A 170 -4.20 5.00 -10.78
C SER A 170 -4.77 4.77 -9.38
N GLY A 171 -4.96 3.50 -9.02
CA GLY A 171 -5.49 3.12 -7.72
C GLY A 171 -4.57 3.50 -6.56
N MET A 172 -3.26 3.31 -6.75
CA MET A 172 -2.27 3.65 -5.74
C MET A 172 -2.33 5.15 -5.47
N LEU A 173 -2.35 5.94 -6.56
CA LEU A 173 -2.42 7.38 -6.47
C LEU A 173 -3.68 7.86 -5.77
N ALA A 174 -4.84 7.37 -6.22
CA ALA A 174 -6.12 7.82 -5.70
C ALA A 174 -6.26 7.51 -4.22
N LYS A 175 -5.86 6.29 -3.84
CA LYS A 175 -5.94 5.84 -2.46
C LYS A 175 -5.06 6.65 -1.51
N ALA A 176 -3.80 6.86 -1.92
CA ALA A 176 -2.83 7.56 -1.09
C ALA A 176 -3.24 8.99 -0.81
N ILE A 177 -3.69 9.68 -1.86
CA ILE A 177 -4.15 11.06 -1.73
C ILE A 177 -5.46 11.13 -0.95
N ALA A 178 -6.38 10.19 -1.22
CA ALA A 178 -7.65 10.12 -0.53
C ALA A 178 -7.51 9.86 0.97
N LEU A 179 -6.41 9.20 1.37
CA LEU A 179 -6.13 8.99 2.77
C LEU A 179 -5.52 10.24 3.41
N HIS A 180 -5.09 11.21 2.59
CA HIS A 180 -4.54 12.44 3.12
C HIS A 180 -5.54 13.60 3.16
N GLY A 181 -6.26 13.82 2.06
CA GLY A 181 -7.19 14.92 1.98
C GLY A 181 -8.05 14.85 0.73
N ASN A 182 -8.98 15.81 0.62
CA ASN A 182 -9.87 15.87 -0.53
C ASN A 182 -9.18 16.64 -1.66
N SER A 183 -9.75 16.52 -2.86
CA SER A 183 -9.16 17.11 -4.05
C SER A 183 -10.26 17.31 -5.08
N VAL A 184 -9.90 17.91 -6.22
CA VAL A 184 -10.81 18.04 -7.33
C VAL A 184 -10.81 16.73 -8.13
N GLY A 185 -12.01 16.19 -8.34
CA GLY A 185 -12.20 15.01 -9.18
C GLY A 185 -12.49 15.40 -10.62
N THR A 186 -12.38 14.43 -11.52
CA THR A 186 -12.79 14.64 -12.91
C THR A 186 -13.81 13.61 -13.36
N GLY A 187 -14.65 14.01 -14.32
CA GLY A 187 -15.56 13.11 -15.01
C GLY A 187 -15.20 12.98 -16.48
N GLY A 188 -15.34 11.76 -17.01
CA GLY A 188 -15.12 11.51 -18.43
C GLY A 188 -13.70 11.06 -18.76
N ASP A 189 -13.43 10.90 -20.06
CA ASP A 189 -12.11 10.53 -20.53
C ASP A 189 -11.91 11.14 -21.92
N TYR A 190 -10.74 10.89 -22.53
CA TYR A 190 -10.44 11.42 -23.85
C TYR A 190 -10.82 10.49 -25.00
N SER A 191 -11.18 9.24 -24.68
CA SER A 191 -11.55 8.27 -25.69
C SER A 191 -12.92 8.50 -26.31
N THR A 192 -13.92 8.60 -25.43
CA THR A 192 -15.31 8.69 -25.84
C THR A 192 -16.02 9.77 -25.03
N GLY A 193 -15.30 10.87 -24.77
CA GLY A 193 -15.80 11.94 -23.93
C GLY A 193 -17.18 12.47 -24.30
N ALA A 194 -17.42 12.63 -25.60
CA ALA A 194 -18.71 13.08 -26.10
C ALA A 194 -19.73 11.94 -26.18
N ALA A 195 -19.35 10.85 -26.84
CA ALA A 195 -20.24 9.73 -27.01
C ALA A 195 -20.80 9.19 -25.69
N GLN A 196 -19.94 9.10 -24.67
CA GLN A 196 -20.32 8.49 -23.40
C GLN A 196 -21.28 9.36 -22.58
N VAL A 197 -21.49 10.62 -22.99
CA VAL A 197 -22.46 11.48 -22.36
C VAL A 197 -23.78 11.47 -23.13
N ILE A 198 -23.70 11.55 -24.46
CA ILE A 198 -24.91 11.62 -25.27
C ILE A 198 -25.62 10.27 -25.33
N LEU A 199 -24.87 9.18 -25.46
CA LEU A 199 -25.48 7.90 -25.74
C LEU A 199 -26.35 7.38 -24.58
N PRO A 200 -25.95 7.55 -23.30
CA PRO A 200 -26.86 7.21 -22.20
C PRO A 200 -28.22 7.89 -22.31
N ARG A 201 -28.21 9.16 -22.70
CA ARG A 201 -29.41 9.96 -22.81
C ARG A 201 -30.32 9.50 -23.96
N VAL A 202 -29.71 8.99 -25.05
CA VAL A 202 -30.44 8.64 -26.26
C VAL A 202 -30.69 7.15 -26.49
N VAL A 203 -29.78 6.26 -26.02
CA VAL A 203 -30.04 4.82 -26.07
C VAL A 203 -29.88 4.09 -24.74
N GLY A 204 -29.68 4.83 -23.65
CA GLY A 204 -29.69 4.24 -22.32
C GLY A 204 -28.47 3.39 -21.98
N SER A 205 -27.42 3.51 -22.78
CA SER A 205 -26.17 2.81 -22.54
C SER A 205 -25.03 3.73 -22.94
N MET A 206 -23.86 3.50 -22.33
CA MET A 206 -22.64 4.17 -22.73
C MET A 206 -22.18 3.69 -24.11
N GLU A 207 -22.48 2.40 -24.40
CA GLU A 207 -22.27 1.78 -25.70
C GLU A 207 -20.82 1.49 -26.07
N VAL A 208 -19.96 2.49 -25.89
CA VAL A 208 -18.66 2.53 -26.52
C VAL A 208 -17.69 1.44 -26.10
N TYR A 209 -17.80 0.98 -24.84
CA TYR A 209 -16.91 -0.02 -24.30
C TYR A 209 -17.54 -1.40 -24.18
N GLU A 210 -18.73 -1.56 -24.79
CA GLU A 210 -19.57 -2.73 -24.57
C GLU A 210 -19.32 -3.82 -25.60
N GLN A 211 -19.75 -5.04 -25.26
CA GLN A 211 -19.65 -6.19 -26.14
C GLN A 211 -20.51 -5.95 -27.38
N GLN A 212 -20.09 -6.53 -28.50
CA GLN A 212 -20.77 -6.36 -29.77
C GLN A 212 -21.29 -7.72 -30.24
N THR A 213 -22.24 -7.68 -31.18
CA THR A 213 -22.72 -8.88 -31.83
C THR A 213 -21.54 -9.76 -32.25
N SER A 214 -21.62 -11.04 -31.88
CA SER A 214 -20.59 -12.01 -32.21
C SER A 214 -20.27 -12.01 -33.71
N TRP A 215 -18.97 -11.98 -34.03
CA TRP A 215 -18.54 -11.93 -35.41
C TRP A 215 -19.07 -13.07 -36.30
N PRO A 216 -19.17 -14.33 -35.81
CA PRO A 216 -19.77 -15.41 -36.59
C PRO A 216 -21.16 -15.07 -37.13
N LEU A 217 -21.99 -14.44 -36.30
CA LEU A 217 -23.31 -14.00 -36.71
C LEU A 217 -23.26 -12.86 -37.71
N VAL A 218 -22.31 -11.93 -37.54
CA VAL A 218 -22.14 -10.84 -38.49
C VAL A 218 -21.76 -11.40 -39.85
N LEU A 219 -20.83 -12.36 -39.86
CA LEU A 219 -20.32 -12.91 -41.10
C LEU A 219 -21.35 -13.80 -41.80
N GLN A 220 -22.30 -14.36 -41.05
CA GLN A 220 -23.37 -15.16 -41.65
C GLN A 220 -24.60 -14.37 -42.10
N ASN A 221 -24.70 -13.08 -41.73
CA ASN A 221 -25.96 -12.35 -41.88
C ASN A 221 -25.85 -10.99 -42.55
N SER A 222 -24.82 -10.20 -42.19
CA SER A 222 -24.60 -8.90 -42.79
C SER A 222 -24.17 -9.03 -44.26
N LYS A 223 -24.80 -8.22 -45.12
CA LYS A 223 -24.39 -8.13 -46.52
C LYS A 223 -23.60 -6.85 -46.80
N THR A 224 -23.87 -5.80 -46.01
CA THR A 224 -23.12 -4.55 -46.05
C THR A 224 -22.59 -4.28 -44.64
N ILE A 225 -21.31 -3.92 -44.54
CA ILE A 225 -20.72 -3.47 -43.29
C ILE A 225 -20.15 -2.09 -43.53
N VAL A 226 -20.59 -1.13 -42.71
CA VAL A 226 -20.16 0.25 -42.81
C VAL A 226 -19.19 0.58 -41.69
N LEU A 227 -17.92 0.74 -42.06
CA LEU A 227 -16.89 1.20 -41.15
C LEU A 227 -16.89 2.72 -41.14
N TRP A 228 -17.40 3.31 -40.06
CA TRP A 228 -17.58 4.76 -39.97
C TRP A 228 -16.55 5.30 -39.01
N GLY A 229 -15.43 5.76 -39.58
CA GLY A 229 -14.30 6.24 -38.81
C GLY A 229 -13.79 5.20 -37.82
N SER A 230 -13.53 3.98 -38.32
CA SER A 230 -13.05 2.91 -37.46
C SER A 230 -11.99 2.04 -38.14
N ASP A 231 -10.86 1.86 -37.45
CA ASP A 231 -9.76 1.06 -37.97
C ASP A 231 -9.54 -0.13 -37.05
N LEU A 232 -10.33 -1.20 -37.30
CA LEU A 232 -10.26 -2.44 -36.56
C LEU A 232 -8.88 -3.06 -36.48
N LEU A 233 -8.24 -3.22 -37.65
CA LEU A 233 -6.96 -3.91 -37.76
C LEU A 233 -5.84 -3.21 -36.97
N LYS A 234 -5.79 -1.88 -37.05
CA LYS A 234 -4.80 -1.09 -36.33
C LYS A 234 -4.99 -1.11 -34.82
N ASN A 235 -6.26 -0.99 -34.38
CA ASN A 235 -6.56 -0.61 -33.01
C ASN A 235 -6.84 -1.77 -32.05
N GLN A 236 -6.94 -2.99 -32.58
CA GLN A 236 -7.14 -4.16 -31.74
C GLN A 236 -5.81 -4.78 -31.32
N GLN A 237 -4.69 -4.13 -31.66
CA GLN A 237 -3.38 -4.56 -31.22
C GLN A 237 -3.20 -4.41 -29.71
N ALA A 238 -3.79 -3.35 -29.16
CA ALA A 238 -3.70 -3.03 -27.74
C ALA A 238 -5.10 -3.02 -27.12
N ASN A 239 -5.25 -3.70 -25.98
CA ASN A 239 -6.52 -3.77 -25.26
C ASN A 239 -6.29 -3.38 -23.80
N TRP A 240 -7.39 -3.20 -23.05
CA TRP A 240 -7.29 -2.74 -21.67
C TRP A 240 -6.59 -3.75 -20.77
N TRP A 241 -7.12 -4.98 -20.73
CA TRP A 241 -6.40 -6.10 -20.15
C TRP A 241 -5.60 -6.72 -21.28
N CYS A 242 -4.66 -7.60 -20.93
CA CYS A 242 -3.87 -8.31 -21.91
C CYS A 242 -4.75 -8.83 -23.04
N PRO A 243 -4.53 -8.40 -24.31
CA PRO A 243 -5.31 -8.91 -25.42
C PRO A 243 -4.95 -10.35 -25.75
N ASP A 244 -5.93 -11.13 -26.21
CA ASP A 244 -5.66 -12.44 -26.78
C ASP A 244 -5.48 -12.38 -28.29
N HIS A 245 -5.94 -11.28 -28.91
CA HIS A 245 -5.88 -11.04 -30.34
C HIS A 245 -6.67 -12.03 -31.21
N ASP A 246 -7.58 -12.81 -30.60
CA ASP A 246 -8.34 -13.81 -31.35
C ASP A 246 -9.33 -13.20 -32.34
N VAL A 247 -9.71 -11.93 -32.14
CA VAL A 247 -10.63 -11.25 -33.05
C VAL A 247 -10.06 -11.11 -34.47
N TYR A 248 -8.73 -11.16 -34.61
CA TYR A 248 -8.13 -11.07 -35.94
C TYR A 248 -8.49 -12.25 -36.82
N GLU A 249 -8.86 -13.39 -36.21
CA GLU A 249 -9.34 -14.53 -36.96
C GLU A 249 -10.59 -14.13 -37.74
N TYR A 250 -11.51 -13.41 -37.09
CA TYR A 250 -12.73 -12.97 -37.74
C TYR A 250 -12.47 -11.99 -38.88
N TYR A 251 -11.51 -11.07 -38.69
CA TYR A 251 -11.12 -10.13 -39.73
C TYR A 251 -10.56 -10.84 -40.97
N ALA A 252 -9.82 -11.93 -40.76
CA ALA A 252 -9.33 -12.74 -41.87
C ALA A 252 -10.48 -13.39 -42.65
N GLN A 253 -11.48 -13.89 -41.91
CA GLN A 253 -12.66 -14.46 -42.50
C GLN A 253 -13.43 -13.40 -43.29
N LEU A 254 -13.54 -12.20 -42.70
CA LEU A 254 -14.18 -11.08 -43.39
C LEU A 254 -13.46 -10.79 -44.69
N LYS A 255 -12.12 -10.80 -44.66
CA LYS A 255 -11.30 -10.57 -45.84
C LYS A 255 -11.69 -11.53 -46.96
N ALA A 256 -11.85 -12.81 -46.61
CA ALA A 256 -12.24 -13.82 -47.58
C ALA A 256 -13.66 -13.59 -48.13
N LYS A 257 -14.58 -13.21 -47.24
CA LYS A 257 -15.95 -12.90 -47.65
C LYS A 257 -15.99 -11.68 -48.58
N VAL A 258 -15.12 -10.71 -48.33
CA VAL A 258 -15.02 -9.54 -49.18
C VAL A 258 -14.48 -9.92 -50.56
N ALA A 259 -13.44 -10.78 -50.59
CA ALA A 259 -12.84 -11.21 -51.84
C ALA A 259 -13.85 -11.97 -52.71
N ALA A 260 -14.68 -12.79 -52.06
CA ALA A 260 -15.71 -13.58 -52.73
C ALA A 260 -16.94 -12.75 -53.11
N GLY A 261 -16.99 -11.50 -52.64
CA GLY A 261 -18.10 -10.62 -52.95
C GLY A 261 -19.40 -10.96 -52.21
N GLU A 262 -19.29 -11.75 -51.12
CA GLU A 262 -20.42 -12.10 -50.29
C GLU A 262 -20.84 -10.97 -49.35
N ILE A 263 -19.84 -10.20 -48.90
CA ILE A 263 -20.08 -9.04 -48.03
C ILE A 263 -19.39 -7.83 -48.66
N GLU A 264 -20.13 -6.73 -48.77
CA GLU A 264 -19.55 -5.48 -49.21
C GLU A 264 -19.22 -4.64 -47.98
N VAL A 265 -17.98 -4.14 -47.93
CA VAL A 265 -17.55 -3.26 -46.85
C VAL A 265 -17.43 -1.85 -47.41
N ILE A 266 -18.09 -0.91 -46.72
CA ILE A 266 -17.99 0.51 -47.06
C ILE A 266 -17.23 1.22 -45.95
N SER A 267 -16.19 1.97 -46.35
CA SER A 267 -15.42 2.74 -45.40
C SER A 267 -15.69 4.22 -45.56
N ILE A 268 -16.29 4.82 -44.53
CA ILE A 268 -16.56 6.25 -44.51
C ILE A 268 -15.45 6.88 -43.66
N ASP A 269 -14.48 7.48 -44.36
CA ASP A 269 -13.21 7.85 -43.78
C ASP A 269 -12.40 8.67 -44.78
N PRO A 270 -11.86 9.85 -44.39
CA PRO A 270 -10.99 10.63 -45.28
C PRO A 270 -9.72 9.90 -45.72
N VAL A 271 -9.37 8.81 -45.00
CA VAL A 271 -8.14 8.08 -45.24
C VAL A 271 -8.47 6.61 -45.53
N VAL A 272 -7.64 5.98 -46.35
CA VAL A 272 -7.62 4.52 -46.48
C VAL A 272 -7.00 3.95 -45.20
N THR A 273 -7.83 3.26 -44.41
CA THR A 273 -7.40 2.76 -43.11
C THR A 273 -6.52 1.53 -43.29
N SER A 274 -5.92 1.07 -42.19
CA SER A 274 -5.21 -0.20 -42.19
C SER A 274 -6.17 -1.33 -42.55
N THR A 275 -7.40 -1.24 -42.04
CA THR A 275 -8.42 -2.25 -42.27
C THR A 275 -8.79 -2.31 -43.76
N HIS A 276 -9.00 -1.13 -44.34
CA HIS A 276 -9.35 -0.99 -45.75
C HIS A 276 -8.22 -1.57 -46.60
N GLU A 277 -6.98 -1.18 -46.31
CA GLU A 277 -5.82 -1.68 -47.03
C GLU A 277 -5.75 -3.21 -46.95
N TYR A 278 -6.05 -3.75 -45.75
CA TYR A 278 -6.03 -5.18 -45.53
C TYR A 278 -7.12 -5.94 -46.29
N LEU A 279 -8.35 -5.41 -46.24
CA LEU A 279 -9.48 -6.01 -46.94
C LEU A 279 -9.31 -5.89 -48.45
N GLY A 280 -8.62 -4.81 -48.88
CA GLY A 280 -8.25 -4.64 -50.27
C GLY A 280 -8.91 -3.43 -50.93
N ARG A 281 -8.08 -2.54 -51.49
CA ARG A 281 -8.52 -1.35 -52.18
C ARG A 281 -9.36 -1.62 -53.43
N GLU A 282 -9.15 -2.78 -54.05
CA GLU A 282 -9.92 -3.14 -55.22
C GLU A 282 -11.37 -3.49 -54.85
N HIS A 283 -11.60 -3.85 -53.58
CA HIS A 283 -12.90 -4.32 -53.12
C HIS A 283 -13.70 -3.35 -52.24
N VAL A 284 -13.01 -2.61 -51.37
CA VAL A 284 -13.69 -1.74 -50.41
C VAL A 284 -14.26 -0.53 -51.12
N LYS A 285 -15.55 -0.25 -50.86
CA LYS A 285 -16.17 0.98 -51.32
C LYS A 285 -15.77 2.09 -50.36
N HIS A 286 -15.06 3.09 -50.88
CA HIS A 286 -14.50 4.16 -50.08
C HIS A 286 -15.31 5.43 -50.28
N ILE A 287 -15.83 5.99 -49.16
CA ILE A 287 -16.45 7.31 -49.15
C ILE A 287 -15.52 8.26 -48.42
N ALA A 288 -14.70 8.99 -49.20
CA ALA A 288 -13.62 9.81 -48.67
C ALA A 288 -14.18 11.15 -48.23
N VAL A 289 -15.03 11.12 -47.20
CA VAL A 289 -15.73 12.31 -46.74
C VAL A 289 -14.77 13.39 -46.29
N ASN A 290 -15.10 14.66 -46.59
CA ASN A 290 -14.35 15.78 -46.07
C ASN A 290 -14.38 15.74 -44.54
N PRO A 291 -13.22 15.89 -43.87
CA PRO A 291 -13.17 15.82 -42.41
C PRO A 291 -14.17 16.74 -41.71
N GLN A 292 -14.88 16.15 -40.73
CA GLN A 292 -15.87 16.82 -39.92
C GLN A 292 -17.19 17.14 -40.63
N THR A 293 -17.46 16.49 -41.76
CA THR A 293 -18.72 16.69 -42.47
C THR A 293 -19.60 15.45 -42.41
N ASP A 294 -19.31 14.57 -41.44
CA ASP A 294 -20.05 13.32 -41.29
C ASP A 294 -21.52 13.53 -40.95
N VAL A 295 -21.81 14.58 -40.17
CA VAL A 295 -23.19 14.87 -39.79
C VAL A 295 -24.00 15.24 -41.05
N PRO A 296 -23.56 16.22 -41.87
CA PRO A 296 -24.20 16.44 -43.17
C PRO A 296 -24.44 15.17 -43.97
N LEU A 297 -23.45 14.28 -44.04
CA LEU A 297 -23.58 13.00 -44.73
C LEU A 297 -24.67 12.14 -44.08
N GLN A 298 -24.66 12.06 -42.74
CA GLN A 298 -25.69 11.33 -42.00
C GLN A 298 -27.09 11.86 -42.26
N LEU A 299 -27.24 13.19 -42.21
CA LEU A 299 -28.54 13.80 -42.41
C LEU A 299 -29.05 13.53 -43.82
N ALA A 300 -28.15 13.54 -44.79
CA ALA A 300 -28.52 13.28 -46.18
C ALA A 300 -28.92 11.83 -46.43
N LEU A 301 -28.25 10.89 -45.76
CA LEU A 301 -28.67 9.49 -45.81
C LEU A 301 -30.06 9.35 -45.19
N ALA A 302 -30.28 9.99 -44.03
CA ALA A 302 -31.57 9.99 -43.38
C ALA A 302 -32.66 10.56 -44.29
N HIS A 303 -32.37 11.71 -44.91
CA HIS A 303 -33.28 12.35 -45.84
C HIS A 303 -33.66 11.41 -46.98
N THR A 304 -32.67 10.77 -47.60
CA THR A 304 -32.91 9.83 -48.69
C THR A 304 -33.79 8.66 -48.25
N LEU A 305 -33.47 8.09 -47.07
CA LEU A 305 -34.25 7.01 -46.50
C LEU A 305 -35.72 7.37 -46.35
N TYR A 306 -35.99 8.59 -45.87
CA TYR A 306 -37.36 9.08 -45.74
C TYR A 306 -37.97 9.35 -47.11
N SER A 307 -37.29 10.21 -47.90
CA SER A 307 -37.74 10.62 -49.22
C SER A 307 -38.20 9.48 -50.13
N GLU A 308 -37.50 8.33 -50.09
CA GLU A 308 -37.82 7.21 -50.94
C GLU A 308 -38.50 6.04 -50.23
N ASN A 309 -39.09 6.30 -49.05
CA ASN A 309 -39.84 5.31 -48.30
C ASN A 309 -39.03 4.05 -48.02
N LEU A 310 -37.75 4.23 -47.72
CA LEU A 310 -36.87 3.12 -47.37
C LEU A 310 -36.73 2.95 -45.87
N TYR A 311 -37.25 3.93 -45.11
CA TYR A 311 -37.18 3.92 -43.66
C TYR A 311 -38.24 3.00 -43.05
N ASP A 312 -37.99 2.57 -41.81
CA ASP A 312 -38.86 1.63 -41.12
C ASP A 312 -39.80 2.36 -40.18
N LYS A 313 -41.01 2.68 -40.68
CA LYS A 313 -41.99 3.44 -39.92
C LYS A 313 -42.40 2.71 -38.64
N ASN A 314 -42.55 1.38 -38.73
CA ASN A 314 -42.93 0.57 -37.59
C ASN A 314 -41.87 0.64 -36.48
N PHE A 315 -40.58 0.66 -36.88
CA PHE A 315 -39.51 0.73 -35.90
C PHE A 315 -39.49 2.09 -35.22
N LEU A 316 -39.61 3.16 -36.00
CA LEU A 316 -39.60 4.51 -35.45
C LEU A 316 -40.81 4.78 -34.55
N ALA A 317 -41.96 4.16 -34.89
CA ALA A 317 -43.19 4.41 -34.17
C ALA A 317 -43.24 3.61 -32.87
N ASN A 318 -42.66 2.42 -32.86
CA ASN A 318 -42.75 1.55 -31.69
C ASN A 318 -41.51 1.48 -30.79
N TYR A 319 -40.32 1.78 -31.33
CA TYR A 319 -39.09 1.72 -30.54
C TYR A 319 -38.42 3.06 -30.25
N CYS A 320 -38.96 4.15 -30.83
CA CYS A 320 -38.37 5.48 -30.71
C CYS A 320 -39.40 6.51 -30.27
N VAL A 321 -38.88 7.66 -29.79
CA VAL A 321 -39.67 8.85 -29.60
C VAL A 321 -39.01 9.99 -30.38
N GLY A 322 -39.84 10.91 -30.88
CA GLY A 322 -39.38 12.21 -31.34
C GLY A 322 -39.04 12.32 -32.82
N PHE A 323 -39.33 11.27 -33.60
CA PHE A 323 -39.04 11.28 -35.03
C PHE A 323 -39.79 12.42 -35.74
N GLU A 324 -41.02 12.65 -35.28
CA GLU A 324 -41.87 13.69 -35.83
C GLU A 324 -41.30 15.08 -35.52
N GLN A 325 -40.56 15.20 -34.42
CA GLN A 325 -40.01 16.49 -34.03
C GLN A 325 -38.70 16.76 -34.77
N PHE A 326 -38.07 15.70 -35.29
CA PHE A 326 -36.83 15.77 -36.04
C PHE A 326 -37.05 16.03 -37.54
N LEU A 327 -38.12 15.43 -38.08
CA LEU A 327 -38.36 15.45 -39.51
C LEU A 327 -38.41 16.85 -40.12
N PRO A 328 -39.08 17.85 -39.48
CA PRO A 328 -39.11 19.20 -40.06
C PRO A 328 -37.72 19.81 -40.30
N TYR A 329 -36.79 19.59 -39.36
CA TYR A 329 -35.39 19.93 -39.58
C TYR A 329 -34.82 19.19 -40.80
N LEU A 330 -34.99 17.87 -40.80
CA LEU A 330 -34.39 17.04 -41.83
C LEU A 330 -34.86 17.48 -43.22
N LEU A 331 -36.13 17.88 -43.33
CA LEU A 331 -36.76 18.18 -44.60
C LEU A 331 -36.68 19.65 -44.99
N GLY A 332 -36.17 20.49 -44.09
CA GLY A 332 -35.99 21.91 -44.38
C GLY A 332 -37.25 22.76 -44.19
N GLU A 333 -38.28 22.20 -43.55
CA GLU A 333 -39.54 22.90 -43.37
C GLU A 333 -39.39 24.12 -42.46
N LYS A 334 -38.48 24.04 -41.48
CA LYS A 334 -38.23 25.12 -40.54
C LYS A 334 -36.94 25.91 -40.77
N ASP A 335 -36.28 25.75 -41.92
CA ASP A 335 -35.20 26.68 -42.25
C ASP A 335 -35.00 26.99 -43.73
N GLY A 336 -35.78 26.35 -44.61
CA GLY A 336 -35.61 26.50 -46.05
C GLY A 336 -34.56 25.59 -46.68
N GLN A 337 -33.84 24.82 -45.85
CA GLN A 337 -32.74 23.99 -46.31
C GLN A 337 -32.99 22.51 -45.98
N PRO A 338 -33.49 21.71 -46.95
CA PRO A 338 -33.51 20.27 -46.80
C PRO A 338 -32.10 19.72 -46.57
N LYS A 339 -31.95 18.85 -45.58
CA LYS A 339 -30.65 18.28 -45.27
C LYS A 339 -30.46 17.12 -46.23
N ASP A 340 -30.37 17.44 -47.52
CA ASP A 340 -30.56 16.43 -48.54
C ASP A 340 -29.24 16.10 -49.24
N ALA A 341 -29.29 15.11 -50.12
CA ALA A 341 -28.10 14.63 -50.82
C ALA A 341 -27.40 15.76 -51.58
N ALA A 342 -28.20 16.65 -52.20
CA ALA A 342 -27.68 17.79 -52.93
C ALA A 342 -26.99 18.78 -51.99
N TRP A 343 -27.66 19.09 -50.88
CA TRP A 343 -27.08 19.95 -49.87
C TRP A 343 -25.76 19.38 -49.34
N ALA A 344 -25.74 18.08 -49.04
CA ALA A 344 -24.59 17.46 -48.40
C ALA A 344 -23.40 17.30 -49.34
N GLU A 345 -23.68 17.17 -50.65
CA GLU A 345 -22.66 17.12 -51.67
C GLU A 345 -21.69 18.31 -51.63
N LYS A 346 -22.23 19.49 -51.33
CA LYS A 346 -21.44 20.72 -51.21
C LYS A 346 -20.49 20.68 -50.01
N LEU A 347 -20.96 20.14 -48.89
CA LEU A 347 -20.15 20.09 -47.68
C LEU A 347 -19.15 18.93 -47.68
N THR A 348 -19.63 17.73 -48.03
CA THR A 348 -18.88 16.50 -47.85
C THR A 348 -17.94 16.17 -49.00
N GLY A 349 -18.23 16.75 -50.17
CA GLY A 349 -17.50 16.43 -51.39
C GLY A 349 -17.85 15.06 -51.98
N ILE A 350 -18.92 14.43 -51.47
CA ILE A 350 -19.42 13.18 -52.03
C ILE A 350 -20.56 13.52 -52.99
N ASP A 351 -20.51 12.96 -54.21
CA ASP A 351 -21.56 13.16 -55.20
C ASP A 351 -22.92 12.82 -54.60
N ALA A 352 -23.92 13.68 -54.83
CA ALA A 352 -25.25 13.45 -54.27
C ALA A 352 -25.77 12.05 -54.59
N GLU A 353 -25.54 11.59 -55.82
CA GLU A 353 -26.08 10.30 -56.24
C GLU A 353 -25.39 9.14 -55.51
N THR A 354 -24.10 9.30 -55.18
CA THR A 354 -23.40 8.35 -54.34
C THR A 354 -24.00 8.31 -52.93
N ILE A 355 -24.34 9.49 -52.42
CA ILE A 355 -25.01 9.58 -51.12
C ILE A 355 -26.31 8.78 -51.16
N ARG A 356 -27.10 8.95 -52.22
CA ARG A 356 -28.36 8.26 -52.35
C ARG A 356 -28.16 6.75 -52.51
N GLY A 357 -27.14 6.39 -53.29
CA GLY A 357 -26.77 5.00 -53.49
C GLY A 357 -26.39 4.30 -52.19
N LEU A 358 -25.70 5.02 -51.31
CA LEU A 358 -25.27 4.53 -50.02
C LEU A 358 -26.48 4.22 -49.15
N ALA A 359 -27.39 5.19 -49.03
CA ALA A 359 -28.63 5.02 -48.30
C ALA A 359 -29.39 3.78 -48.80
N ARG A 360 -29.53 3.67 -50.11
CA ARG A 360 -30.32 2.60 -50.71
C ARG A 360 -29.69 1.23 -50.44
N GLN A 361 -28.37 1.15 -50.52
CA GLN A 361 -27.66 -0.09 -50.23
C GLN A 361 -27.80 -0.49 -48.76
N MET A 362 -27.74 0.49 -47.87
CA MET A 362 -27.88 0.24 -46.45
C MET A 362 -29.27 -0.29 -46.11
N ALA A 363 -30.29 0.23 -46.80
CA ALA A 363 -31.66 -0.19 -46.57
C ALA A 363 -32.00 -1.53 -47.25
N ALA A 364 -31.25 -1.86 -48.31
CA ALA A 364 -31.65 -2.93 -49.21
C ALA A 364 -31.47 -4.33 -48.63
N ASN A 365 -30.57 -4.45 -47.65
CA ASN A 365 -30.25 -5.72 -47.02
C ASN A 365 -29.76 -5.49 -45.59
N ARG A 366 -29.35 -6.57 -44.94
CA ARG A 366 -28.82 -6.52 -43.57
C ARG A 366 -27.52 -5.73 -43.56
N THR A 367 -27.52 -4.67 -42.74
CA THR A 367 -26.41 -3.71 -42.70
C THR A 367 -25.93 -3.51 -41.27
N GLN A 368 -24.63 -3.74 -41.06
CA GLN A 368 -23.98 -3.47 -39.78
C GLN A 368 -23.24 -2.13 -39.82
N ILE A 369 -23.61 -1.22 -38.92
CA ILE A 369 -22.84 0.01 -38.76
C ILE A 369 -21.79 -0.25 -37.68
N ILE A 370 -20.53 -0.01 -38.06
CA ILE A 370 -19.39 -0.10 -37.15
C ILE A 370 -18.86 1.31 -37.01
N ALA A 371 -19.17 1.95 -35.88
CA ALA A 371 -18.76 3.33 -35.62
C ALA A 371 -17.57 3.33 -34.67
N GLY A 372 -16.52 4.07 -35.03
CA GLY A 372 -15.37 4.25 -34.16
C GLY A 372 -15.55 5.40 -33.18
N TRP A 373 -14.44 5.88 -32.61
CA TRP A 373 -14.49 6.95 -31.63
C TRP A 373 -13.90 8.28 -32.10
N CYS A 374 -13.12 8.24 -33.18
CA CYS A 374 -12.37 9.42 -33.59
C CYS A 374 -13.30 10.57 -33.97
N VAL A 375 -14.43 10.24 -34.61
CA VAL A 375 -15.32 11.26 -35.14
C VAL A 375 -16.08 11.99 -34.03
N GLN A 376 -16.09 11.44 -32.81
CA GLN A 376 -16.64 12.17 -31.68
C GLN A 376 -15.55 12.86 -30.85
N ARG A 377 -14.28 12.70 -31.24
CA ARG A 377 -13.18 13.38 -30.57
C ARG A 377 -12.86 14.66 -31.36
N MET A 378 -13.90 15.45 -31.60
CA MET A 378 -13.81 16.69 -32.35
C MET A 378 -15.01 17.53 -31.92
N GLN A 379 -15.01 18.80 -32.33
CA GLN A 379 -16.02 19.74 -31.88
C GLN A 379 -17.42 19.24 -32.23
N HIS A 380 -18.34 19.35 -31.27
CA HIS A 380 -19.71 18.86 -31.42
C HIS A 380 -19.77 17.36 -31.72
N GLY A 381 -18.83 16.59 -31.15
CA GLY A 381 -18.76 15.15 -31.37
C GLY A 381 -20.01 14.37 -31.00
N GLU A 382 -20.82 14.94 -30.07
CA GLU A 382 -22.09 14.33 -29.68
C GLU A 382 -23.04 14.19 -30.87
N GLN A 383 -23.01 15.17 -31.78
CA GLN A 383 -23.90 15.18 -32.92
C GLN A 383 -23.74 13.94 -33.80
N TRP A 384 -22.50 13.63 -34.17
CA TRP A 384 -22.20 12.45 -34.96
C TRP A 384 -22.63 11.14 -34.29
N ALA A 385 -22.31 10.98 -33.00
CA ALA A 385 -22.67 9.76 -32.28
C ALA A 385 -24.18 9.56 -32.26
N TRP A 386 -24.91 10.65 -31.95
CA TRP A 386 -26.37 10.66 -31.93
C TRP A 386 -26.94 10.24 -33.26
N MET A 387 -26.42 10.82 -34.35
CA MET A 387 -26.89 10.52 -35.70
C MET A 387 -26.58 9.09 -36.15
N ILE A 388 -25.55 8.45 -35.57
CA ILE A 388 -25.34 7.03 -35.83
C ILE A 388 -26.58 6.27 -35.39
N VAL A 389 -27.06 6.58 -34.18
CA VAL A 389 -28.25 5.96 -33.63
C VAL A 389 -29.50 6.24 -34.45
N VAL A 390 -29.71 7.52 -34.78
CA VAL A 390 -30.87 7.94 -35.55
C VAL A 390 -30.91 7.18 -36.87
N LEU A 391 -29.77 7.17 -37.59
CA LEU A 391 -29.68 6.48 -38.87
C LEU A 391 -29.99 4.99 -38.72
N ALA A 392 -29.44 4.37 -37.66
CA ALA A 392 -29.71 2.96 -37.41
C ALA A 392 -31.18 2.73 -37.09
N ALA A 393 -31.79 3.68 -36.37
CA ALA A 393 -33.21 3.60 -36.06
C ALA A 393 -34.06 3.67 -37.32
N MET A 394 -33.75 4.61 -38.21
CA MET A 394 -34.48 4.77 -39.45
C MET A 394 -34.37 3.55 -40.36
N LEU A 395 -33.22 2.85 -40.30
CA LEU A 395 -33.05 1.59 -41.02
C LEU A 395 -33.84 0.45 -40.38
N GLY A 396 -34.05 0.54 -39.06
CA GLY A 396 -34.93 -0.36 -38.34
C GLY A 396 -34.37 -1.76 -38.07
N GLN A 397 -33.04 -1.91 -38.20
CA GLN A 397 -32.40 -3.20 -38.04
C GLN A 397 -31.72 -3.40 -36.69
N ILE A 398 -31.84 -2.40 -35.79
CA ILE A 398 -31.31 -2.52 -34.44
C ILE A 398 -31.86 -3.76 -33.74
N GLY A 399 -30.96 -4.56 -33.18
CA GLY A 399 -31.32 -5.77 -32.45
C GLY A 399 -31.31 -7.03 -33.30
N LEU A 400 -30.97 -6.89 -34.59
CA LEU A 400 -30.82 -8.03 -35.49
C LEU A 400 -29.36 -8.47 -35.57
N PRO A 401 -29.08 -9.78 -35.75
CA PRO A 401 -27.71 -10.26 -35.95
C PRO A 401 -27.08 -9.70 -37.22
N GLY A 402 -25.98 -8.95 -37.07
CA GLY A 402 -25.35 -8.27 -38.18
C GLY A 402 -26.13 -7.07 -38.71
N GLY A 403 -27.13 -6.62 -37.94
CA GLY A 403 -27.84 -5.38 -38.24
C GLY A 403 -27.68 -4.35 -37.11
N GLY A 404 -28.10 -3.11 -37.38
CA GLY A 404 -28.09 -2.07 -36.39
C GLY A 404 -26.76 -1.33 -36.32
N PHE A 405 -26.31 -1.05 -35.10
CA PHE A 405 -25.07 -0.29 -34.90
C PHE A 405 -24.34 -0.76 -33.64
N GLY A 406 -23.09 -0.34 -33.54
CA GLY A 406 -22.35 -0.35 -32.29
C GLY A 406 -21.10 0.50 -32.42
N PHE A 407 -20.53 0.88 -31.26
CA PHE A 407 -19.34 1.71 -31.16
C PHE A 407 -18.10 1.01 -30.59
N GLY A 408 -18.25 -0.24 -30.16
CA GLY A 408 -17.20 -0.93 -29.41
C GLY A 408 -16.26 -1.82 -30.24
N TRP A 409 -16.44 -1.83 -31.56
CA TRP A 409 -15.92 -2.87 -32.43
C TRP A 409 -14.38 -2.96 -32.51
N HIS A 410 -13.72 -1.81 -32.34
CA HIS A 410 -12.28 -1.73 -32.47
C HIS A 410 -11.58 -1.96 -31.12
N TYR A 411 -12.38 -2.22 -30.07
CA TYR A 411 -11.89 -2.24 -28.69
C TYR A 411 -12.07 -3.59 -28.02
N ASN A 412 -11.01 -4.04 -27.32
CA ASN A 412 -11.07 -5.16 -26.40
C ASN A 412 -11.58 -6.47 -27.00
N GLY A 413 -11.23 -6.70 -28.27
CA GLY A 413 -11.62 -7.90 -28.98
C GLY A 413 -13.13 -8.08 -29.08
N ALA A 414 -13.86 -6.96 -29.06
CA ALA A 414 -15.31 -6.95 -29.20
C ALA A 414 -15.75 -7.80 -30.40
N GLY A 415 -16.84 -8.54 -30.22
CA GLY A 415 -17.36 -9.45 -31.22
C GLY A 415 -16.81 -10.87 -31.11
N THR A 416 -15.83 -11.06 -30.22
CA THR A 416 -15.36 -12.39 -29.86
C THR A 416 -16.36 -12.97 -28.86
N PRO A 417 -16.91 -14.18 -29.10
CA PRO A 417 -17.83 -14.79 -28.15
C PRO A 417 -17.27 -14.84 -26.74
N GLY A 418 -18.02 -14.31 -25.78
CA GLY A 418 -17.60 -14.27 -24.38
C GLY A 418 -17.76 -15.64 -23.71
N ARG A 419 -16.69 -16.11 -23.08
CA ARG A 419 -16.70 -17.39 -22.40
C ARG A 419 -17.25 -17.23 -20.99
N LYS A 420 -17.63 -18.36 -20.38
CA LYS A 420 -18.21 -18.40 -19.04
C LYS A 420 -17.05 -18.54 -18.05
N GLY A 421 -16.40 -17.42 -17.75
CA GLY A 421 -15.16 -17.42 -16.99
C GLY A 421 -15.25 -16.58 -15.72
N VAL A 422 -14.07 -16.18 -15.23
CA VAL A 422 -13.94 -15.38 -14.03
C VAL A 422 -13.22 -14.09 -14.41
N ILE A 423 -13.70 -12.97 -13.85
CA ILE A 423 -13.01 -11.68 -13.96
C ILE A 423 -12.56 -11.26 -12.56
N LEU A 424 -11.24 -11.09 -12.41
CA LEU A 424 -10.63 -10.69 -11.16
C LEU A 424 -10.92 -9.21 -10.91
N SER A 425 -10.89 -8.81 -9.64
CA SER A 425 -11.04 -7.41 -9.27
C SER A 425 -9.75 -6.97 -8.59
N GLY A 426 -9.20 -5.85 -9.07
CA GLY A 426 -7.84 -5.45 -8.73
C GLY A 426 -7.77 -4.58 -7.48
N PHE A 427 -6.57 -4.03 -7.23
CA PHE A 427 -6.36 -3.10 -6.15
C PHE A 427 -7.16 -1.83 -6.45
N SER A 428 -8.15 -1.56 -5.60
CA SER A 428 -9.05 -0.42 -5.78
C SER A 428 -8.45 0.83 -5.15
N GLY A 429 -8.80 2.00 -5.71
CA GLY A 429 -8.44 3.27 -5.10
C GLY A 429 -9.26 3.61 -3.85
N SER A 430 -10.33 2.85 -3.62
CA SER A 430 -11.34 3.18 -2.62
C SER A 430 -10.81 3.05 -1.18
N THR A 431 -11.25 3.97 -0.33
CA THR A 431 -10.89 3.96 1.08
C THR A 431 -12.13 3.73 1.94
N SER A 432 -11.92 3.19 3.15
CA SER A 432 -12.99 2.91 4.08
C SER A 432 -12.95 3.84 5.30
N ILE A 433 -11.92 4.69 5.39
CA ILE A 433 -11.79 5.66 6.48
C ILE A 433 -11.69 7.06 5.90
N PRO A 434 -12.06 8.12 6.65
CA PRO A 434 -11.96 9.48 6.13
C PRO A 434 -10.52 9.94 5.97
N PRO A 435 -10.26 10.95 5.11
CA PRO A 435 -8.91 11.53 5.03
C PRO A 435 -8.46 12.15 6.35
N VAL A 436 -7.14 12.25 6.53
CA VAL A 436 -6.55 12.86 7.72
C VAL A 436 -7.08 14.28 7.88
N HIS A 437 -7.02 15.04 6.78
CA HIS A 437 -7.61 16.36 6.69
C HIS A 437 -8.85 16.26 5.81
N ASP A 438 -10.02 16.27 6.45
CA ASP A 438 -11.29 16.12 5.75
C ASP A 438 -11.98 17.48 5.63
N ASN A 439 -11.42 18.33 4.77
CA ASN A 439 -11.95 19.65 4.49
C ASN A 439 -12.92 19.55 3.31
N SER A 440 -14.17 19.99 3.54
CA SER A 440 -15.16 20.01 2.47
C SER A 440 -15.30 21.38 1.81
N ASP A 441 -14.42 22.33 2.19
CA ASP A 441 -14.52 23.71 1.73
C ASP A 441 -13.78 23.92 0.42
N TYR A 442 -14.51 23.82 -0.70
CA TYR A 442 -13.96 24.14 -2.00
C TYR A 442 -14.11 25.61 -2.39
N LYS A 443 -14.45 26.44 -1.39
CA LYS A 443 -14.47 27.90 -1.50
C LYS A 443 -15.41 28.45 -2.57
N GLY A 444 -16.49 27.71 -2.85
CA GLY A 444 -17.47 28.12 -3.84
C GLY A 444 -17.16 27.68 -5.27
N TYR A 445 -16.10 26.87 -5.44
CA TYR A 445 -15.76 26.27 -6.71
C TYR A 445 -16.32 24.86 -6.74
N SER A 446 -16.39 24.26 -7.94
CA SER A 446 -16.89 22.90 -8.09
C SER A 446 -15.83 21.88 -7.69
N SER A 447 -16.28 20.74 -7.12
CA SER A 447 -15.40 19.68 -6.70
C SER A 447 -15.15 18.61 -7.77
N THR A 448 -15.97 18.62 -8.84
CA THR A 448 -15.74 17.78 -10.00
C THR A 448 -15.86 18.62 -11.27
N ILE A 449 -14.93 18.42 -12.22
CA ILE A 449 -14.97 19.12 -13.49
C ILE A 449 -14.81 18.11 -14.62
N PRO A 450 -15.15 18.46 -15.88
CA PRO A 450 -14.77 17.61 -17.00
C PRO A 450 -13.26 17.46 -17.10
N ILE A 451 -12.79 16.25 -17.41
CA ILE A 451 -11.37 15.94 -17.43
C ILE A 451 -10.55 16.91 -18.29
N ALA A 452 -11.04 17.26 -19.47
CA ALA A 452 -10.30 18.09 -20.41
C ALA A 452 -10.36 19.58 -20.11
N ARG A 453 -11.04 19.97 -19.02
CA ARG A 453 -11.17 21.37 -18.66
C ARG A 453 -10.14 21.83 -17.62
N PHE A 454 -9.18 20.96 -17.29
CA PHE A 454 -8.28 21.21 -16.16
C PHE A 454 -7.32 22.38 -16.40
N ILE A 455 -6.87 22.56 -17.65
CA ILE A 455 -6.07 23.72 -17.99
C ILE A 455 -6.89 25.01 -17.95
N ASP A 456 -8.11 24.95 -18.51
CA ASP A 456 -9.04 26.08 -18.45
C ASP A 456 -9.27 26.51 -17.00
N ALA A 457 -9.32 25.52 -16.09
CA ALA A 457 -9.47 25.78 -14.66
C ALA A 457 -8.30 26.58 -14.08
N ILE A 458 -7.08 26.23 -14.48
CA ILE A 458 -5.90 26.94 -14.02
C ILE A 458 -5.86 28.36 -14.58
N LEU A 459 -6.11 28.49 -15.89
CA LEU A 459 -6.04 29.78 -16.58
C LEU A 459 -7.26 30.68 -16.37
N GLU A 460 -8.44 30.09 -16.16
CA GLU A 460 -9.67 30.85 -16.01
C GLU A 460 -10.44 30.44 -14.75
N PRO A 461 -9.82 30.50 -13.55
CA PRO A 461 -10.49 30.06 -12.34
C PRO A 461 -11.73 30.88 -12.02
N GLY A 462 -12.79 30.20 -11.55
CA GLY A 462 -14.08 30.83 -11.32
C GLY A 462 -14.98 30.91 -12.56
N LYS A 463 -14.45 30.51 -13.71
CA LYS A 463 -15.26 30.44 -14.93
C LYS A 463 -16.41 29.48 -14.67
N VAL A 464 -17.62 29.88 -15.07
CA VAL A 464 -18.79 29.04 -14.90
C VAL A 464 -19.16 28.50 -16.28
N ILE A 465 -19.30 27.17 -16.37
CA ILE A 465 -19.67 26.52 -17.62
C ILE A 465 -20.79 25.52 -17.35
N ASN A 466 -21.55 25.23 -18.39
CA ASN A 466 -22.55 24.19 -18.37
C ASN A 466 -21.88 22.85 -18.67
N TRP A 467 -22.43 21.78 -18.09
CA TRP A 467 -21.93 20.43 -18.27
C TRP A 467 -23.08 19.43 -18.11
N ASN A 468 -23.60 18.93 -19.22
CA ASN A 468 -24.57 17.86 -19.20
C ASN A 468 -25.76 18.12 -18.28
N GLY A 469 -26.26 19.36 -18.29
CA GLY A 469 -27.42 19.74 -17.50
C GLY A 469 -27.12 20.37 -16.14
N LYS A 470 -25.83 20.45 -15.77
CA LYS A 470 -25.41 21.01 -14.50
C LYS A 470 -24.50 22.22 -14.74
N SER A 471 -24.34 23.04 -13.70
CA SER A 471 -23.46 24.20 -13.73
C SER A 471 -22.15 23.87 -13.02
N VAL A 472 -21.03 24.25 -13.64
CA VAL A 472 -19.72 23.98 -13.05
C VAL A 472 -18.91 25.27 -12.92
N LYS A 473 -18.26 25.45 -11.76
CA LYS A 473 -17.38 26.59 -11.53
C LYS A 473 -15.96 26.06 -11.40
N LEU A 474 -15.09 26.42 -12.36
CA LEU A 474 -13.76 25.83 -12.45
C LEU A 474 -12.89 26.29 -11.28
N PRO A 475 -12.27 25.34 -10.55
CA PRO A 475 -11.46 25.69 -9.38
C PRO A 475 -10.06 26.17 -9.72
N PRO A 476 -9.43 27.01 -8.86
CA PRO A 476 -8.05 27.42 -9.07
C PRO A 476 -7.05 26.37 -8.61
N LEU A 477 -6.70 25.46 -9.52
CA LEU A 477 -5.76 24.40 -9.22
C LEU A 477 -4.37 25.02 -9.00
N LYS A 478 -3.64 24.44 -8.05
CA LYS A 478 -2.29 24.87 -7.70
C LYS A 478 -1.27 23.74 -7.72
N MET A 479 -1.75 22.49 -7.58
CA MET A 479 -0.87 21.35 -7.50
C MET A 479 -1.48 20.17 -8.23
N CYS A 480 -0.72 19.60 -9.17
CA CYS A 480 -1.17 18.50 -10.00
C CYS A 480 -0.22 17.33 -9.84
N ILE A 481 -0.80 16.13 -9.76
CA ILE A 481 -0.03 14.90 -9.67
C ILE A 481 -0.47 13.98 -10.80
N PHE A 482 0.52 13.43 -11.52
CA PHE A 482 0.25 12.55 -12.65
C PHE A 482 0.91 11.19 -12.38
N ALA A 483 0.10 10.12 -12.42
CA ALA A 483 0.60 8.77 -12.32
C ALA A 483 -0.10 7.87 -13.34
N GLY A 484 0.66 7.39 -14.32
CA GLY A 484 0.11 6.52 -15.35
C GLY A 484 -0.63 7.26 -16.48
N THR A 485 -0.41 8.58 -16.57
CA THR A 485 -0.89 9.37 -17.69
C THR A 485 0.20 10.37 -18.06
N ASN A 486 0.18 10.82 -19.32
CA ASN A 486 1.18 11.73 -19.85
C ASN A 486 0.52 12.97 -20.45
N PRO A 487 0.25 14.01 -19.62
CA PRO A 487 -0.52 15.16 -20.08
C PRO A 487 0.01 15.84 -21.34
N PHE A 488 1.33 15.89 -21.51
CA PHE A 488 1.94 16.46 -22.70
C PHE A 488 1.86 15.55 -23.92
N HIS A 489 1.38 14.31 -23.71
CA HIS A 489 0.82 13.51 -24.78
C HIS A 489 -0.69 13.69 -24.93
N ARG A 490 -1.40 13.65 -23.80
CA ARG A 490 -2.84 13.45 -23.78
C ARG A 490 -3.65 14.69 -24.15
N HIS A 491 -3.27 15.83 -23.55
CA HIS A 491 -4.10 17.02 -23.63
C HIS A 491 -3.71 17.85 -24.84
N GLN A 492 -4.57 18.83 -25.18
CA GLN A 492 -4.45 19.60 -26.41
C GLN A 492 -3.84 20.98 -26.23
N GLN A 493 -3.17 21.46 -27.30
CA GLN A 493 -2.65 22.82 -27.37
C GLN A 493 -1.53 23.04 -26.35
N ILE A 494 -0.38 22.41 -26.63
CA ILE A 494 0.71 22.33 -25.66
C ILE A 494 1.25 23.69 -25.24
N ASN A 495 1.25 24.68 -26.15
CA ASN A 495 1.73 26.01 -25.81
C ASN A 495 0.85 26.67 -24.75
N ARG A 496 -0.44 26.33 -24.76
CA ARG A 496 -1.36 26.81 -23.74
C ARG A 496 -1.19 26.04 -22.44
N ILE A 497 -0.98 24.72 -22.54
CA ILE A 497 -0.59 23.90 -21.40
C ILE A 497 0.61 24.52 -20.69
N ILE A 498 1.61 24.92 -21.48
CA ILE A 498 2.80 25.57 -20.93
C ILE A 498 2.39 26.78 -20.09
N GLU A 499 1.54 27.64 -20.64
CA GLU A 499 1.08 28.82 -19.92
C GLU A 499 0.32 28.43 -18.66
N GLY A 500 -0.47 27.34 -18.75
CA GLY A 500 -1.22 26.85 -17.61
C GLY A 500 -0.32 26.35 -16.47
N LEU A 501 0.67 25.53 -16.83
CA LEU A 501 1.60 25.04 -15.82
C LEU A 501 2.32 26.17 -15.10
N ARG A 502 2.61 27.27 -15.80
CA ARG A 502 3.34 28.38 -15.20
C ARG A 502 2.57 29.08 -14.08
N LYS A 503 1.26 28.79 -13.97
CA LYS A 503 0.48 29.27 -12.85
C LYS A 503 0.43 28.26 -11.70
N LEU A 504 1.00 27.06 -11.91
CA LEU A 504 1.01 26.04 -10.86
C LEU A 504 2.18 26.23 -9.88
N GLU A 505 1.91 25.92 -8.61
CA GLU A 505 2.92 25.90 -7.56
C GLU A 505 3.75 24.64 -7.60
N THR A 506 3.10 23.49 -7.81
CA THR A 506 3.77 22.20 -7.70
C THR A 506 3.19 21.21 -8.70
N VAL A 507 4.10 20.48 -9.35
CA VAL A 507 3.76 19.48 -10.36
C VAL A 507 4.57 18.22 -10.02
N ILE A 508 3.86 17.11 -9.84
CA ILE A 508 4.51 15.84 -9.54
C ILE A 508 4.17 14.83 -10.62
N ALA A 509 5.21 14.14 -11.12
CA ALA A 509 5.06 13.11 -12.13
C ALA A 509 5.71 11.82 -11.66
N ILE A 510 4.99 10.70 -11.82
CA ILE A 510 5.50 9.38 -11.48
C ILE A 510 5.34 8.52 -12.72
N ASP A 511 6.46 7.97 -13.19
CA ASP A 511 6.48 7.27 -14.46
C ASP A 511 7.74 6.41 -14.52
N ASN A 512 7.82 5.50 -15.50
CA ASN A 512 9.02 4.71 -15.71
C ASN A 512 9.88 5.21 -16.88
N GLN A 513 9.39 6.20 -17.64
CA GLN A 513 10.17 6.86 -18.68
C GLN A 513 10.16 8.38 -18.47
N TRP A 514 11.27 9.02 -18.82
CA TRP A 514 11.36 10.48 -18.78
C TRP A 514 10.56 11.09 -19.94
N THR A 515 9.25 11.22 -19.71
CA THR A 515 8.36 11.83 -20.68
C THR A 515 8.49 13.34 -20.71
N SER A 516 7.83 13.95 -21.71
CA SER A 516 7.67 15.39 -21.79
C SER A 516 6.99 15.95 -20.54
N THR A 517 6.08 15.17 -19.93
CA THR A 517 5.49 15.54 -18.66
C THR A 517 6.56 15.69 -17.58
N CYS A 518 7.44 14.68 -17.49
CA CYS A 518 8.53 14.69 -16.54
C CYS A 518 9.42 15.90 -16.74
N ARG A 519 9.72 16.22 -18.01
CA ARG A 519 10.50 17.40 -18.37
C ARG A 519 9.91 18.71 -17.84
N PHE A 520 8.59 18.76 -17.67
CA PHE A 520 7.90 19.95 -17.20
C PHE A 520 7.45 19.86 -15.73
N ALA A 521 8.00 18.90 -14.99
CA ALA A 521 7.58 18.65 -13.62
C ALA A 521 8.51 19.34 -12.61
N ASP A 522 8.13 19.27 -11.33
CA ASP A 522 8.98 19.73 -10.23
C ASP A 522 9.60 18.54 -9.52
N ILE A 523 8.77 17.54 -9.18
CA ILE A 523 9.25 16.29 -8.63
C ILE A 523 8.90 15.18 -9.60
N VAL A 524 9.91 14.35 -9.94
CA VAL A 524 9.71 13.18 -10.75
C VAL A 524 10.14 11.97 -9.92
N LEU A 525 9.26 10.97 -9.83
CA LEU A 525 9.56 9.74 -9.12
C LEU A 525 9.62 8.57 -10.08
N PRO A 526 10.67 7.72 -10.04
CA PRO A 526 10.78 6.57 -10.91
C PRO A 526 9.93 5.39 -10.46
N ALA A 527 8.87 5.12 -11.23
CA ALA A 527 8.13 3.88 -11.13
C ALA A 527 8.81 2.78 -11.95
N THR A 528 8.54 1.52 -11.58
CA THR A 528 8.94 0.38 -12.39
C THR A 528 8.04 0.20 -13.62
N THR A 529 8.53 -0.60 -14.58
CA THR A 529 7.68 -1.23 -15.56
C THR A 529 7.07 -2.48 -14.91
N GLN A 530 6.00 -2.99 -15.51
CA GLN A 530 5.39 -4.25 -15.11
C GLN A 530 6.31 -5.44 -15.25
N PHE A 531 7.40 -5.27 -16.02
CA PHE A 531 8.36 -6.35 -16.22
C PHE A 531 9.35 -6.48 -15.06
N GLU A 532 9.27 -5.56 -14.09
CA GLU A 532 10.08 -5.61 -12.88
C GLU A 532 9.27 -5.94 -11.62
N ARG A 533 8.13 -6.60 -11.81
CA ARG A 533 7.23 -6.93 -10.72
C ARG A 533 6.37 -8.15 -11.09
N ASN A 534 5.68 -8.71 -10.09
CA ASN A 534 4.75 -9.81 -10.30
C ASN A 534 3.32 -9.30 -10.26
N ASP A 535 2.44 -9.93 -11.05
CA ASP A 535 1.05 -9.53 -11.10
C ASP A 535 0.16 -10.61 -11.71
N LEU A 536 -1.14 -10.34 -11.76
CA LEU A 536 -2.11 -11.16 -12.47
C LEU A 536 -2.87 -10.28 -13.45
N ASP A 537 -3.36 -10.89 -14.55
CA ASP A 537 -4.26 -10.20 -15.47
C ASP A 537 -5.22 -11.14 -16.17
N GLN A 538 -6.32 -10.57 -16.66
CA GLN A 538 -7.19 -11.27 -17.60
C GLN A 538 -6.40 -11.53 -18.87
N TYR A 539 -6.65 -12.69 -19.49
CA TYR A 539 -6.21 -12.93 -20.85
C TYR A 539 -7.45 -12.88 -21.73
N GLY A 540 -7.53 -11.83 -22.56
CA GLY A 540 -8.73 -11.55 -23.33
C GLY A 540 -9.65 -10.63 -22.55
N ASN A 541 -10.46 -9.84 -23.26
CA ASN A 541 -11.31 -8.86 -22.60
C ASN A 541 -12.78 -9.28 -22.73
N HIS A 542 -13.42 -8.90 -23.84
CA HIS A 542 -14.81 -9.31 -24.07
C HIS A 542 -14.94 -10.82 -24.22
N SER A 543 -13.87 -11.47 -24.70
CA SER A 543 -13.83 -12.92 -24.81
C SER A 543 -13.78 -13.64 -23.46
N ASN A 544 -13.28 -12.95 -22.43
CA ASN A 544 -12.96 -13.56 -21.15
C ASN A 544 -12.33 -14.93 -21.37
N ARG A 545 -11.31 -14.98 -22.23
CA ARG A 545 -10.73 -16.26 -22.61
C ARG A 545 -9.99 -16.97 -21.47
N GLY A 546 -9.19 -16.23 -20.70
CA GLY A 546 -8.39 -16.83 -19.64
C GLY A 546 -7.87 -15.85 -18.60
N ILE A 547 -6.89 -16.31 -17.82
CA ILE A 547 -6.16 -15.51 -16.84
C ILE A 547 -4.71 -15.94 -16.92
N ILE A 548 -3.79 -14.95 -16.84
CA ILE A 548 -2.36 -15.20 -16.92
CA ILE A 548 -2.36 -15.20 -16.92
C ILE A 548 -1.66 -14.68 -15.67
N ALA A 549 -0.59 -15.37 -15.29
CA ALA A 549 0.35 -14.87 -14.30
C ALA A 549 1.26 -13.91 -15.04
N MET A 550 1.56 -12.77 -14.41
CA MET A 550 2.61 -11.89 -14.89
C MET A 550 3.84 -12.08 -13.99
N LYS A 551 4.76 -12.95 -14.41
CA LYS A 551 5.97 -13.20 -13.64
C LYS A 551 7.02 -12.13 -13.90
N GLN A 552 7.70 -11.70 -12.82
CA GLN A 552 8.80 -10.75 -12.89
C GLN A 552 9.90 -11.21 -13.84
N VAL A 553 10.32 -10.31 -14.73
CA VAL A 553 11.33 -10.62 -15.74
C VAL A 553 12.72 -10.26 -15.25
N VAL A 554 12.89 -9.01 -14.79
CA VAL A 554 14.12 -8.56 -14.18
C VAL A 554 13.79 -7.88 -12.85
N PRO A 555 14.79 -7.72 -11.94
CA PRO A 555 14.62 -6.92 -10.74
C PRO A 555 14.38 -5.45 -11.02
N PRO A 556 13.82 -4.68 -10.06
CA PRO A 556 13.70 -3.24 -10.24
C PRO A 556 15.00 -2.60 -10.72
N GLN A 557 14.92 -1.89 -11.85
CA GLN A 557 16.08 -1.26 -12.45
C GLN A 557 16.41 0.03 -11.72
N PHE A 558 17.70 0.23 -11.43
CA PHE A 558 18.20 1.40 -10.75
C PHE A 558 17.48 1.50 -9.40
N GLU A 559 16.94 2.66 -9.02
CA GLU A 559 16.11 2.73 -7.81
C GLU A 559 14.65 3.05 -8.14
N ALA A 560 14.19 2.53 -9.27
CA ALA A 560 12.77 2.56 -9.61
C ALA A 560 12.00 1.66 -8.64
N ARG A 561 10.79 2.09 -8.28
CA ARG A 561 9.93 1.33 -7.38
C ARG A 561 8.54 1.14 -7.97
N ASN A 562 7.92 0.01 -7.64
CA ASN A 562 6.50 -0.21 -7.91
C ASN A 562 5.71 0.93 -7.27
N ASP A 563 4.67 1.40 -7.95
CA ASP A 563 3.85 2.48 -7.41
C ASP A 563 3.34 2.13 -6.02
N PHE A 564 3.03 0.85 -5.78
CA PHE A 564 2.61 0.40 -4.47
C PHE A 564 3.56 0.87 -3.38
N ASP A 565 4.85 0.69 -3.60
CA ASP A 565 5.86 1.02 -2.62
C ASP A 565 6.11 2.52 -2.50
N ILE A 566 5.94 3.25 -3.61
CA ILE A 566 6.00 4.70 -3.57
C ILE A 566 4.92 5.26 -2.63
N PHE A 567 3.66 4.87 -2.88
CA PHE A 567 2.53 5.46 -2.19
C PHE A 567 2.36 4.91 -0.78
N ARG A 568 2.77 3.65 -0.56
CA ARG A 568 2.88 3.08 0.77
C ARG A 568 3.79 3.93 1.65
N GLU A 569 4.99 4.23 1.15
CA GLU A 569 5.96 5.03 1.88
C GLU A 569 5.50 6.47 2.09
N LEU A 570 4.78 7.02 1.10
CA LEU A 570 4.16 8.33 1.26
C LEU A 570 3.16 8.32 2.40
N CYS A 571 2.32 7.27 2.45
CA CYS A 571 1.26 7.16 3.43
C CYS A 571 1.79 7.00 4.85
N ARG A 572 3.00 6.45 4.96
CA ARG A 572 3.68 6.34 6.24
C ARG A 572 3.90 7.71 6.89
N ARG A 573 4.12 8.74 6.06
CA ARG A 573 4.36 10.10 6.57
C ARG A 573 3.20 10.66 7.38
N PHE A 574 1.97 10.26 7.05
CA PHE A 574 0.80 10.71 7.81
C PHE A 574 0.08 9.54 8.49
N ASN A 575 0.85 8.50 8.84
CA ASN A 575 0.40 7.36 9.62
C ASN A 575 -0.80 6.60 9.02
N ARG A 576 -0.74 6.33 7.71
CA ARG A 576 -1.80 5.59 7.04
C ARG A 576 -1.27 4.47 6.15
N GLU A 577 -0.07 3.98 6.46
CA GLU A 577 0.52 2.90 5.67
C GLU A 577 -0.36 1.65 5.67
N GLU A 578 -0.89 1.31 6.84
CA GLU A 578 -1.68 0.10 7.01
C GLU A 578 -3.03 0.19 6.30
N ALA A 579 -3.67 1.36 6.37
CA ALA A 579 -4.90 1.61 5.64
C ALA A 579 -4.73 1.51 4.12
N PHE A 580 -3.50 1.79 3.64
CA PHE A 580 -3.19 1.71 2.23
C PHE A 580 -2.89 0.28 1.76
N THR A 581 -2.03 -0.42 2.52
CA THR A 581 -1.60 -1.77 2.16
C THR A 581 -2.61 -2.84 2.52
N GLU A 582 -3.47 -2.54 3.51
CA GLU A 582 -4.38 -3.50 4.09
C GLU A 582 -3.63 -4.72 4.64
N GLY A 583 -2.39 -4.47 5.10
CA GLY A 583 -1.56 -5.49 5.74
C GLY A 583 -1.01 -6.56 4.81
N LEU A 584 -0.91 -6.24 3.52
CA LEU A 584 -0.46 -7.20 2.52
C LEU A 584 0.65 -6.60 1.64
N ASP A 585 1.58 -7.47 1.21
CA ASP A 585 2.59 -7.11 0.25
C ASP A 585 2.12 -7.58 -1.13
N GLU A 586 3.04 -7.69 -2.10
CA GLU A 586 2.66 -8.01 -3.45
C GLU A 586 2.01 -9.38 -3.56
N MET A 587 2.70 -10.40 -3.06
CA MET A 587 2.27 -11.78 -3.26
C MET A 587 1.02 -12.06 -2.43
N GLY A 588 0.91 -11.36 -1.29
CA GLY A 588 -0.30 -11.42 -0.47
C GLY A 588 -1.51 -10.86 -1.20
N TRP A 589 -1.34 -9.69 -1.83
CA TRP A 589 -2.40 -9.07 -2.61
C TRP A 589 -2.80 -9.92 -3.81
N LEU A 590 -1.82 -10.53 -4.49
CA LEU A 590 -2.11 -11.40 -5.63
C LEU A 590 -2.92 -12.61 -5.18
N LYS A 591 -2.56 -13.18 -4.02
CA LYS A 591 -3.31 -14.29 -3.45
C LYS A 591 -4.73 -13.86 -3.09
N ARG A 592 -4.88 -12.66 -2.53
CA ARG A 592 -6.19 -12.12 -2.21
C ARG A 592 -7.07 -11.94 -3.45
N ILE A 593 -6.48 -11.40 -4.52
CA ILE A 593 -7.21 -11.17 -5.76
C ILE A 593 -7.67 -12.49 -6.36
N TRP A 594 -6.75 -13.46 -6.42
CA TRP A 594 -7.04 -14.79 -6.91
C TRP A 594 -8.17 -15.46 -6.13
N GLN A 595 -8.08 -15.43 -4.79
CA GLN A 595 -9.07 -16.07 -3.93
C GLN A 595 -10.47 -15.50 -4.11
N GLU A 596 -10.59 -14.18 -4.19
CA GLU A 596 -11.84 -13.53 -4.56
C GLU A 596 -12.32 -14.09 -5.90
N GLY A 597 -11.36 -14.28 -6.82
CA GLY A 597 -11.64 -14.93 -8.09
C GLY A 597 -12.19 -16.35 -7.94
N VAL A 598 -11.54 -17.14 -7.09
CA VAL A 598 -11.99 -18.50 -6.80
C VAL A 598 -13.42 -18.51 -6.26
N GLN A 599 -13.71 -17.57 -5.34
CA GLN A 599 -15.04 -17.42 -4.76
C GLN A 599 -16.11 -17.02 -5.78
N GLN A 600 -15.73 -16.15 -6.73
CA GLN A 600 -16.64 -15.75 -7.79
C GLN A 600 -16.95 -16.94 -8.69
N GLY A 601 -15.91 -17.72 -9.01
CA GLY A 601 -16.05 -18.86 -9.90
C GLY A 601 -16.98 -19.96 -9.37
N LYS A 602 -16.79 -20.31 -8.09
CA LYS A 602 -17.73 -21.17 -7.40
C LYS A 602 -19.00 -20.33 -7.28
N GLY A 603 -20.15 -20.94 -7.58
CA GLY A 603 -21.41 -20.21 -7.57
C GLY A 603 -21.73 -19.53 -8.90
N ARG A 604 -20.71 -19.31 -9.75
CA ARG A 604 -20.95 -19.10 -11.17
C ARG A 604 -20.73 -20.42 -11.93
N GLY A 605 -20.17 -21.41 -11.22
CA GLY A 605 -19.96 -22.75 -11.76
C GLY A 605 -18.65 -22.93 -12.51
N VAL A 606 -17.64 -22.13 -12.17
CA VAL A 606 -16.33 -22.22 -12.79
C VAL A 606 -15.31 -22.52 -11.70
N HIS A 607 -14.55 -23.61 -11.88
CA HIS A 607 -13.56 -24.04 -10.90
C HIS A 607 -12.18 -23.51 -11.28
N LEU A 608 -11.56 -22.79 -10.34
CA LEU A 608 -10.18 -22.33 -10.46
C LEU A 608 -9.33 -23.11 -9.47
N PRO A 609 -8.05 -23.41 -9.79
CA PRO A 609 -7.15 -24.04 -8.83
C PRO A 609 -6.74 -23.10 -7.70
N ALA A 610 -6.00 -23.63 -6.72
CA ALA A 610 -5.47 -22.83 -5.63
C ALA A 610 -4.37 -21.91 -6.14
N PHE A 611 -4.13 -20.80 -5.44
CA PHE A 611 -3.20 -19.79 -5.92
C PHE A 611 -1.81 -20.35 -6.16
N ASP A 612 -1.21 -20.95 -5.12
CA ASP A 612 0.13 -21.49 -5.22
C ASP A 612 0.22 -22.53 -6.35
N ASP A 613 -0.84 -23.33 -6.52
CA ASP A 613 -0.91 -24.26 -7.63
C ASP A 613 -0.85 -23.50 -8.96
N PHE A 614 -1.72 -22.50 -9.11
CA PHE A 614 -1.77 -21.70 -10.33
C PHE A 614 -0.45 -20.98 -10.61
N TRP A 615 0.01 -20.22 -9.61
CA TRP A 615 1.19 -19.39 -9.77
C TRP A 615 2.43 -20.19 -10.18
N ASN A 616 2.64 -21.32 -9.50
CA ASN A 616 3.88 -22.06 -9.62
C ASN A 616 3.84 -23.21 -10.64
N ASN A 617 2.66 -23.78 -10.87
CA ASN A 617 2.53 -24.96 -11.71
C ASN A 617 1.78 -24.76 -13.03
N LYS A 618 0.89 -23.76 -13.09
CA LYS A 618 0.02 -23.58 -14.25
C LYS A 618 0.36 -22.32 -15.05
N GLU A 619 0.35 -21.16 -14.37
CA GLU A 619 0.64 -19.87 -14.96
C GLU A 619 -0.46 -19.33 -15.88
N TYR A 620 -1.32 -20.22 -16.39
CA TYR A 620 -2.37 -19.84 -17.31
C TYR A 620 -3.57 -20.77 -17.11
N VAL A 621 -4.77 -20.17 -17.03
CA VAL A 621 -6.01 -20.95 -17.04
C VAL A 621 -6.90 -20.43 -18.17
N GLU A 622 -7.68 -21.35 -18.76
CA GLU A 622 -8.55 -21.02 -19.88
C GLU A 622 -9.98 -21.45 -19.58
N PHE A 623 -10.93 -20.61 -20.01
CA PHE A 623 -12.34 -20.85 -19.76
C PHE A 623 -13.00 -21.44 -21.00
N ASP A 624 -14.26 -21.85 -20.84
CA ASP A 624 -14.98 -22.52 -21.91
C ASP A 624 -16.41 -21.97 -21.98
N HIS A 625 -17.23 -22.62 -22.83
CA HIS A 625 -18.62 -22.27 -23.04
C HIS A 625 -18.79 -20.87 -23.61
N PRO A 626 -18.21 -20.57 -24.81
CA PRO A 626 -18.44 -19.29 -25.46
C PRO A 626 -19.92 -19.07 -25.79
N GLN A 627 -20.39 -17.85 -25.57
CA GLN A 627 -21.77 -17.47 -25.82
C GLN A 627 -21.90 -16.49 -26.98
N MET A 628 -22.84 -16.81 -27.88
CA MET A 628 -23.26 -15.88 -28.91
C MET A 628 -24.02 -14.72 -28.27
N PHE A 629 -23.97 -13.54 -28.90
CA PHE A 629 -24.61 -12.35 -28.41
C PHE A 629 -25.06 -11.49 -29.59
N VAL A 630 -26.27 -10.93 -29.49
CA VAL A 630 -26.75 -9.96 -30.45
C VAL A 630 -27.08 -8.69 -29.68
N ARG A 631 -26.36 -7.61 -29.96
CA ARG A 631 -26.57 -6.37 -29.24
C ARG A 631 -27.93 -5.76 -29.58
N HIS A 632 -28.60 -5.25 -28.53
CA HIS A 632 -29.91 -4.62 -28.59
C HIS A 632 -31.07 -5.58 -28.84
N GLN A 633 -30.81 -6.89 -28.88
CA GLN A 633 -31.81 -7.89 -29.21
C GLN A 633 -32.90 -7.97 -28.14
N ALA A 634 -32.51 -7.91 -26.86
CA ALA A 634 -33.49 -7.92 -25.79
C ALA A 634 -34.53 -6.81 -25.97
N PHE A 635 -34.05 -5.60 -26.25
CA PHE A 635 -34.93 -4.45 -26.45
C PHE A 635 -35.83 -4.66 -27.66
N ARG A 636 -35.24 -5.15 -28.76
CA ARG A 636 -35.98 -5.40 -29.98
C ARG A 636 -37.09 -6.42 -29.72
N GLU A 637 -36.77 -7.51 -29.01
CA GLU A 637 -37.71 -8.61 -28.86
C GLU A 637 -38.83 -8.37 -27.86
N ASP A 638 -38.55 -7.59 -26.81
CA ASP A 638 -39.53 -7.27 -25.79
C ASP A 638 -39.22 -5.91 -25.18
N PRO A 639 -39.57 -4.80 -25.87
CA PRO A 639 -39.24 -3.46 -25.37
C PRO A 639 -40.00 -3.09 -24.09
N ASP A 640 -41.13 -3.76 -23.84
CA ASP A 640 -41.90 -3.54 -22.62
C ASP A 640 -41.18 -4.10 -21.39
N LEU A 641 -40.61 -5.31 -21.52
CA LEU A 641 -39.94 -5.96 -20.41
C LEU A 641 -38.47 -5.55 -20.29
N GLU A 642 -37.85 -5.22 -21.42
CA GLU A 642 -36.44 -4.81 -21.45
C GLU A 642 -36.31 -3.38 -21.97
N PRO A 643 -36.82 -2.35 -21.26
CA PRO A 643 -36.74 -0.99 -21.79
C PRO A 643 -35.32 -0.44 -21.74
N LEU A 644 -34.96 0.43 -22.70
CA LEU A 644 -33.70 1.13 -22.61
C LEU A 644 -33.76 2.03 -21.39
N GLY A 645 -32.59 2.38 -20.83
CA GLY A 645 -32.48 3.27 -19.69
C GLY A 645 -32.52 4.75 -20.09
N THR A 646 -33.56 5.13 -20.86
CA THR A 646 -33.79 6.50 -21.28
C THR A 646 -35.03 7.03 -20.56
N PRO A 647 -35.28 8.36 -20.55
CA PRO A 647 -36.50 8.90 -19.95
C PRO A 647 -37.78 8.22 -20.40
N SER A 648 -37.84 7.84 -21.68
CA SER A 648 -39.03 7.24 -22.27
C SER A 648 -39.02 5.71 -22.24
N GLY A 649 -37.84 5.13 -22.02
CA GLY A 649 -37.63 3.72 -22.27
C GLY A 649 -37.30 3.39 -23.73
N LEU A 650 -37.32 4.42 -24.60
CA LEU A 650 -37.18 4.26 -26.04
C LEU A 650 -35.98 5.04 -26.58
N ILE A 651 -35.65 4.84 -27.86
CA ILE A 651 -34.57 5.58 -28.49
C ILE A 651 -35.03 7.02 -28.68
N GLU A 652 -34.27 7.96 -28.13
CA GLU A 652 -34.64 9.36 -28.16
C GLU A 652 -34.01 10.10 -29.35
N ILE A 653 -34.74 10.12 -30.47
CA ILE A 653 -34.36 10.86 -31.67
C ILE A 653 -34.52 12.36 -31.39
N TYR A 654 -35.59 12.70 -30.65
CA TYR A 654 -35.69 13.97 -29.96
C TYR A 654 -35.63 13.70 -28.45
N SER A 655 -34.87 14.55 -27.74
CA SER A 655 -34.74 14.44 -26.29
C SER A 655 -35.23 15.72 -25.62
N LYS A 656 -36.44 15.64 -25.05
CA LYS A 656 -37.04 16.75 -24.33
C LYS A 656 -36.11 17.19 -23.20
N THR A 657 -35.45 16.22 -22.55
CA THR A 657 -34.54 16.51 -21.45
C THR A 657 -33.34 17.35 -21.89
N ILE A 658 -32.76 17.00 -23.04
CA ILE A 658 -31.67 17.78 -23.62
C ILE A 658 -32.19 19.15 -24.05
N ALA A 659 -33.35 19.16 -24.73
CA ALA A 659 -33.95 20.40 -25.19
C ALA A 659 -34.13 21.41 -24.06
N ASP A 660 -34.60 20.92 -22.90
CA ASP A 660 -34.82 21.75 -21.73
C ASP A 660 -33.58 22.36 -21.10
N MET A 661 -32.39 21.91 -21.54
CA MET A 661 -31.12 22.47 -21.08
C MET A 661 -30.87 23.84 -21.71
N ASN A 662 -31.44 24.04 -22.90
CA ASN A 662 -31.28 25.29 -23.66
C ASN A 662 -29.81 25.50 -24.04
N TYR A 663 -29.18 24.45 -24.57
CA TYR A 663 -27.84 24.54 -25.13
C TYR A 663 -27.91 24.74 -26.64
N ASP A 664 -27.49 25.92 -27.12
CA ASP A 664 -27.49 26.22 -28.56
C ASP A 664 -26.59 25.26 -29.34
N ASP A 665 -25.60 24.69 -28.66
CA ASP A 665 -24.68 23.77 -29.31
C ASP A 665 -24.91 22.28 -29.03
N CYS A 666 -26.02 21.96 -28.35
CA CYS A 666 -26.55 20.60 -28.32
C CYS A 666 -28.05 20.65 -28.05
N GLN A 667 -28.83 20.70 -29.13
CA GLN A 667 -30.27 20.92 -29.05
C GLN A 667 -31.00 19.58 -28.97
N GLY A 668 -32.33 19.65 -28.98
CA GLY A 668 -33.19 18.51 -28.67
C GLY A 668 -33.12 17.33 -29.63
N HIS A 669 -32.68 17.60 -30.86
CA HIS A 669 -32.38 16.55 -31.83
C HIS A 669 -31.06 16.88 -32.52
N PRO A 670 -30.42 15.92 -33.20
CA PRO A 670 -29.14 16.19 -33.85
C PRO A 670 -29.22 17.30 -34.89
N MET A 671 -28.12 18.04 -35.03
CA MET A 671 -28.06 19.22 -35.89
C MET A 671 -26.65 19.41 -36.43
N TRP A 672 -26.57 20.02 -37.62
CA TRP A 672 -25.31 20.45 -38.17
C TRP A 672 -24.93 21.82 -37.63
N PHE A 673 -23.83 21.87 -36.87
CA PHE A 673 -23.21 23.11 -36.45
C PHE A 673 -21.89 23.30 -37.18
N GLU A 674 -21.65 24.50 -37.71
CA GLU A 674 -20.36 24.83 -38.29
C GLU A 674 -19.29 24.86 -37.21
N LYS A 675 -18.06 24.49 -37.58
CA LYS A 675 -16.97 24.34 -36.64
C LYS A 675 -16.15 25.62 -36.52
N ILE A 676 -15.39 25.74 -35.43
CA ILE A 676 -14.47 26.84 -35.23
C ILE A 676 -13.37 26.83 -36.29
N GLU A 677 -12.99 25.65 -36.77
CA GLU A 677 -12.17 25.53 -37.96
C GLU A 677 -12.50 24.21 -38.64
N ARG A 678 -12.63 24.24 -39.96
CA ARG A 678 -12.89 23.02 -40.70
C ARG A 678 -12.32 23.15 -42.11
N SER A 679 -11.84 22.02 -42.64
CA SER A 679 -11.18 21.95 -43.93
C SER A 679 -12.15 22.12 -45.11
N HIS A 680 -11.59 22.13 -46.33
CA HIS A 680 -12.38 22.13 -47.55
C HIS A 680 -13.50 23.17 -47.49
N GLY A 681 -13.12 24.42 -47.22
CA GLY A 681 -14.02 25.56 -47.34
C GLY A 681 -14.62 26.05 -46.03
N GLY A 682 -14.41 25.27 -44.95
CA GLY A 682 -14.85 25.67 -43.63
C GLY A 682 -13.99 26.81 -43.09
N PRO A 683 -14.33 27.37 -41.90
CA PRO A 683 -13.56 28.46 -41.32
C PRO A 683 -12.06 28.17 -41.13
N GLY A 684 -11.22 29.14 -41.51
CA GLY A 684 -9.79 29.00 -41.39
C GLY A 684 -9.08 28.30 -42.55
N SER A 685 -9.83 27.61 -43.42
CA SER A 685 -9.23 26.75 -44.43
C SER A 685 -8.62 27.52 -45.59
N GLN A 686 -8.75 28.85 -45.58
CA GLN A 686 -8.03 29.68 -46.53
C GLN A 686 -6.62 29.98 -46.05
N LYS A 687 -6.43 30.02 -44.72
CA LYS A 687 -5.12 30.24 -44.12
C LYS A 687 -4.39 28.93 -43.85
N TYR A 688 -5.12 27.95 -43.31
CA TYR A 688 -4.57 26.65 -42.95
C TYR A 688 -5.39 25.58 -43.66
N PRO A 689 -4.97 25.14 -44.86
CA PRO A 689 -5.84 24.40 -45.75
C PRO A 689 -5.96 22.90 -45.49
N LEU A 690 -5.12 22.36 -44.59
CA LEU A 690 -5.05 20.92 -44.38
C LEU A 690 -5.63 20.52 -43.03
N HIS A 691 -6.49 19.49 -43.04
CA HIS A 691 -6.98 18.87 -41.83
C HIS A 691 -5.91 17.92 -41.28
N LEU A 692 -5.47 18.15 -40.03
CA LEU A 692 -4.45 17.32 -39.43
C LEU A 692 -5.11 16.32 -38.47
N GLN A 693 -5.14 15.06 -38.91
CA GLN A 693 -5.53 13.94 -38.07
C GLN A 693 -4.44 13.64 -37.05
N SER A 694 -4.84 13.39 -35.80
CA SER A 694 -3.92 12.96 -34.77
C SER A 694 -4.30 11.54 -34.34
N VAL A 695 -4.37 10.65 -35.33
CA VAL A 695 -4.92 9.31 -35.20
C VAL A 695 -4.05 8.42 -34.34
N HIS A 696 -4.65 7.35 -33.79
CA HIS A 696 -3.95 6.49 -32.86
C HIS A 696 -2.84 5.70 -33.56
N PRO A 697 -1.65 5.60 -32.92
CA PRO A 697 -0.47 5.02 -33.56
C PRO A 697 -0.54 3.51 -33.77
N ASP A 698 0.06 3.08 -34.89
CA ASP A 698 0.17 1.69 -35.27
C ASP A 698 1.37 1.00 -34.61
N PHE A 699 2.33 1.81 -34.14
CA PHE A 699 3.57 1.31 -33.55
C PHE A 699 3.76 1.70 -32.09
N ARG A 700 2.70 2.20 -31.45
CA ARG A 700 2.71 2.36 -30.01
C ARG A 700 1.28 2.35 -29.46
N LEU A 701 1.18 2.34 -28.13
CA LEU A 701 -0.04 2.70 -27.44
C LEU A 701 0.14 4.14 -26.95
N HIS A 702 -0.47 5.10 -27.65
CA HIS A 702 -0.35 6.51 -27.28
C HIS A 702 1.11 6.92 -27.33
N SER A 703 1.68 7.39 -26.20
CA SER A 703 3.08 7.77 -26.14
C SER A 703 4.00 6.63 -25.70
N GLN A 704 3.38 5.52 -25.27
CA GLN A 704 4.14 4.37 -24.77
C GLN A 704 4.87 3.64 -25.90
N LEU A 705 6.17 3.35 -25.66
CA LEU A 705 7.10 2.74 -26.61
C LEU A 705 7.59 3.67 -27.73
N CYS A 706 7.28 4.98 -27.67
CA CYS A 706 7.90 5.94 -28.56
C CYS A 706 9.42 5.93 -28.40
N GLU A 707 9.89 5.67 -27.18
CA GLU A 707 11.30 5.66 -26.88
C GLU A 707 12.05 4.42 -27.41
N SER A 708 11.32 3.43 -27.93
CA SER A 708 11.94 2.22 -28.44
C SER A 708 12.58 2.42 -29.82
N GLU A 709 13.91 2.23 -29.87
CA GLU A 709 14.64 2.32 -31.13
C GLU A 709 14.27 1.17 -32.05
N THR A 710 13.99 0.00 -31.45
CA THR A 710 13.58 -1.18 -32.22
C THR A 710 12.36 -0.86 -33.08
N LEU A 711 11.37 -0.18 -32.49
CA LEU A 711 10.14 0.17 -33.19
C LEU A 711 10.32 1.43 -34.04
N ARG A 712 10.89 2.49 -33.45
CA ARG A 712 11.16 3.71 -34.20
C ARG A 712 11.90 3.50 -35.53
N GLN A 713 12.88 2.60 -35.57
CA GLN A 713 13.63 2.38 -36.80
C GLN A 713 12.71 1.94 -37.94
N GLN A 714 11.53 1.43 -37.60
CA GLN A 714 10.56 0.96 -38.59
C GLN A 714 9.62 2.01 -39.15
N TYR A 715 9.61 3.23 -38.61
CA TYR A 715 8.63 4.23 -39.04
C TYR A 715 9.09 5.68 -38.99
N THR A 716 10.20 5.95 -38.29
CA THR A 716 10.77 7.28 -38.26
C THR A 716 11.29 7.69 -39.64
N VAL A 717 11.25 9.01 -39.88
CA VAL A 717 11.61 9.63 -41.13
C VAL A 717 12.44 10.84 -40.73
N ALA A 718 13.67 10.91 -41.26
CA ALA A 718 14.61 11.96 -40.92
C ALA A 718 14.85 12.06 -39.41
N GLY A 719 14.66 10.93 -38.71
CA GLY A 719 14.82 10.88 -37.26
C GLY A 719 13.61 11.43 -36.51
N LYS A 720 12.52 11.69 -37.24
CA LYS A 720 11.35 12.34 -36.68
C LYS A 720 10.12 11.46 -36.85
N GLU A 721 9.03 11.89 -36.21
CA GLU A 721 7.73 11.28 -36.41
C GLU A 721 7.36 11.54 -37.87
N PRO A 722 6.82 10.54 -38.59
CA PRO A 722 6.32 10.77 -39.94
C PRO A 722 5.02 11.58 -39.95
N VAL A 723 4.91 12.47 -40.95
CA VAL A 723 3.67 13.15 -41.23
C VAL A 723 3.20 12.64 -42.59
N PHE A 724 1.92 12.22 -42.66
CA PHE A 724 1.38 11.65 -43.88
C PHE A 724 0.66 12.73 -44.68
N ILE A 725 0.99 12.78 -45.99
CA ILE A 725 0.60 13.86 -46.88
C ILE A 725 0.11 13.27 -48.21
N ASN A 726 -0.99 13.82 -48.71
CA ASN A 726 -1.54 13.43 -50.00
C ASN A 726 -0.59 13.82 -51.14
N PRO A 727 -0.46 13.02 -52.20
CA PRO A 727 0.51 13.28 -53.27
C PRO A 727 0.32 14.60 -54.01
N GLN A 728 -0.93 15.04 -54.19
CA GLN A 728 -1.21 16.30 -54.83
C GLN A 728 -0.80 17.46 -53.92
N ASP A 729 -1.13 17.33 -52.63
CA ASP A 729 -0.74 18.32 -51.63
C ASP A 729 0.79 18.42 -51.50
N ALA A 730 1.46 17.28 -51.61
CA ALA A 730 2.91 17.22 -51.47
C ALA A 730 3.59 17.86 -52.67
N SER A 731 3.11 17.52 -53.87
CA SER A 731 3.65 18.08 -55.11
C SER A 731 3.44 19.59 -55.25
N ALA A 732 2.34 20.10 -54.68
CA ALA A 732 2.07 21.53 -54.67
C ALA A 732 3.04 22.27 -53.76
N ARG A 733 3.59 21.58 -52.76
CA ARG A 733 4.55 22.16 -51.83
C ARG A 733 6.00 21.75 -52.12
N GLY A 734 6.21 21.06 -53.24
CA GLY A 734 7.52 20.53 -53.58
C GLY A 734 8.07 19.55 -52.54
N ILE A 735 7.20 18.75 -51.95
CA ILE A 735 7.58 17.85 -50.88
C ILE A 735 7.69 16.44 -51.43
N ARG A 736 8.68 15.70 -50.91
CA ARG A 736 8.90 14.30 -51.23
C ARG A 736 9.28 13.49 -50.01
N ASN A 737 9.18 12.16 -50.11
CA ASN A 737 9.49 11.25 -49.02
C ASN A 737 10.85 11.57 -48.40
N GLY A 738 10.89 11.66 -47.07
CA GLY A 738 12.10 11.93 -46.34
C GLY A 738 12.34 13.39 -45.95
N ASP A 739 11.59 14.33 -46.55
CA ASP A 739 11.76 15.75 -46.27
C ASP A 739 11.44 16.10 -44.81
N VAL A 740 12.23 16.99 -44.23
CA VAL A 740 11.90 17.58 -42.94
C VAL A 740 10.97 18.77 -43.22
N VAL A 741 9.74 18.70 -42.72
CA VAL A 741 8.73 19.68 -43.02
C VAL A 741 8.28 20.32 -41.72
N ARG A 742 7.79 21.56 -41.81
CA ARG A 742 7.20 22.23 -40.66
C ARG A 742 5.69 22.16 -40.84
N VAL A 743 5.00 21.70 -39.80
CA VAL A 743 3.55 21.61 -39.77
C VAL A 743 3.17 22.62 -38.69
N PHE A 744 2.34 23.60 -39.07
CA PHE A 744 2.11 24.75 -38.23
C PHE A 744 0.72 25.36 -38.42
N ASN A 745 0.31 26.14 -37.41
CA ASN A 745 -0.86 27.00 -37.48
C ASN A 745 -0.65 28.17 -36.52
N ALA A 746 -1.72 28.88 -36.14
CA ALA A 746 -1.59 30.01 -35.23
C ALA A 746 -1.37 29.58 -33.78
N ARG A 747 -1.49 28.28 -33.50
CA ARG A 747 -1.31 27.73 -32.15
C ARG A 747 0.10 27.24 -31.85
N GLY A 748 0.80 26.76 -32.89
CA GLY A 748 2.11 26.18 -32.70
C GLY A 748 2.76 25.73 -34.01
N GLN A 749 3.92 25.08 -33.88
CA GLN A 749 4.68 24.59 -35.01
C GLN A 749 5.47 23.36 -34.57
N VAL A 750 5.54 22.35 -35.44
CA VAL A 750 6.37 21.18 -35.21
C VAL A 750 7.15 20.81 -36.47
N LEU A 751 8.23 20.04 -36.27
CA LEU A 751 8.90 19.36 -37.37
C LEU A 751 8.46 17.89 -37.41
N ALA A 752 8.40 17.35 -38.63
CA ALA A 752 8.08 15.94 -38.87
C ALA A 752 8.77 15.52 -40.16
N GLY A 753 8.76 14.21 -40.43
CA GLY A 753 9.37 13.67 -41.63
C GLY A 753 8.30 13.23 -42.63
N ALA A 754 8.36 13.76 -43.86
CA ALA A 754 7.27 13.59 -44.79
C ALA A 754 7.17 12.15 -45.29
N VAL A 755 5.94 11.61 -45.22
CA VAL A 755 5.57 10.40 -45.93
C VAL A 755 4.49 10.79 -46.93
N VAL A 756 4.79 10.69 -48.23
CA VAL A 756 3.81 10.93 -49.27
C VAL A 756 3.03 9.63 -49.53
N SER A 757 1.72 9.68 -49.27
CA SER A 757 0.90 8.48 -49.28
C SER A 757 -0.42 8.73 -50.00
N ASP A 758 -0.81 7.79 -50.86
CA ASP A 758 -2.05 7.88 -51.60
C ASP A 758 -3.25 7.37 -50.80
N ARG A 759 -2.99 6.93 -49.57
CA ARG A 759 -4.05 6.62 -48.62
C ARG A 759 -4.80 7.88 -48.18
N TYR A 760 -4.16 9.05 -48.36
CA TYR A 760 -4.71 10.33 -47.92
C TYR A 760 -5.37 11.09 -49.06
N ALA A 761 -6.62 11.49 -48.84
CA ALA A 761 -7.35 12.33 -49.76
C ALA A 761 -6.79 13.75 -49.73
N PRO A 762 -6.92 14.53 -50.83
CA PRO A 762 -6.42 15.89 -50.83
C PRO A 762 -7.00 16.71 -49.68
N GLY A 763 -6.13 17.47 -48.99
CA GLY A 763 -6.55 18.34 -47.89
C GLY A 763 -6.63 17.63 -46.55
N VAL A 764 -6.11 16.39 -46.49
CA VAL A 764 -6.05 15.62 -45.26
C VAL A 764 -4.62 15.14 -45.02
N ALA A 765 -4.13 15.38 -43.79
CA ALA A 765 -2.82 14.91 -43.36
C ALA A 765 -2.96 14.19 -42.02
N ARG A 766 -1.86 13.56 -41.56
CA ARG A 766 -1.85 12.87 -40.29
C ARG A 766 -0.46 12.90 -39.63
N ILE A 767 -0.42 13.29 -38.36
CA ILE A 767 0.65 12.89 -37.47
C ILE A 767 -0.01 12.09 -36.36
N HIS A 768 0.32 10.81 -36.28
CA HIS A 768 -0.20 9.93 -35.24
C HIS A 768 0.12 10.49 -33.86
N GLU A 769 -0.88 10.48 -32.98
CA GLU A 769 -0.68 10.91 -31.61
C GLU A 769 0.31 9.97 -30.90
N GLY A 770 0.96 10.49 -29.86
CA GLY A 770 1.93 9.71 -29.10
C GLY A 770 3.40 10.01 -29.43
N ALA A 771 3.63 10.76 -30.51
CA ALA A 771 4.93 11.34 -30.79
C ALA A 771 5.28 12.30 -29.65
N TRP A 772 6.43 12.09 -29.00
CA TRP A 772 6.80 12.86 -27.82
C TRP A 772 7.12 14.30 -28.17
N TYR A 773 6.79 15.20 -27.24
CA TYR A 773 7.10 16.61 -27.36
C TYR A 773 8.58 16.86 -27.05
N ASP A 774 9.26 17.54 -27.96
CA ASP A 774 10.68 17.79 -27.85
C ASP A 774 10.97 19.23 -28.28
N PRO A 775 10.70 20.23 -27.41
CA PRO A 775 10.89 21.63 -27.81
C PRO A 775 12.35 21.98 -28.06
N ASP A 776 12.62 22.78 -29.09
CA ASP A 776 13.98 23.23 -29.36
C ASP A 776 14.49 24.17 -28.27
N LYS A 777 13.59 24.99 -27.70
CA LYS A 777 13.91 25.81 -26.55
C LYS A 777 13.02 25.39 -25.37
N GLY A 778 13.53 24.45 -24.58
CA GLY A 778 12.76 23.81 -23.53
C GLY A 778 12.10 24.76 -22.54
N GLY A 779 10.77 24.70 -22.49
CA GLY A 779 10.00 25.44 -21.52
C GLY A 779 9.36 26.72 -22.07
N GLU A 780 9.89 27.24 -23.18
CA GLU A 780 9.39 28.48 -23.75
C GLU A 780 8.13 28.21 -24.56
N PRO A 781 7.00 28.93 -24.32
CA PRO A 781 5.87 28.87 -25.23
C PRO A 781 6.25 29.31 -26.64
N GLY A 782 5.78 28.56 -27.65
CA GLY A 782 6.12 28.83 -29.05
C GLY A 782 7.36 28.11 -29.56
N ALA A 783 8.00 27.32 -28.69
CA ALA A 783 9.11 26.46 -29.08
C ALA A 783 8.67 25.55 -30.22
N LEU A 784 9.62 25.31 -31.15
CA LEU A 784 9.41 24.37 -32.23
C LEU A 784 9.66 22.95 -31.72
N CYS A 785 8.69 22.05 -31.92
CA CYS A 785 8.88 20.66 -31.52
C CYS A 785 9.73 19.95 -32.57
N LYS A 786 10.85 19.37 -32.13
CA LYS A 786 11.80 18.74 -33.04
C LYS A 786 11.42 17.30 -33.40
N TYR A 787 10.49 16.68 -32.66
CA TYR A 787 10.11 15.30 -32.95
C TYR A 787 8.76 15.17 -33.65
N GLY A 788 7.77 15.98 -33.22
CA GLY A 788 6.53 16.17 -33.95
C GLY A 788 5.27 15.74 -33.21
N ASN A 789 5.10 16.25 -31.97
CA ASN A 789 3.91 15.98 -31.19
C ASN A 789 2.76 16.82 -31.73
N PRO A 790 1.68 16.17 -32.24
CA PRO A 790 0.57 16.90 -32.86
C PRO A 790 -0.20 17.81 -31.90
N ASN A 791 -0.14 17.53 -30.60
CA ASN A 791 -0.85 18.36 -29.64
C ASN A 791 -0.23 19.73 -29.43
N VAL A 792 0.91 20.00 -30.07
CA VAL A 792 1.42 21.35 -30.20
C VAL A 792 0.49 22.18 -31.08
N LEU A 793 -0.25 21.50 -31.97
CA LEU A 793 -1.07 22.16 -32.98
C LEU A 793 -2.57 22.08 -32.73
N THR A 794 -3.00 21.21 -31.82
CA THR A 794 -4.42 21.06 -31.52
C THR A 794 -4.95 22.28 -30.76
N ILE A 795 -6.27 22.38 -30.68
CA ILE A 795 -6.94 23.44 -29.94
C ILE A 795 -7.65 22.82 -28.74
N ASP A 796 -7.64 23.54 -27.62
CA ASP A 796 -8.23 23.06 -26.37
C ASP A 796 -9.60 23.70 -26.17
N ILE A 797 -10.65 23.03 -26.66
CA ILE A 797 -12.02 23.49 -26.48
C ILE A 797 -12.97 22.31 -26.21
N GLY A 798 -14.03 22.59 -25.45
CA GLY A 798 -15.08 21.61 -25.22
C GLY A 798 -15.89 21.33 -26.48
N THR A 799 -16.23 20.06 -26.68
CA THR A 799 -17.10 19.63 -27.75
C THR A 799 -18.36 20.48 -27.84
N SER A 800 -19.04 20.59 -26.70
CA SER A 800 -20.27 21.34 -26.55
C SER A 800 -20.54 21.47 -25.05
N GLN A 801 -21.60 22.21 -24.71
CA GLN A 801 -22.00 22.34 -23.32
C GLN A 801 -22.52 21.02 -22.74
N LEU A 802 -22.85 20.04 -23.60
CA LEU A 802 -23.33 18.77 -23.10
C LEU A 802 -22.19 18.00 -22.44
N ALA A 803 -21.16 17.63 -23.23
CA ALA A 803 -20.10 16.78 -22.73
C ALA A 803 -18.85 17.52 -22.27
N GLN A 804 -18.60 18.70 -22.85
CA GLN A 804 -17.42 19.51 -22.54
C GLN A 804 -16.15 18.68 -22.71
N ALA A 805 -16.19 17.77 -23.69
CA ALA A 805 -15.12 16.79 -23.91
C ALA A 805 -14.08 17.34 -24.87
N THR A 806 -12.96 16.61 -25.00
CA THR A 806 -11.89 16.94 -25.93
C THR A 806 -12.38 17.05 -27.38
N SER A 807 -11.87 18.06 -28.08
CA SER A 807 -12.16 18.26 -29.49
C SER A 807 -10.87 18.12 -30.31
N ALA A 808 -10.03 17.16 -29.91
CA ALA A 808 -8.65 17.05 -30.38
C ALA A 808 -8.46 17.09 -31.90
N HIS A 809 -9.36 16.43 -32.65
CA HIS A 809 -9.18 16.27 -34.09
C HIS A 809 -9.75 17.40 -34.94
N THR A 810 -10.27 18.45 -34.29
CA THR A 810 -10.69 19.67 -34.96
C THR A 810 -9.44 20.53 -35.15
N THR A 811 -8.68 20.23 -36.21
CA THR A 811 -7.33 20.78 -36.39
C THR A 811 -6.98 21.11 -37.84
N LEU A 812 -6.70 22.39 -38.11
CA LEU A 812 -6.23 22.80 -39.43
C LEU A 812 -4.76 23.22 -39.33
N VAL A 813 -3.98 22.83 -40.34
CA VAL A 813 -2.57 23.20 -40.41
C VAL A 813 -2.19 23.59 -41.83
N GLU A 814 -0.98 24.16 -41.94
CA GLU A 814 -0.25 24.24 -43.19
C GLU A 814 1.00 23.41 -43.03
N ILE A 815 1.55 22.94 -44.15
CA ILE A 815 2.81 22.23 -44.17
C ILE A 815 3.71 22.85 -45.23
N GLU A 816 4.99 23.02 -44.90
CA GLU A 816 5.99 23.50 -45.84
C GLU A 816 7.28 22.72 -45.59
N LYS A 817 8.10 22.55 -46.63
CA LYS A 817 9.44 22.00 -46.44
C LYS A 817 10.21 23.04 -45.64
N TYR A 818 10.90 22.59 -44.59
CA TYR A 818 11.45 23.50 -43.60
C TYR A 818 12.76 24.13 -44.10
N ASN A 819 12.92 25.42 -43.82
CA ASN A 819 14.08 26.17 -44.28
C ASN A 819 15.06 26.55 -43.16
N GLY A 820 14.71 26.24 -41.90
CA GLY A 820 15.58 26.51 -40.77
C GLY A 820 16.55 25.38 -40.46
N THR A 821 17.37 25.56 -39.42
CA THR A 821 18.32 24.56 -38.98
C THR A 821 17.59 23.40 -38.30
N VAL A 822 18.00 22.17 -38.64
CA VAL A 822 17.49 20.97 -37.99
C VAL A 822 18.45 20.57 -36.87
N GLU A 823 18.02 20.78 -35.62
CA GLU A 823 18.80 20.36 -34.47
C GLU A 823 18.57 18.89 -34.17
N GLN A 824 19.44 18.31 -33.33
CA GLN A 824 19.33 16.92 -32.93
C GLN A 824 18.08 16.77 -32.06
N VAL A 825 17.39 15.63 -32.20
CA VAL A 825 16.29 15.27 -31.33
C VAL A 825 16.82 14.92 -29.93
N THR A 826 16.17 15.47 -28.90
CA THR A 826 16.56 15.26 -27.51
C THR A 826 15.46 14.62 -26.65
N ALA A 827 14.48 13.99 -27.31
CA ALA A 827 13.29 13.52 -26.62
C ALA A 827 13.53 12.30 -25.73
N PHE A 828 14.43 11.41 -26.17
CA PHE A 828 14.51 10.07 -25.61
C PHE A 828 15.75 9.80 -24.75
N ASN A 829 16.38 10.86 -24.24
CA ASN A 829 17.67 10.74 -23.58
C ASN A 829 17.70 11.17 -22.11
N GLY A 830 16.52 11.37 -21.52
CA GLY A 830 16.44 11.77 -20.12
C GLY A 830 16.73 13.25 -19.91
N PRO A 831 16.81 13.70 -18.63
CA PRO A 831 17.09 15.09 -18.33
C PRO A 831 18.56 15.47 -18.39
N VAL A 832 18.83 16.79 -18.34
CA VAL A 832 20.15 17.30 -18.00
C VAL A 832 20.28 17.21 -16.49
N GLU A 833 21.10 16.27 -16.02
CA GLU A 833 21.26 16.06 -14.58
C GLU A 833 22.21 17.12 -14.04
N MET A 834 21.86 17.65 -12.87
CA MET A 834 22.56 18.75 -12.24
C MET A 834 23.03 18.27 -10.86
N VAL A 835 24.20 18.74 -10.43
CA VAL A 835 24.75 18.34 -9.14
C VAL A 835 25.23 19.57 -8.37
N ALA A 836 25.00 19.56 -7.05
CA ALA A 836 25.53 20.58 -6.17
C ALA A 836 27.04 20.42 -6.07
N GLN A 837 27.79 21.39 -6.59
CA GLN A 837 29.23 21.49 -6.41
C GLN A 837 29.52 22.57 -5.38
N CYS A 838 29.39 22.20 -4.11
CA CYS A 838 29.55 23.14 -3.01
C CYS A 838 29.70 22.43 -1.68
N SER B 49 40.84 5.41 26.17
CA SER B 49 41.48 4.11 26.08
C SER B 49 41.29 3.30 27.38
N LYS B 50 41.37 4.01 28.52
CA LYS B 50 41.30 3.38 29.81
C LYS B 50 39.96 3.69 30.49
N GLU B 51 39.64 4.98 30.57
CA GLU B 51 38.44 5.46 31.23
C GLU B 51 37.65 6.35 30.28
N GLY B 52 36.32 6.31 30.39
CA GLY B 52 35.46 7.28 29.73
C GLY B 52 35.16 7.02 28.26
N ILE B 53 35.24 5.75 27.83
CA ILE B 53 34.80 5.37 26.49
C ILE B 53 33.27 5.48 26.45
N LEU B 54 32.77 6.29 25.51
CA LEU B 54 31.36 6.56 25.40
C LEU B 54 30.66 5.51 24.55
N THR B 55 29.57 4.95 25.08
CA THR B 55 28.71 4.08 24.30
C THR B 55 27.32 4.06 24.93
N GLY B 56 26.45 3.19 24.38
CA GLY B 56 25.06 3.17 24.75
C GLY B 56 24.42 1.79 24.72
N SER B 57 23.27 1.67 25.38
CA SER B 57 22.57 0.40 25.53
C SER B 57 21.10 0.67 25.80
N HIS B 58 20.28 -0.38 25.80
CA HIS B 58 18.87 -0.22 26.15
C HIS B 58 18.71 0.40 27.53
N TRP B 59 19.72 0.23 28.40
CA TRP B 59 19.66 0.68 29.77
C TRP B 59 20.27 2.06 30.01
N GLY B 60 20.78 2.69 28.93
CA GLY B 60 21.32 4.02 29.00
C GLY B 60 22.74 4.14 28.44
N ALA B 61 23.20 5.40 28.36
CA ALA B 61 24.53 5.71 27.87
C ALA B 61 25.53 5.60 29.01
N ILE B 62 26.75 5.17 28.68
CA ILE B 62 27.78 4.94 29.67
C ILE B 62 29.14 5.52 29.26
N ARG B 63 29.96 5.78 30.28
CA ARG B 63 31.39 6.00 30.14
C ARG B 63 32.08 4.75 30.67
N ALA B 64 32.54 3.90 29.74
CA ALA B 64 33.13 2.61 30.09
C ALA B 64 34.63 2.71 30.36
N THR B 65 35.06 1.93 31.37
CA THR B 65 36.46 1.80 31.75
C THR B 65 36.97 0.42 31.37
N VAL B 66 38.18 0.39 30.79
CA VAL B 66 38.82 -0.86 30.40
C VAL B 66 40.17 -0.93 31.08
N LYS B 67 40.51 -2.13 31.57
CA LYS B 67 41.79 -2.40 32.21
C LYS B 67 42.35 -3.71 31.68
N ASP B 68 43.49 -3.62 30.98
CA ASP B 68 44.17 -4.76 30.40
C ASP B 68 43.24 -5.61 29.54
N GLY B 69 42.48 -4.91 28.70
CA GLY B 69 41.58 -5.55 27.74
C GLY B 69 40.27 -6.07 28.29
N ARG B 70 39.95 -5.77 29.56
CA ARG B 70 38.67 -6.19 30.13
C ARG B 70 37.82 -5.00 30.57
N PHE B 71 36.52 -5.04 30.20
CA PHE B 71 35.52 -4.07 30.59
C PHE B 71 35.22 -4.24 32.08
N VAL B 72 35.63 -3.26 32.89
CA VAL B 72 35.62 -3.43 34.35
C VAL B 72 34.58 -2.58 35.07
N ALA B 73 34.32 -1.36 34.57
CA ALA B 73 33.28 -0.54 35.16
C ALA B 73 32.53 0.26 34.10
N ALA B 74 31.22 0.40 34.33
CA ALA B 74 30.34 1.18 33.46
C ALA B 74 29.76 2.34 34.26
N LYS B 75 30.31 3.54 34.05
CA LYS B 75 29.83 4.73 34.73
C LYS B 75 28.71 5.37 33.92
N PRO B 76 27.75 6.05 34.57
CA PRO B 76 26.69 6.78 33.87
C PRO B 76 27.22 7.90 32.98
N PHE B 77 26.60 8.05 31.79
CA PHE B 77 26.85 9.19 30.92
C PHE B 77 26.59 10.48 31.69
N GLU B 78 27.47 11.48 31.52
CA GLU B 78 27.44 12.67 32.36
C GLU B 78 26.18 13.53 32.20
N LEU B 79 25.49 13.40 31.05
CA LEU B 79 24.25 14.12 30.86
C LEU B 79 23.02 13.44 31.49
N ASP B 80 23.18 12.18 31.93
CA ASP B 80 22.08 11.40 32.48
C ASP B 80 21.98 11.59 33.99
N LYS B 81 20.92 12.26 34.43
CA LYS B 81 20.73 12.55 35.85
C LYS B 81 20.11 11.38 36.59
N TYR B 82 19.50 10.45 35.84
CA TYR B 82 18.76 9.36 36.44
C TYR B 82 19.15 8.01 35.83
N PRO B 83 20.42 7.56 35.99
CA PRO B 83 20.84 6.29 35.42
C PRO B 83 20.19 5.09 36.11
N SER B 84 20.05 4.00 35.37
CA SER B 84 19.51 2.78 35.89
C SER B 84 20.61 1.99 36.59
N LYS B 85 20.29 1.43 37.75
CA LYS B 85 21.15 0.50 38.44
C LYS B 85 21.68 -0.61 37.55
N MET B 86 20.90 -0.98 36.53
CA MET B 86 21.24 -2.09 35.64
C MET B 86 22.55 -1.90 34.84
N ILE B 87 23.05 -0.66 34.72
CA ILE B 87 24.30 -0.44 34.01
C ILE B 87 25.46 -1.14 34.72
N ALA B 88 25.31 -1.37 36.03
CA ALA B 88 26.33 -2.06 36.80
C ALA B 88 26.53 -3.51 36.35
N GLY B 89 25.56 -4.07 35.61
CA GLY B 89 25.67 -5.41 35.08
C GLY B 89 26.33 -5.55 33.71
N LEU B 90 26.69 -4.42 33.06
CA LEU B 90 27.13 -4.48 31.68
C LEU B 90 28.51 -5.09 31.50
N PRO B 91 29.48 -4.84 32.42
CA PRO B 91 30.74 -5.57 32.41
C PRO B 91 30.58 -7.09 32.51
N ASP B 92 29.71 -7.55 33.42
CA ASP B 92 29.38 -8.98 33.54
C ASP B 92 28.79 -9.54 32.25
N HIS B 93 27.91 -8.75 31.62
CA HIS B 93 27.28 -9.12 30.37
C HIS B 93 28.35 -9.42 29.32
N VAL B 94 29.40 -8.60 29.28
CA VAL B 94 30.50 -8.82 28.33
C VAL B 94 31.41 -9.95 28.78
N HIS B 95 31.69 -10.02 30.10
CA HIS B 95 32.58 -11.01 30.66
C HIS B 95 31.92 -11.86 31.76
N ASN B 96 31.34 -13.00 31.34
CA ASN B 96 30.79 -13.97 32.26
C ASN B 96 30.81 -15.33 31.57
N ALA B 97 30.56 -16.38 32.35
CA ALA B 97 30.70 -17.76 31.91
C ALA B 97 29.70 -18.19 30.83
N ALA B 98 28.59 -17.47 30.69
CA ALA B 98 27.57 -17.80 29.70
C ALA B 98 27.86 -17.26 28.31
N ARG B 99 28.86 -16.37 28.16
CA ARG B 99 29.24 -15.89 26.84
C ARG B 99 29.51 -17.07 25.91
N ILE B 100 29.00 -16.97 24.68
CA ILE B 100 29.21 -18.01 23.67
C ILE B 100 30.60 -17.79 23.09
N ARG B 101 31.47 -18.79 23.24
CA ARG B 101 32.87 -18.70 22.87
C ARG B 101 33.12 -19.06 21.41
N TYR B 102 32.42 -20.09 20.91
CA TYR B 102 32.58 -20.50 19.53
C TYR B 102 31.33 -21.16 18.98
N PRO B 103 31.23 -21.35 17.64
CA PRO B 103 30.13 -22.12 17.06
C PRO B 103 30.00 -23.51 17.69
N MET B 104 28.75 -23.91 17.95
CA MET B 104 28.45 -25.15 18.64
C MET B 104 27.32 -25.88 17.93
N VAL B 105 27.39 -27.22 17.90
CA VAL B 105 26.36 -28.02 17.27
C VAL B 105 25.96 -29.15 18.21
N ARG B 106 24.64 -29.35 18.34
CA ARG B 106 24.09 -30.39 19.19
C ARG B 106 24.55 -31.76 18.70
N VAL B 107 25.09 -32.55 19.64
CA VAL B 107 25.81 -33.76 19.32
C VAL B 107 25.10 -34.59 18.26
N ASP B 108 23.82 -34.94 18.47
CA ASP B 108 23.15 -35.86 17.57
C ASP B 108 22.72 -35.19 16.27
N TRP B 109 22.60 -33.85 16.28
CA TRP B 109 22.34 -33.12 15.07
C TRP B 109 23.59 -33.10 14.18
N LEU B 110 24.76 -32.96 14.81
CA LEU B 110 26.02 -33.06 14.10
C LEU B 110 26.17 -34.45 13.46
N ARG B 111 25.66 -35.47 14.17
CA ARG B 111 25.64 -36.84 13.66
C ARG B 111 24.69 -37.01 12.48
N LYS B 112 23.41 -36.69 12.71
CA LYS B 112 22.35 -37.10 11.80
C LYS B 112 21.53 -35.95 11.20
N ARG B 113 21.90 -34.71 11.51
CA ARG B 113 21.19 -33.53 11.01
C ARG B 113 19.68 -33.68 11.22
N HIS B 114 18.89 -33.48 10.16
CA HIS B 114 17.43 -33.47 10.27
C HIS B 114 16.86 -34.85 10.60
N LEU B 115 17.69 -35.89 10.49
CA LEU B 115 17.31 -37.23 10.89
C LEU B 115 17.70 -37.55 12.34
N SER B 116 18.03 -36.52 13.14
CA SER B 116 18.53 -36.72 14.49
C SER B 116 17.40 -37.04 15.46
N ASP B 117 17.78 -37.42 16.68
CA ASP B 117 16.85 -37.60 17.79
C ASP B 117 16.57 -36.24 18.41
N THR B 118 15.37 -35.71 18.17
CA THR B 118 15.02 -34.36 18.59
C THR B 118 14.75 -34.30 20.10
N SER B 119 14.46 -35.47 20.69
CA SER B 119 14.27 -35.59 22.13
C SER B 119 15.46 -35.10 22.95
N GLN B 120 16.66 -35.17 22.36
CA GLN B 120 17.88 -34.75 23.05
C GLN B 120 18.09 -33.23 23.08
N ARG B 121 17.25 -32.46 22.37
CA ARG B 121 17.31 -31.01 22.49
C ARG B 121 17.02 -30.65 23.94
N GLY B 122 17.85 -29.75 24.51
CA GLY B 122 17.72 -29.36 25.90
C GLY B 122 18.72 -30.03 26.84
N ASP B 123 19.37 -31.12 26.37
CA ASP B 123 20.49 -31.77 27.04
C ASP B 123 21.65 -30.87 27.41
N ASN B 124 21.92 -29.94 26.49
CA ASN B 124 22.98 -28.96 26.61
C ASN B 124 24.33 -29.55 26.23
N ARG B 125 24.31 -30.69 25.52
CA ARG B 125 25.53 -31.35 25.07
C ARG B 125 25.82 -30.91 23.63
N PHE B 126 26.85 -30.08 23.48
CA PHE B 126 27.22 -29.49 22.20
C PHE B 126 28.69 -29.67 21.84
N VAL B 127 28.97 -29.70 20.53
CA VAL B 127 30.32 -29.88 20.02
C VAL B 127 30.80 -28.59 19.36
N ARG B 128 32.03 -28.17 19.69
CA ARG B 128 32.64 -27.03 19.01
C ARG B 128 32.92 -27.37 17.56
N VAL B 129 32.59 -26.42 16.66
CA VAL B 129 32.95 -26.53 15.25
C VAL B 129 33.56 -25.21 14.78
N SER B 130 34.15 -25.22 13.58
CA SER B 130 34.68 -23.99 13.01
C SER B 130 33.55 -23.12 12.47
N TRP B 131 33.80 -21.81 12.36
CA TRP B 131 32.85 -20.92 11.73
C TRP B 131 32.40 -21.38 10.34
N ASP B 132 33.36 -21.78 9.51
CA ASP B 132 33.04 -22.17 8.14
C ASP B 132 32.22 -23.45 8.09
N GLU B 133 32.54 -24.39 8.99
CA GLU B 133 31.74 -25.61 9.11
C GLU B 133 30.31 -25.28 9.55
N ALA B 134 30.18 -24.33 10.48
CA ALA B 134 28.88 -23.95 11.01
C ALA B 134 28.02 -23.32 9.92
N LEU B 135 28.60 -22.34 9.22
CA LEU B 135 27.92 -21.64 8.14
C LEU B 135 27.55 -22.54 6.97
N ASP B 136 28.42 -23.51 6.65
CA ASP B 136 28.11 -24.49 5.63
C ASP B 136 26.85 -25.28 5.96
N MET B 137 26.78 -25.78 7.20
CA MET B 137 25.60 -26.52 7.65
C MET B 137 24.35 -25.65 7.58
N PHE B 138 24.50 -24.37 7.95
CA PHE B 138 23.42 -23.41 7.90
C PHE B 138 22.90 -23.31 6.46
N TYR B 139 23.83 -23.05 5.52
CA TYR B 139 23.49 -22.92 4.11
C TYR B 139 22.87 -24.19 3.55
N GLU B 140 23.50 -25.34 3.82
CA GLU B 140 22.99 -26.62 3.35
C GLU B 140 21.60 -26.94 3.88
N GLU B 141 21.30 -26.49 5.10
CA GLU B 141 19.97 -26.66 5.65
C GLU B 141 18.93 -25.78 4.95
N LEU B 142 19.30 -24.51 4.72
CA LEU B 142 18.46 -23.62 3.95
C LEU B 142 18.15 -24.22 2.58
N GLU B 143 19.18 -24.73 1.90
CA GLU B 143 19.02 -25.41 0.63
C GLU B 143 18.10 -26.62 0.73
N ARG B 144 18.32 -27.47 1.72
CA ARG B 144 17.53 -28.68 1.89
C ARG B 144 16.06 -28.38 2.14
N VAL B 145 15.79 -27.43 3.03
CA VAL B 145 14.43 -27.11 3.42
C VAL B 145 13.68 -26.47 2.25
N GLN B 146 14.36 -25.59 1.52
CA GLN B 146 13.75 -24.97 0.35
C GLN B 146 13.39 -25.99 -0.73
N LYS B 147 14.27 -26.99 -0.92
CA LYS B 147 14.06 -28.03 -1.91
C LYS B 147 13.00 -29.05 -1.48
N THR B 148 12.97 -29.37 -0.18
CA THR B 148 12.12 -30.43 0.33
C THR B 148 10.70 -29.94 0.63
N HIS B 149 10.62 -28.82 1.34
CA HIS B 149 9.38 -28.30 1.88
C HIS B 149 8.91 -27.02 1.22
N GLY B 150 9.87 -26.16 0.85
CA GLY B 150 9.55 -24.83 0.35
C GLY B 150 9.39 -23.81 1.49
N PRO B 151 8.92 -22.58 1.18
CA PRO B 151 8.96 -21.48 2.13
C PRO B 151 8.02 -21.60 3.33
N SER B 152 7.01 -22.49 3.27
CA SER B 152 6.09 -22.68 4.38
C SER B 152 6.71 -23.40 5.58
N ALA B 153 7.91 -23.97 5.40
CA ALA B 153 8.60 -24.68 6.45
C ALA B 153 9.57 -23.82 7.27
N LEU B 154 9.80 -22.57 6.84
CA LEU B 154 10.88 -21.77 7.39
C LEU B 154 10.36 -20.53 8.13
N LEU B 155 10.81 -20.38 9.39
CA LEU B 155 10.46 -19.22 10.20
C LEU B 155 11.70 -18.52 10.74
N THR B 156 11.72 -17.19 10.60
CA THR B 156 12.71 -16.35 11.25
C THR B 156 12.03 -15.60 12.38
N ALA B 157 12.83 -15.16 13.35
CA ALA B 157 12.29 -14.49 14.53
C ALA B 157 13.36 -13.60 15.15
N SER B 158 12.93 -12.40 15.56
CA SER B 158 13.81 -11.39 16.14
C SER B 158 13.07 -10.70 17.28
N GLY B 159 13.78 -9.85 18.03
CA GLY B 159 13.25 -9.29 19.26
C GLY B 159 14.01 -8.03 19.70
N TRP B 160 14.22 -7.89 21.01
CA TRP B 160 14.73 -6.64 21.54
C TRP B 160 16.20 -6.39 21.24
N GLN B 161 16.97 -7.49 21.09
CA GLN B 161 18.36 -7.42 20.69
C GLN B 161 19.07 -6.31 21.46
N SER B 162 19.91 -5.52 20.79
CA SER B 162 20.61 -4.41 21.43
C SER B 162 20.39 -3.13 20.63
N THR B 163 20.72 -1.99 21.25
CA THR B 163 20.68 -0.71 20.57
C THR B 163 21.81 -0.65 19.54
N GLY B 164 21.66 0.23 18.54
CA GLY B 164 22.65 0.38 17.50
C GLY B 164 22.01 0.36 16.12
N MET B 165 22.21 1.46 15.37
CA MET B 165 21.55 1.66 14.09
C MET B 165 22.05 0.69 13.03
N PHE B 166 23.38 0.47 12.98
CA PHE B 166 23.97 -0.41 12.00
C PHE B 166 23.89 -1.89 12.40
N HIS B 167 24.30 -2.21 13.63
CA HIS B 167 24.38 -3.61 14.06
C HIS B 167 23.00 -4.12 14.47
N ASN B 168 22.11 -4.19 13.47
CA ASN B 168 20.71 -4.54 13.68
C ASN B 168 20.50 -6.03 13.43
N ALA B 169 20.55 -6.83 14.50
CA ALA B 169 20.53 -8.28 14.38
C ALA B 169 19.34 -8.76 13.57
N SER B 170 18.15 -8.23 13.87
CA SER B 170 16.94 -8.54 13.11
C SER B 170 17.11 -8.27 11.61
N GLY B 171 17.68 -7.11 11.28
CA GLY B 171 17.88 -6.72 9.90
C GLY B 171 18.87 -7.63 9.16
N MET B 172 19.95 -8.03 9.84
CA MET B 172 20.95 -8.92 9.27
C MET B 172 20.30 -10.25 8.91
N LEU B 173 19.53 -10.78 9.86
CA LEU B 173 18.83 -12.05 9.68
C LEU B 173 17.82 -11.99 8.53
N ALA B 174 16.97 -10.95 8.53
CA ALA B 174 15.90 -10.84 7.56
C ALA B 174 16.46 -10.70 6.14
N LYS B 175 17.50 -9.87 6.00
CA LYS B 175 18.14 -9.63 4.71
C LYS B 175 18.79 -10.89 4.14
N ALA B 176 19.57 -11.58 4.98
CA ALA B 176 20.31 -12.75 4.54
C ALA B 176 19.37 -13.87 4.07
N ILE B 177 18.32 -14.11 4.84
CA ILE B 177 17.33 -15.13 4.51
C ILE B 177 16.53 -14.71 3.27
N ALA B 178 16.14 -13.43 3.21
CA ALA B 178 15.39 -12.90 2.09
C ALA B 178 16.15 -12.96 0.76
N LEU B 179 17.49 -12.93 0.84
CA LEU B 179 18.32 -13.11 -0.33
C LEU B 179 18.43 -14.59 -0.73
N HIS B 180 18.06 -15.49 0.19
CA HIS B 180 17.98 -16.92 -0.03
C HIS B 180 16.60 -17.49 0.30
N GLY B 181 15.62 -17.19 -0.53
CA GLY B 181 14.32 -17.84 -0.43
C GLY B 181 13.32 -17.17 0.50
N ASN B 182 12.05 -17.51 0.29
CA ASN B 182 10.97 -16.95 1.08
C ASN B 182 10.77 -17.78 2.35
N SER B 183 9.93 -17.26 3.25
CA SER B 183 9.71 -17.88 4.54
C SER B 183 8.36 -17.43 5.06
N VAL B 184 7.96 -17.97 6.23
CA VAL B 184 6.75 -17.53 6.89
C VAL B 184 7.07 -16.27 7.69
N GLY B 185 6.28 -15.22 7.44
CA GLY B 185 6.39 -13.97 8.20
C GLY B 185 5.43 -13.97 9.37
N THR B 186 5.61 -13.01 10.27
CA THR B 186 4.73 -12.83 11.40
C THR B 186 4.19 -11.40 11.47
N GLY B 187 3.00 -11.26 12.05
CA GLY B 187 2.43 -9.95 12.39
C GLY B 187 2.30 -9.81 13.90
N GLY B 188 2.61 -8.62 14.42
CA GLY B 188 2.35 -8.28 15.81
C GLY B 188 3.57 -8.49 16.71
N ASP B 189 3.38 -8.30 18.01
CA ASP B 189 4.45 -8.51 18.99
C ASP B 189 3.84 -8.95 20.32
N TYR B 190 4.70 -9.18 21.32
CA TYR B 190 4.23 -9.61 22.63
C TYR B 190 3.94 -8.49 23.61
N SER B 191 4.35 -7.26 23.25
CA SER B 191 4.14 -6.10 24.10
C SER B 191 2.69 -5.61 24.13
N THR B 192 2.14 -5.39 22.94
CA THR B 192 0.83 -4.78 22.78
C THR B 192 0.04 -5.51 21.70
N GLY B 193 0.19 -6.83 21.65
CA GLY B 193 -0.42 -7.65 20.61
C GLY B 193 -1.92 -7.43 20.44
N ALA B 194 -2.65 -7.31 21.54
CA ALA B 194 -4.09 -7.06 21.49
C ALA B 194 -4.41 -5.57 21.27
N ALA B 195 -3.84 -4.71 22.11
CA ALA B 195 -4.08 -3.28 21.98
C ALA B 195 -3.81 -2.74 20.57
N GLN B 196 -2.71 -3.19 19.95
CA GLN B 196 -2.27 -2.65 18.68
C GLN B 196 -3.18 -3.03 17.51
N VAL B 197 -4.08 -4.01 17.74
CA VAL B 197 -5.05 -4.40 16.73
C VAL B 197 -6.39 -3.70 16.95
N ILE B 198 -6.84 -3.65 18.22
CA ILE B 198 -8.13 -3.06 18.52
C ILE B 198 -8.12 -1.54 18.39
N LEU B 199 -7.03 -0.89 18.84
CA LEU B 199 -7.06 0.56 18.96
C LEU B 199 -7.13 1.25 17.59
N PRO B 200 -6.44 0.76 16.53
CA PRO B 200 -6.63 1.31 15.20
C PRO B 200 -8.09 1.34 14.76
N ARG B 201 -8.82 0.26 15.08
CA ARG B 201 -10.20 0.11 14.69
C ARG B 201 -11.14 1.05 15.44
N VAL B 202 -10.79 1.40 16.69
CA VAL B 202 -11.65 2.20 17.55
C VAL B 202 -11.24 3.67 17.74
N VAL B 203 -9.93 3.98 17.67
CA VAL B 203 -9.50 5.37 17.68
C VAL B 203 -8.57 5.77 16.53
N GLY B 204 -8.35 4.87 15.57
CA GLY B 204 -7.61 5.22 14.36
C GLY B 204 -6.11 5.41 14.59
N SER B 205 -5.61 4.91 15.72
CA SER B 205 -4.19 4.94 16.02
C SER B 205 -3.82 3.65 16.73
N MET B 206 -2.56 3.24 16.58
CA MET B 206 -2.04 2.13 17.34
C MET B 206 -1.86 2.52 18.82
N GLU B 207 -1.62 3.81 19.07
CA GLU B 207 -1.63 4.43 20.39
C GLU B 207 -0.45 4.08 21.29
N VAL B 208 -0.15 2.78 21.38
CA VAL B 208 0.67 2.24 22.45
C VAL B 208 2.12 2.72 22.48
N TYR B 209 2.69 3.01 21.31
CA TYR B 209 4.07 3.45 21.21
C TYR B 209 4.23 4.94 20.90
N GLU B 210 3.12 5.68 21.02
CA GLU B 210 3.07 7.06 20.56
C GLU B 210 3.42 8.04 21.68
N GLN B 211 3.78 9.26 21.26
CA GLN B 211 4.07 10.35 22.17
C GLN B 211 2.82 10.69 22.98
N GLN B 212 3.04 11.16 24.21
CA GLN B 212 1.97 11.50 25.12
C GLN B 212 2.00 12.99 25.44
N THR B 213 0.88 13.51 25.96
CA THR B 213 0.81 14.87 26.46
C THR B 213 2.03 15.17 27.33
N SER B 214 2.70 16.29 27.01
CA SER B 214 3.88 16.73 27.73
C SER B 214 3.62 16.81 29.23
N TRP B 215 4.55 16.25 30.01
CA TRP B 215 4.39 16.20 31.46
C TRP B 215 4.15 17.54 32.15
N PRO B 216 4.82 18.64 31.72
CA PRO B 216 4.55 19.96 32.30
C PRO B 216 3.07 20.36 32.23
N LEU B 217 2.43 20.07 31.09
CA LEU B 217 1.00 20.32 30.93
C LEU B 217 0.14 19.41 31.82
N VAL B 218 0.55 18.14 31.98
CA VAL B 218 -0.16 17.23 32.87
C VAL B 218 -0.09 17.75 34.30
N LEU B 219 1.10 18.19 34.72
CA LEU B 219 1.29 18.63 36.09
C LEU B 219 0.57 19.94 36.40
N GLN B 220 0.35 20.76 35.37
CA GLN B 220 -0.32 22.04 35.51
C GLN B 220 -1.83 22.01 35.28
N ASN B 221 -2.38 20.83 34.94
CA ASN B 221 -3.80 20.71 34.61
C ASN B 221 -4.53 19.59 35.33
N SER B 222 -3.93 18.39 35.36
CA SER B 222 -4.56 17.22 35.97
C SER B 222 -4.65 17.35 37.48
N LYS B 223 -5.83 17.01 38.04
CA LYS B 223 -6.00 16.90 39.47
C LYS B 223 -6.09 15.44 39.95
N THR B 224 -6.53 14.55 39.06
CA THR B 224 -6.50 13.11 39.31
C THR B 224 -5.69 12.45 38.20
N ILE B 225 -4.77 11.55 38.59
CA ILE B 225 -4.05 10.72 37.63
C ILE B 225 -4.33 9.26 37.98
N VAL B 226 -4.88 8.52 37.01
CA VAL B 226 -5.20 7.12 37.21
C VAL B 226 -4.17 6.25 36.49
N LEU B 227 -3.35 5.57 37.31
CA LEU B 227 -2.41 4.58 36.81
C LEU B 227 -3.12 3.24 36.74
N TRP B 228 -3.44 2.82 35.51
CA TRP B 228 -4.19 1.58 35.30
C TRP B 228 -3.24 0.52 34.75
N GLY B 229 -2.74 -0.31 35.66
CA GLY B 229 -1.78 -1.34 35.34
C GLY B 229 -0.54 -0.79 34.64
N SER B 230 0.07 0.23 35.24
CA SER B 230 1.24 0.87 34.67
C SER B 230 2.25 1.24 35.74
N ASP B 231 3.50 0.79 35.55
CA ASP B 231 4.58 1.09 36.47
C ASP B 231 5.64 1.94 35.75
N LEU B 232 5.39 3.25 35.74
CA LEU B 232 6.27 4.24 35.14
C LEU B 232 7.72 4.17 35.62
N LEU B 233 7.90 4.18 36.95
CA LEU B 233 9.22 4.20 37.55
C LEU B 233 10.08 3.01 37.16
N LYS B 234 9.48 1.81 37.20
CA LYS B 234 10.19 0.58 36.87
C LYS B 234 10.55 0.46 35.38
N ASN B 235 9.62 0.86 34.51
CA ASN B 235 9.68 0.51 33.10
C ASN B 235 10.33 1.53 32.19
N GLN B 236 10.65 2.72 32.71
CA GLN B 236 11.35 3.72 31.92
C GLN B 236 12.87 3.60 32.03
N GLN B 237 13.34 2.56 32.75
CA GLN B 237 14.77 2.31 32.86
C GLN B 237 15.38 1.88 31.53
N ALA B 238 14.61 1.12 30.74
CA ALA B 238 15.03 0.63 29.44
C ALA B 238 14.11 1.19 28.36
N ASN B 239 14.70 1.70 27.27
CA ASN B 239 13.96 2.21 26.13
C ASN B 239 14.47 1.55 24.84
N TRP B 240 13.76 1.78 23.73
CA TRP B 240 14.11 1.15 22.47
C TRP B 240 15.47 1.61 21.95
N TRP B 241 15.62 2.93 21.75
CA TRP B 241 16.94 3.52 21.52
C TRP B 241 17.49 3.85 22.90
N CYS B 242 18.79 4.16 22.95
CA CYS B 242 19.41 4.55 24.20
C CYS B 242 18.54 5.56 24.95
N PRO B 243 18.08 5.25 26.17
CA PRO B 243 17.28 6.20 26.94
C PRO B 243 18.11 7.36 27.45
N ASP B 244 17.50 8.54 27.55
CA ASP B 244 18.12 9.66 28.24
C ASP B 244 17.70 9.76 29.70
N HIS B 245 16.62 9.06 30.06
CA HIS B 245 16.05 9.04 31.41
C HIS B 245 15.56 10.38 31.95
N ASP B 246 15.40 11.39 31.09
CA ASP B 246 14.98 12.71 31.52
C ASP B 246 13.55 12.76 32.07
N VAL B 247 12.72 11.77 31.69
CA VAL B 247 11.35 11.71 32.15
C VAL B 247 11.25 11.54 33.68
N TYR B 248 12.30 11.00 34.31
CA TYR B 248 12.28 10.83 35.76
C TYR B 248 12.22 12.17 36.49
N GLU B 249 12.66 13.25 35.85
CA GLU B 249 12.55 14.58 36.42
C GLU B 249 11.06 14.91 36.65
N TYR B 250 10.23 14.59 35.66
CA TYR B 250 8.79 14.84 35.77
C TYR B 250 8.14 14.01 36.87
N TYR B 251 8.55 12.75 37.01
CA TYR B 251 8.07 11.88 38.07
C TYR B 251 8.41 12.42 39.47
N ALA B 252 9.59 13.03 39.62
CA ALA B 252 9.95 13.67 40.86
C ALA B 252 9.05 14.87 41.17
N GLN B 253 8.72 15.64 40.14
CA GLN B 253 7.78 16.76 40.28
C GLN B 253 6.41 16.25 40.68
N LEU B 254 5.97 15.15 40.04
CA LEU B 254 4.70 14.52 40.38
C LEU B 254 4.71 14.10 41.85
N LYS B 255 5.83 13.51 42.30
CA LYS B 255 5.99 13.10 43.69
C LYS B 255 5.74 14.27 44.64
N ALA B 256 6.30 15.43 44.32
CA ALA B 256 6.12 16.63 45.14
C ALA B 256 4.66 17.08 45.14
N LYS B 257 4.02 17.07 43.97
CA LYS B 257 2.61 17.45 43.87
C LYS B 257 1.72 16.49 44.67
N VAL B 258 2.07 15.20 44.66
CA VAL B 258 1.33 14.22 45.43
C VAL B 258 1.52 14.44 46.93
N ALA B 259 2.75 14.72 47.36
CA ALA B 259 3.06 14.96 48.76
C ALA B 259 2.31 16.18 49.30
N ALA B 260 2.16 17.21 48.47
CA ALA B 260 1.45 18.43 48.84
C ALA B 260 -0.06 18.29 48.73
N GLY B 261 -0.53 17.14 48.22
CA GLY B 261 -1.96 16.89 48.07
C GLY B 261 -2.61 17.66 46.93
N GLU B 262 -1.81 18.20 46.01
CA GLU B 262 -2.31 19.00 44.90
C GLU B 262 -2.81 18.15 43.73
N ILE B 263 -2.23 16.96 43.57
CA ILE B 263 -2.69 15.99 42.59
C ILE B 263 -2.91 14.65 43.31
N GLU B 264 -4.05 14.02 43.06
CA GLU B 264 -4.34 12.71 43.63
C GLU B 264 -4.03 11.65 42.58
N VAL B 265 -3.23 10.66 42.98
CA VAL B 265 -2.88 9.56 42.09
C VAL B 265 -3.63 8.32 42.57
N ILE B 266 -4.36 7.70 41.64
CA ILE B 266 -5.06 6.45 41.91
C ILE B 266 -4.38 5.33 41.16
N SER B 267 -4.02 4.26 41.89
CA SER B 267 -3.39 3.12 41.25
C SER B 267 -4.34 1.94 41.22
N ILE B 268 -4.74 1.53 40.00
CA ILE B 268 -5.63 0.42 39.80
C ILE B 268 -4.73 -0.74 39.38
N ASP B 269 -4.49 -1.63 40.34
CA ASP B 269 -3.41 -2.60 40.27
C ASP B 269 -3.49 -3.56 41.45
N PRO B 270 -3.47 -4.90 41.24
CA PRO B 270 -3.46 -5.86 42.34
C PRO B 270 -2.26 -5.74 43.28
N VAL B 271 -1.22 -5.03 42.83
CA VAL B 271 0.03 -4.91 43.54
C VAL B 271 0.36 -3.43 43.76
N VAL B 272 1.07 -3.14 44.86
CA VAL B 272 1.72 -1.86 45.05
C VAL B 272 2.93 -1.80 44.11
N THR B 273 2.86 -0.94 43.10
CA THR B 273 3.89 -0.86 42.08
C THR B 273 5.14 -0.14 42.62
N SER B 274 6.21 -0.12 41.83
CA SER B 274 7.37 0.69 42.14
C SER B 274 6.98 2.17 42.19
N THR B 275 6.10 2.56 41.26
CA THR B 275 5.63 3.94 41.14
C THR B 275 4.84 4.34 42.39
N HIS B 276 3.94 3.45 42.79
CA HIS B 276 3.10 3.67 43.96
C HIS B 276 3.98 3.81 45.19
N GLU B 277 4.91 2.87 45.37
CA GLU B 277 5.82 2.90 46.51
C GLU B 277 6.62 4.21 46.52
N TYR B 278 7.05 4.66 45.33
CA TYR B 278 7.81 5.89 45.17
C TYR B 278 7.01 7.15 45.51
N LEU B 279 5.79 7.23 44.97
CA LEU B 279 4.90 8.35 45.23
C LEU B 279 4.43 8.37 46.68
N GLY B 280 4.37 7.18 47.30
CA GLY B 280 4.11 7.05 48.72
C GLY B 280 2.79 6.35 49.04
N ARG B 281 2.85 5.28 49.84
CA ARG B 281 1.69 4.53 50.28
C ARG B 281 0.71 5.34 51.13
N GLU B 282 1.23 6.34 51.83
CA GLU B 282 0.39 7.20 52.65
C GLU B 282 -0.48 8.11 51.78
N HIS B 283 -0.08 8.32 50.52
CA HIS B 283 -0.74 9.25 49.62
C HIS B 283 -1.57 8.63 48.49
N VAL B 284 -1.09 7.53 47.91
CA VAL B 284 -1.72 6.93 46.75
C VAL B 284 -3.01 6.24 47.16
N LYS B 285 -4.10 6.52 46.42
CA LYS B 285 -5.33 5.74 46.55
C LYS B 285 -5.16 4.45 45.75
N HIS B 286 -5.20 3.32 46.44
CA HIS B 286 -4.98 2.02 45.83
C HIS B 286 -6.29 1.26 45.65
N ILE B 287 -6.57 0.86 44.40
CA ILE B 287 -7.69 0.01 44.06
C ILE B 287 -7.15 -1.35 43.66
N ALA B 288 -7.11 -2.26 44.64
CA ALA B 288 -6.44 -3.54 44.52
C ALA B 288 -7.37 -4.53 43.83
N VAL B 289 -7.66 -4.25 42.54
CA VAL B 289 -8.60 -5.04 41.77
C VAL B 289 -8.15 -6.50 41.66
N ASN B 290 -9.10 -7.43 41.74
CA ASN B 290 -8.82 -8.83 41.49
C ASN B 290 -8.28 -8.97 40.06
N PRO B 291 -7.17 -9.73 39.85
CA PRO B 291 -6.59 -9.86 38.52
C PRO B 291 -7.58 -10.31 37.44
N GLN B 292 -7.55 -9.60 36.31
CA GLN B 292 -8.38 -9.86 35.15
C GLN B 292 -9.84 -9.45 35.30
N THR B 293 -10.16 -8.62 36.32
CA THR B 293 -11.53 -8.14 36.49
C THR B 293 -11.65 -6.65 36.18
N ASP B 294 -10.66 -6.11 35.45
CA ASP B 294 -10.63 -4.71 35.10
C ASP B 294 -11.79 -4.29 34.20
N VAL B 295 -12.23 -5.20 33.32
CA VAL B 295 -13.35 -4.90 32.44
C VAL B 295 -14.62 -4.69 33.27
N PRO B 296 -15.02 -5.64 34.14
CA PRO B 296 -16.10 -5.39 35.10
C PRO B 296 -16.00 -4.05 35.84
N LEU B 297 -14.81 -3.70 36.31
CA LEU B 297 -14.58 -2.42 36.96
C LEU B 297 -14.85 -1.26 35.99
N GLN B 298 -14.33 -1.37 34.75
CA GLN B 298 -14.56 -0.35 33.75
C GLN B 298 -16.05 -0.17 33.44
N LEU B 299 -16.77 -1.28 33.26
CA LEU B 299 -18.18 -1.23 32.93
C LEU B 299 -18.95 -0.56 34.07
N ALA B 300 -18.57 -0.85 35.32
CA ALA B 300 -19.23 -0.28 36.48
C ALA B 300 -18.99 1.21 36.63
N LEU B 301 -17.77 1.67 36.33
CA LEU B 301 -17.47 3.10 36.30
C LEU B 301 -18.31 3.78 35.21
N ALA B 302 -18.38 3.16 34.03
CA ALA B 302 -19.19 3.66 32.94
C ALA B 302 -20.66 3.77 33.34
N HIS B 303 -21.19 2.69 33.94
CA HIS B 303 -22.56 2.67 34.42
C HIS B 303 -22.85 3.80 35.40
N THR B 304 -21.98 3.98 36.40
CA THR B 304 -22.12 5.05 37.37
C THR B 304 -22.13 6.42 36.72
N LEU B 305 -21.17 6.66 35.81
CA LEU B 305 -21.09 7.90 35.06
C LEU B 305 -22.40 8.24 34.37
N TYR B 306 -23.01 7.25 33.72
CA TYR B 306 -24.29 7.44 33.06
C TYR B 306 -25.42 7.63 34.08
N SER B 307 -25.56 6.65 34.98
CA SER B 307 -26.57 6.64 36.02
C SER B 307 -26.73 7.97 36.77
N GLU B 308 -25.62 8.64 37.08
CA GLU B 308 -25.66 9.86 37.86
C GLU B 308 -25.39 11.14 37.06
N ASN B 309 -25.58 11.07 35.74
CA ASN B 309 -25.45 12.23 34.87
C ASN B 309 -24.10 12.91 34.99
N LEU B 310 -23.04 12.11 35.15
CA LEU B 310 -21.68 12.62 35.23
C LEU B 310 -20.95 12.53 33.88
N TYR B 311 -21.57 11.83 32.92
CA TYR B 311 -20.99 11.65 31.60
C TYR B 311 -21.18 12.88 30.72
N ASP B 312 -20.35 13.01 29.68
CA ASP B 312 -20.40 14.15 28.77
C ASP B 312 -21.21 13.81 27.51
N LYS B 313 -22.50 14.15 27.52
CA LYS B 313 -23.41 13.83 26.44
C LYS B 313 -22.96 14.44 25.11
N ASN B 314 -22.48 15.69 25.16
CA ASN B 314 -22.03 16.39 23.97
CA ASN B 314 -22.08 16.36 23.93
C ASN B 314 -20.83 15.68 23.36
N PHE B 315 -19.94 15.14 24.20
CA PHE B 315 -18.76 14.45 23.70
C PHE B 315 -19.16 13.15 23.02
N LEU B 316 -20.03 12.36 23.66
CA LEU B 316 -20.46 11.09 23.09
C LEU B 316 -21.27 11.28 21.80
N ALA B 317 -22.03 12.37 21.74
CA ALA B 317 -22.91 12.64 20.61
C ALA B 317 -22.13 13.15 19.40
N ASN B 318 -21.09 13.95 19.65
CA ASN B 318 -20.39 14.61 18.56
C ASN B 318 -19.03 14.00 18.20
N TYR B 319 -18.38 13.28 19.13
CA TYR B 319 -17.08 12.70 18.85
C TYR B 319 -17.05 11.16 18.77
N CYS B 320 -18.18 10.51 19.06
CA CYS B 320 -18.28 9.06 19.06
C CYS B 320 -19.43 8.56 18.21
N VAL B 321 -19.34 7.27 17.86
CA VAL B 321 -20.48 6.52 17.34
C VAL B 321 -20.70 5.32 18.25
N GLY B 322 -21.98 4.93 18.38
CA GLY B 322 -22.35 3.62 18.88
C GLY B 322 -22.64 3.55 20.38
N PHE B 323 -22.63 4.69 21.07
CA PHE B 323 -22.92 4.71 22.49
C PHE B 323 -24.32 4.16 22.77
N GLU B 324 -25.25 4.47 21.88
CA GLU B 324 -26.63 4.02 22.00
C GLU B 324 -26.74 2.51 21.80
N GLN B 325 -25.81 1.93 21.04
CA GLN B 325 -25.81 0.49 20.85
C GLN B 325 -25.15 -0.26 22.00
N PHE B 326 -24.32 0.45 22.78
CA PHE B 326 -23.60 -0.09 23.92
C PHE B 326 -24.41 -0.01 25.21
N LEU B 327 -25.19 1.06 25.35
CA LEU B 327 -25.91 1.35 26.59
C LEU B 327 -26.82 0.21 27.04
N PRO B 328 -27.60 -0.46 26.15
CA PRO B 328 -28.43 -1.59 26.55
C PRO B 328 -27.67 -2.70 27.28
N TYR B 329 -26.47 -3.03 26.80
CA TYR B 329 -25.57 -3.96 27.48
C TYR B 329 -25.19 -3.41 28.86
N LEU B 330 -24.72 -2.15 28.88
CA LEU B 330 -24.23 -1.55 30.11
C LEU B 330 -25.30 -1.56 31.19
N LEU B 331 -26.56 -1.32 30.79
CA LEU B 331 -27.66 -1.15 31.73
C LEU B 331 -28.44 -2.44 32.01
N GLY B 332 -28.09 -3.52 31.31
CA GLY B 332 -28.70 -4.83 31.54
C GLY B 332 -30.05 -5.05 30.84
N GLU B 333 -30.38 -4.18 29.89
CA GLU B 333 -31.71 -4.16 29.31
C GLU B 333 -32.03 -5.40 28.49
N LYS B 334 -31.02 -5.92 27.77
CA LYS B 334 -31.19 -7.10 26.92
C LYS B 334 -30.56 -8.37 27.47
N ASP B 335 -30.21 -8.34 28.76
CA ASP B 335 -29.37 -9.35 29.38
C ASP B 335 -29.85 -9.77 30.78
N GLY B 336 -30.56 -8.87 31.46
CA GLY B 336 -30.96 -9.04 32.84
C GLY B 336 -29.93 -8.57 33.87
N GLN B 337 -28.70 -8.25 33.43
CA GLN B 337 -27.61 -7.92 34.33
CA GLN B 337 -27.62 -7.90 34.34
C GLN B 337 -27.06 -6.51 34.05
N PRO B 338 -27.47 -5.49 34.83
CA PRO B 338 -26.78 -4.21 34.80
C PRO B 338 -25.31 -4.37 35.17
N LYS B 339 -24.42 -3.76 34.37
CA LYS B 339 -22.99 -3.86 34.62
C LYS B 339 -22.67 -2.77 35.64
N ASP B 340 -23.17 -3.02 36.86
CA ASP B 340 -23.38 -2.07 37.92
C ASP B 340 -22.24 -2.08 38.92
N ALA B 341 -22.09 -1.02 39.72
CA ALA B 341 -21.15 -1.04 40.84
C ALA B 341 -21.37 -2.23 41.77
N ALA B 342 -22.65 -2.57 42.02
CA ALA B 342 -23.03 -3.74 42.81
C ALA B 342 -22.57 -5.04 42.15
N TRP B 343 -22.85 -5.18 40.86
CA TRP B 343 -22.43 -6.34 40.11
C TRP B 343 -20.90 -6.49 40.12
N ALA B 344 -20.18 -5.38 39.89
CA ALA B 344 -18.73 -5.41 39.77
C ALA B 344 -18.03 -5.66 41.09
N GLU B 345 -18.68 -5.27 42.21
CA GLU B 345 -18.17 -5.56 43.54
C GLU B 345 -17.91 -7.05 43.78
N LYS B 346 -18.78 -7.90 43.25
CA LYS B 346 -18.65 -9.34 43.40
C LYS B 346 -17.47 -9.89 42.61
N LEU B 347 -17.22 -9.33 41.42
CA LEU B 347 -16.11 -9.79 40.59
C LEU B 347 -14.76 -9.23 41.02
N THR B 348 -14.71 -7.92 41.25
CA THR B 348 -13.46 -7.20 41.42
C THR B 348 -12.95 -7.18 42.86
N GLY B 349 -13.87 -7.41 43.81
CA GLY B 349 -13.54 -7.32 45.22
C GLY B 349 -13.43 -5.89 45.75
N ILE B 350 -13.80 -4.90 44.91
CA ILE B 350 -13.84 -3.51 45.32
C ILE B 350 -15.26 -3.18 45.76
N ASP B 351 -15.39 -2.53 46.93
CA ASP B 351 -16.69 -2.15 47.45
C ASP B 351 -17.42 -1.30 46.42
N ALA B 352 -18.71 -1.59 46.18
CA ALA B 352 -19.49 -0.87 45.20
C ALA B 352 -19.38 0.64 45.40
N GLU B 353 -19.42 1.09 46.66
CA GLU B 353 -19.40 2.52 46.93
C GLU B 353 -18.06 3.16 46.58
N THR B 354 -16.97 2.41 46.74
CA THR B 354 -15.66 2.83 46.27
C THR B 354 -15.64 2.96 44.74
N ILE B 355 -16.27 2.01 44.06
CA ILE B 355 -16.40 2.08 42.61
C ILE B 355 -17.11 3.37 42.22
N ARG B 356 -18.21 3.71 42.91
CA ARG B 356 -18.97 4.90 42.60
C ARG B 356 -18.16 6.16 42.91
N GLY B 357 -17.43 6.12 44.03
CA GLY B 357 -16.55 7.21 44.42
C GLY B 357 -15.47 7.50 43.39
N LEU B 358 -14.92 6.42 42.79
CA LEU B 358 -13.89 6.53 41.77
C LEU B 358 -14.44 7.24 40.53
N ALA B 359 -15.60 6.78 40.05
CA ALA B 359 -16.29 7.41 38.93
C ALA B 359 -16.51 8.89 39.18
N ARG B 360 -17.02 9.22 40.38
CA ARG B 360 -17.37 10.60 40.72
C ARG B 360 -16.13 11.49 40.75
N GLN B 361 -15.04 10.97 41.32
CA GLN B 361 -13.79 11.71 41.37
C GLN B 361 -13.21 11.93 39.97
N MET B 362 -13.32 10.92 39.10
CA MET B 362 -12.78 11.04 37.76
C MET B 362 -13.53 12.10 36.95
N ALA B 363 -14.85 12.20 37.20
CA ALA B 363 -15.69 13.16 36.50
C ALA B 363 -15.58 14.57 37.10
N ALA B 364 -15.19 14.67 38.37
CA ALA B 364 -15.29 15.92 39.12
C ALA B 364 -14.28 16.98 38.70
N ASN B 365 -13.15 16.54 38.13
CA ASN B 365 -12.08 17.46 37.73
C ASN B 365 -11.30 16.85 36.56
N ARG B 366 -10.21 17.53 36.18
CA ARG B 366 -9.36 17.10 35.08
C ARG B 366 -8.65 15.80 35.47
N THR B 367 -8.87 14.75 34.67
CA THR B 367 -8.42 13.41 34.98
C THR B 367 -7.63 12.80 33.81
N GLN B 368 -6.39 12.38 34.09
CA GLN B 368 -5.54 11.70 33.13
C GLN B 368 -5.56 10.20 33.38
N ILE B 369 -5.98 9.43 32.37
CA ILE B 369 -5.84 7.99 32.43
C ILE B 369 -4.50 7.61 31.83
N ILE B 370 -3.72 6.88 32.64
CA ILE B 370 -2.44 6.32 32.21
C ILE B 370 -2.65 4.81 32.22
N ALA B 371 -2.82 4.24 31.02
CA ALA B 371 -3.00 2.80 30.87
C ALA B 371 -1.69 2.16 30.42
N GLY B 372 -1.29 1.08 31.10
CA GLY B 372 -0.12 0.30 30.71
C GLY B 372 -0.45 -0.74 29.65
N TRP B 373 0.45 -1.74 29.51
CA TRP B 373 0.26 -2.80 28.54
C TRP B 373 -0.07 -4.16 29.13
N CYS B 374 0.19 -4.33 30.42
CA CYS B 374 0.12 -5.65 31.03
C CYS B 374 -1.30 -6.22 30.95
N VAL B 375 -2.28 -5.35 31.13
CA VAL B 375 -3.67 -5.80 31.25
C VAL B 375 -4.22 -6.24 29.90
N GLN B 376 -3.54 -5.90 28.80
CA GLN B 376 -3.93 -6.45 27.50
C GLN B 376 -3.09 -7.65 27.11
N ARG B 377 -2.10 -8.03 27.94
CA ARG B 377 -1.28 -9.21 27.71
C ARG B 377 -1.88 -10.38 28.47
N MET B 378 -3.18 -10.58 28.28
CA MET B 378 -3.96 -11.62 28.94
C MET B 378 -5.15 -11.88 28.04
N GLN B 379 -5.91 -12.94 28.35
CA GLN B 379 -7.00 -13.38 27.49
C GLN B 379 -8.01 -12.26 27.30
N HIS B 380 -8.47 -12.06 26.07
CA HIS B 380 -9.40 -11.01 25.72
C HIS B 380 -8.88 -9.61 26.05
N GLY B 381 -7.56 -9.42 25.95
CA GLY B 381 -6.93 -8.15 26.28
C GLY B 381 -7.44 -6.94 25.50
N GLU B 382 -7.99 -7.19 24.30
CA GLU B 382 -8.61 -6.15 23.51
C GLU B 382 -9.77 -5.45 24.22
N GLN B 383 -10.54 -6.22 25.01
CA GLN B 383 -11.67 -5.67 25.73
C GLN B 383 -11.27 -4.54 26.70
N TRP B 384 -10.23 -4.79 27.50
CA TRP B 384 -9.74 -3.78 28.44
C TRP B 384 -9.24 -2.51 27.75
N ALA B 385 -8.46 -2.68 26.68
CA ALA B 385 -7.93 -1.54 25.94
C ALA B 385 -9.06 -0.69 25.37
N TRP B 386 -10.05 -1.36 24.76
CA TRP B 386 -11.22 -0.72 24.18
C TRP B 386 -11.97 0.09 25.23
N MET B 387 -12.19 -0.51 26.42
CA MET B 387 -12.91 0.14 27.50
C MET B 387 -12.15 1.32 28.10
N ILE B 388 -10.80 1.35 27.98
CA ILE B 388 -10.07 2.54 28.38
C ILE B 388 -10.58 3.71 27.54
N VAL B 389 -10.70 3.51 26.24
CA VAL B 389 -11.19 4.52 25.31
C VAL B 389 -12.62 4.94 25.61
N VAL B 390 -13.50 3.94 25.76
CA VAL B 390 -14.91 4.19 26.03
C VAL B 390 -15.05 5.02 27.29
N LEU B 391 -14.36 4.62 28.36
CA LEU B 391 -14.44 5.32 29.64
C LEU B 391 -13.95 6.75 29.49
N ALA B 392 -12.84 6.95 28.76
CA ALA B 392 -12.33 8.28 28.53
C ALA B 392 -13.31 9.12 27.70
N ALA B 393 -13.99 8.47 26.75
CA ALA B 393 -15.01 9.13 25.95
C ALA B 393 -16.17 9.61 26.81
N MET B 394 -16.65 8.74 27.71
CA MET B 394 -17.75 9.08 28.60
C MET B 394 -17.41 10.23 29.55
N LEU B 395 -16.13 10.33 29.94
CA LEU B 395 -15.65 11.44 30.75
C LEU B 395 -15.55 12.72 29.92
N GLY B 396 -15.31 12.58 28.61
CA GLY B 396 -15.37 13.68 27.67
C GLY B 396 -14.18 14.63 27.70
N GLN B 397 -13.07 14.19 28.30
CA GLN B 397 -11.89 15.01 28.43
C GLN B 397 -10.79 14.69 27.42
N ILE B 398 -11.07 13.77 26.48
CA ILE B 398 -10.13 13.46 25.42
C ILE B 398 -9.73 14.71 24.63
N GLY B 399 -8.42 14.91 24.47
CA GLY B 399 -7.87 16.05 23.75
C GLY B 399 -7.58 17.27 24.62
N LEU B 400 -7.82 17.15 25.93
CA LEU B 400 -7.48 18.19 26.88
C LEU B 400 -6.10 17.92 27.47
N PRO B 401 -5.32 18.98 27.79
CA PRO B 401 -4.06 18.79 28.50
C PRO B 401 -4.26 18.19 29.88
N GLY B 402 -3.66 17.03 30.13
CA GLY B 402 -3.86 16.30 31.36
C GLY B 402 -5.25 15.67 31.52
N GLY B 403 -6.00 15.62 30.41
CA GLY B 403 -7.25 14.89 30.36
C GLY B 403 -7.21 13.76 29.34
N GLY B 404 -8.22 12.89 29.39
CA GLY B 404 -8.36 11.83 28.39
C GLY B 404 -7.57 10.58 28.78
N PHE B 405 -6.91 9.98 27.79
CA PHE B 405 -6.19 8.74 28.01
C PHE B 405 -4.95 8.65 27.13
N GLY B 406 -4.09 7.70 27.48
CA GLY B 406 -3.04 7.21 26.59
C GLY B 406 -2.46 5.91 27.14
N PHE B 407 -1.75 5.19 26.26
CA PHE B 407 -1.13 3.90 26.57
C PHE B 407 0.40 3.90 26.54
N GLY B 408 1.01 5.01 26.13
CA GLY B 408 2.44 5.05 25.86
C GLY B 408 3.33 5.53 27.01
N TRP B 409 2.72 5.80 28.18
CA TRP B 409 3.32 6.60 29.22
C TRP B 409 4.59 6.02 29.86
N HIS B 410 4.68 4.69 29.90
CA HIS B 410 5.77 4.01 30.56
C HIS B 410 6.91 3.71 29.59
N TYR B 411 6.76 4.14 28.33
CA TYR B 411 7.65 3.76 27.24
C TYR B 411 8.37 4.93 26.60
N ASN B 412 9.68 4.76 26.37
CA ASN B 412 10.48 5.64 25.54
C ASN B 412 10.48 7.11 25.98
N GLY B 413 10.41 7.33 27.29
CA GLY B 413 10.41 8.67 27.85
C GLY B 413 9.23 9.52 27.41
N ALA B 414 8.13 8.85 27.05
CA ALA B 414 6.90 9.51 26.63
C ALA B 414 6.51 10.62 27.61
N GLY B 415 6.02 11.74 27.06
CA GLY B 415 5.67 12.91 27.85
C GLY B 415 6.81 13.90 28.01
N THR B 416 8.01 13.51 27.57
CA THR B 416 9.14 14.43 27.45
C THR B 416 8.95 15.23 26.17
N PRO B 417 8.96 16.58 26.23
CA PRO B 417 8.82 17.38 25.02
C PRO B 417 9.81 16.99 23.94
N GLY B 418 9.30 16.69 22.75
CA GLY B 418 10.12 16.27 21.62
C GLY B 418 10.84 17.45 20.97
N ARG B 419 12.16 17.30 20.82
CA ARG B 419 12.98 18.34 20.21
C ARG B 419 12.94 18.23 18.70
N LYS B 420 13.35 19.31 18.01
CA LYS B 420 13.37 19.37 16.56
C LYS B 420 14.74 18.90 16.09
N GLY B 421 14.88 17.57 15.99
CA GLY B 421 16.17 16.95 15.74
C GLY B 421 16.23 16.11 14.47
N VAL B 422 17.17 15.16 14.46
CA VAL B 422 17.36 14.22 13.37
C VAL B 422 17.18 12.81 13.93
N ILE B 423 16.51 11.95 13.16
CA ILE B 423 16.36 10.54 13.46
C ILE B 423 17.08 9.77 12.35
N LEU B 424 18.09 8.99 12.73
CA LEU B 424 18.83 8.15 11.79
C LEU B 424 17.97 6.95 11.42
N SER B 425 18.21 6.41 10.22
CA SER B 425 17.61 5.15 9.82
C SER B 425 18.73 4.14 9.64
N GLY B 426 18.51 2.96 10.23
CA GLY B 426 19.56 1.97 10.38
C GLY B 426 19.67 1.03 9.17
N PHE B 427 20.50 0.00 9.35
CA PHE B 427 20.62 -1.08 8.37
C PHE B 427 19.28 -1.80 8.32
N SER B 428 18.63 -1.71 7.16
CA SER B 428 17.33 -2.31 6.94
C SER B 428 17.46 -3.75 6.47
N GLY B 429 16.46 -4.58 6.80
CA GLY B 429 16.38 -5.93 6.27
C GLY B 429 16.00 -6.00 4.80
N SER B 430 15.52 -4.90 4.22
CA SER B 430 14.87 -4.95 2.91
C SER B 430 15.86 -5.11 1.76
N THR B 431 15.47 -5.89 0.75
CA THR B 431 16.33 -6.16 -0.39
C THR B 431 15.75 -5.62 -1.69
N SER B 432 16.61 -5.47 -2.70
CA SER B 432 16.22 -4.96 -4.02
C SER B 432 15.89 -6.06 -5.03
N ILE B 433 16.54 -7.21 -4.86
CA ILE B 433 16.53 -8.28 -5.85
C ILE B 433 15.72 -9.47 -5.34
N PRO B 434 15.17 -10.31 -6.24
CA PRO B 434 14.45 -11.50 -5.79
C PRO B 434 15.36 -12.51 -5.11
N PRO B 435 14.84 -13.37 -4.21
CA PRO B 435 15.66 -14.41 -3.62
C PRO B 435 16.21 -15.38 -4.67
N VAL B 436 17.30 -16.07 -4.33
CA VAL B 436 17.89 -17.06 -5.22
C VAL B 436 16.86 -18.16 -5.51
N HIS B 437 16.14 -18.59 -4.47
CA HIS B 437 14.95 -19.43 -4.63
C HIS B 437 13.67 -18.60 -4.56
N ASP B 438 13.12 -18.27 -5.74
CA ASP B 438 11.97 -17.38 -5.84
C ASP B 438 10.69 -18.18 -6.06
N ASN B 439 10.56 -19.26 -5.28
CA ASN B 439 9.35 -20.06 -5.19
C ASN B 439 8.45 -19.48 -4.11
N SER B 440 7.22 -19.12 -4.48
CA SER B 440 6.23 -18.65 -3.52
C SER B 440 5.13 -19.69 -3.32
N ASP B 441 5.50 -20.96 -3.38
CA ASP B 441 4.55 -22.06 -3.19
C ASP B 441 4.50 -22.45 -1.71
N TYR B 442 3.57 -21.85 -0.97
CA TYR B 442 3.34 -22.21 0.43
C TYR B 442 2.36 -23.36 0.59
N LYS B 443 2.06 -24.06 -0.52
CA LYS B 443 1.29 -25.30 -0.52
C LYS B 443 -0.12 -25.18 0.06
N GLY B 444 -0.71 -23.99 -0.06
CA GLY B 444 -2.05 -23.74 0.46
C GLY B 444 -2.11 -23.32 1.93
N TYR B 445 -0.94 -23.14 2.56
CA TYR B 445 -0.85 -22.60 3.91
C TYR B 445 -0.62 -21.10 3.83
N SER B 446 -0.89 -20.39 4.94
CA SER B 446 -0.72 -18.95 4.98
C SER B 446 0.74 -18.57 5.13
N SER B 447 1.12 -17.46 4.51
CA SER B 447 2.50 -16.99 4.48
C SER B 447 2.82 -16.00 5.58
N THR B 448 1.77 -15.48 6.26
CA THR B 448 1.94 -14.69 7.46
C THR B 448 0.97 -15.20 8.53
N ILE B 449 1.47 -15.30 9.77
CA ILE B 449 0.65 -15.73 10.89
C ILE B 449 0.87 -14.76 12.04
N PRO B 450 -0.03 -14.74 13.07
CA PRO B 450 0.28 -14.00 14.28
C PRO B 450 1.53 -14.55 14.96
N ILE B 451 2.38 -13.64 15.46
CA ILE B 451 3.67 -14.00 16.04
C ILE B 451 3.58 -15.12 17.10
N ALA B 452 2.58 -15.03 17.98
CA ALA B 452 2.48 -15.97 19.09
C ALA B 452 1.86 -17.30 18.71
N ARG B 453 1.51 -17.49 17.43
CA ARG B 453 0.89 -18.73 16.99
C ARG B 453 1.89 -19.72 16.39
N PHE B 454 3.19 -19.44 16.51
CA PHE B 454 4.19 -20.20 15.78
C PHE B 454 4.35 -21.63 16.29
N ILE B 455 4.19 -21.84 17.61
CA ILE B 455 4.17 -23.18 18.16
C ILE B 455 2.91 -23.94 17.76
N ASP B 456 1.74 -23.27 17.82
CA ASP B 456 0.49 -23.85 17.33
C ASP B 456 0.62 -24.31 15.89
N ALA B 457 1.37 -23.55 15.09
CA ALA B 457 1.65 -23.90 13.69
C ALA B 457 2.41 -25.22 13.56
N ILE B 458 3.41 -25.40 14.41
CA ILE B 458 4.22 -26.61 14.40
C ILE B 458 3.39 -27.81 14.87
N LEU B 459 2.66 -27.63 15.97
CA LEU B 459 1.88 -28.72 16.56
C LEU B 459 0.53 -28.99 15.88
N GLU B 460 -0.08 -27.97 15.26
CA GLU B 460 -1.38 -28.11 14.65
C GLU B 460 -1.38 -27.60 13.20
N PRO B 461 -0.47 -28.08 12.33
CA PRO B 461 -0.39 -27.56 10.96
C PRO B 461 -1.66 -27.79 10.16
N GLY B 462 -2.03 -26.79 9.34
CA GLY B 462 -3.29 -26.82 8.60
C GLY B 462 -4.50 -26.32 9.40
N LYS B 463 -4.32 -26.08 10.70
CA LYS B 463 -5.38 -25.47 11.49
C LYS B 463 -5.74 -24.12 10.87
N VAL B 464 -7.04 -23.86 10.76
CA VAL B 464 -7.52 -22.60 10.22
C VAL B 464 -8.07 -21.77 11.38
N ILE B 465 -7.60 -20.53 11.50
CA ILE B 465 -8.03 -19.64 12.55
C ILE B 465 -8.36 -18.26 11.97
N ASN B 466 -9.25 -17.54 12.66
CA ASN B 466 -9.57 -16.17 12.32
C ASN B 466 -8.52 -15.24 12.91
N TRP B 467 -8.27 -14.11 12.22
CA TRP B 467 -7.31 -13.11 12.64
C TRP B 467 -7.72 -11.74 12.12
N ASN B 468 -8.31 -10.91 12.98
CA ASN B 468 -8.61 -9.52 12.67
C ASN B 468 -9.38 -9.35 11.36
N GLY B 469 -10.36 -10.22 11.11
CA GLY B 469 -11.20 -10.16 9.92
C GLY B 469 -10.73 -11.00 8.72
N LYS B 470 -9.62 -11.71 8.89
CA LYS B 470 -9.06 -12.55 7.84
C LYS B 470 -8.99 -13.99 8.34
N SER B 471 -8.88 -14.94 7.39
CA SER B 471 -8.71 -16.35 7.69
C SER B 471 -7.25 -16.75 7.53
N VAL B 472 -6.70 -17.52 8.48
CA VAL B 472 -5.31 -17.95 8.42
C VAL B 472 -5.19 -19.47 8.55
N LYS B 473 -4.35 -20.09 7.73
CA LYS B 473 -4.08 -21.52 7.81
C LYS B 473 -2.63 -21.71 8.23
N LEU B 474 -2.43 -22.27 9.44
CA LEU B 474 -1.11 -22.35 10.04
C LEU B 474 -0.22 -23.31 9.25
N PRO B 475 1.00 -22.87 8.86
CA PRO B 475 1.89 -23.70 8.06
C PRO B 475 2.68 -24.73 8.88
N PRO B 476 3.08 -25.87 8.26
CA PRO B 476 3.92 -26.85 8.95
C PRO B 476 5.40 -26.45 8.98
N LEU B 477 5.78 -25.70 10.02
CA LEU B 477 7.14 -25.20 10.14
C LEU B 477 8.07 -26.38 10.45
N LYS B 478 9.28 -26.34 9.89
CA LYS B 478 10.29 -27.37 10.06
C LYS B 478 11.65 -26.82 10.52
N MET B 479 11.89 -25.52 10.29
CA MET B 479 13.18 -24.92 10.60
C MET B 479 12.96 -23.51 11.12
N CYS B 480 13.50 -23.23 12.31
CA CYS B 480 13.38 -21.93 12.95
C CYS B 480 14.76 -21.35 13.20
N ILE B 481 14.88 -20.03 12.97
CA ILE B 481 16.11 -19.31 13.23
C ILE B 481 15.78 -18.14 14.17
N PHE B 482 16.58 -18.01 15.23
CA PHE B 482 16.37 -16.97 16.22
C PHE B 482 17.63 -16.09 16.31
N ALA B 483 17.45 -14.79 16.07
CA ALA B 483 18.54 -13.84 16.18
C ALA B 483 18.05 -12.56 16.88
N GLY B 484 18.53 -12.34 18.10
CA GLY B 484 18.12 -11.18 18.89
C GLY B 484 16.78 -11.35 19.61
N THR B 485 16.31 -12.60 19.71
CA THR B 485 15.16 -12.94 20.53
C THR B 485 15.45 -14.25 21.24
N ASN B 486 14.80 -14.44 22.40
CA ASN B 486 15.00 -15.62 23.23
C ASN B 486 13.66 -16.33 23.47
N PRO B 487 13.25 -17.26 22.57
CA PRO B 487 11.93 -17.87 22.62
C PRO B 487 11.58 -18.52 23.96
N PHE B 488 12.57 -19.14 24.62
CA PHE B 488 12.36 -19.75 25.92
C PHE B 488 12.29 -18.72 27.05
N HIS B 489 12.55 -17.45 26.73
CA HIS B 489 12.07 -16.35 27.56
C HIS B 489 10.71 -15.82 27.10
N ARG B 490 10.57 -15.61 25.78
CA ARG B 490 9.51 -14.79 25.23
C ARG B 490 8.14 -15.47 25.19
N HIS B 491 8.12 -16.72 24.73
CA HIS B 491 6.88 -17.40 24.45
C HIS B 491 6.37 -18.13 25.68
N GLN B 492 5.10 -18.57 25.62
CA GLN B 492 4.41 -19.14 26.75
C GLN B 492 4.32 -20.66 26.74
N GLN B 493 4.27 -21.24 27.94
CA GLN B 493 4.02 -22.66 28.16
C GLN B 493 5.19 -23.49 27.63
N ILE B 494 6.32 -23.40 28.34
CA ILE B 494 7.58 -23.96 27.86
C ILE B 494 7.53 -25.47 27.62
N ASN B 495 6.76 -26.22 28.42
CA ASN B 495 6.65 -27.66 28.21
C ASN B 495 5.99 -27.99 26.87
N ARG B 496 5.10 -27.10 26.41
CA ARG B 496 4.50 -27.25 25.10
C ARG B 496 5.46 -26.83 23.99
N ILE B 497 6.22 -25.75 24.24
CA ILE B 497 7.31 -25.36 23.35
C ILE B 497 8.25 -26.53 23.13
N ILE B 498 8.60 -27.24 24.22
CA ILE B 498 9.44 -28.41 24.13
C ILE B 498 8.85 -29.42 23.14
N GLU B 499 7.55 -29.72 23.28
CA GLU B 499 6.89 -30.65 22.38
C GLU B 499 6.89 -30.11 20.95
N GLY B 500 6.73 -28.80 20.79
CA GLY B 500 6.77 -28.16 19.48
C GLY B 500 8.12 -28.29 18.79
N LEU B 501 9.19 -27.98 19.52
CA LEU B 501 10.53 -28.11 18.99
C LEU B 501 10.82 -29.54 18.53
N ARG B 502 10.29 -30.54 19.23
CA ARG B 502 10.58 -31.93 18.90
C ARG B 502 10.04 -32.35 17.53
N LYS B 503 9.16 -31.52 16.95
CA LYS B 503 8.70 -31.72 15.59
C LYS B 503 9.55 -30.97 14.57
N LEU B 504 10.49 -30.15 15.05
CA LEU B 504 11.36 -29.41 14.14
C LEU B 504 12.57 -30.23 13.70
N GLU B 505 12.96 -30.02 12.43
CA GLU B 505 14.15 -30.62 11.85
C GLU B 505 15.41 -29.88 12.27
N THR B 506 15.34 -28.55 12.26
CA THR B 506 16.52 -27.72 12.48
C THR B 506 16.14 -26.46 13.26
N VAL B 507 16.97 -26.15 14.26
CA VAL B 507 16.82 -24.95 15.08
C VAL B 507 18.18 -24.25 15.12
N ILE B 508 18.21 -22.98 14.70
CA ILE B 508 19.43 -22.20 14.76
C ILE B 508 19.24 -20.98 15.68
N ALA B 509 20.22 -20.77 16.56
CA ALA B 509 20.22 -19.64 17.48
C ALA B 509 21.52 -18.85 17.33
N ILE B 510 21.39 -17.52 17.26
CA ILE B 510 22.54 -16.63 17.21
C ILE B 510 22.37 -15.62 18.33
N ASP B 511 23.35 -15.53 19.24
CA ASP B 511 23.24 -14.71 20.44
C ASP B 511 24.61 -14.58 21.08
N ASN B 512 24.74 -13.70 22.07
CA ASN B 512 26.00 -13.50 22.76
C ASN B 512 26.07 -14.16 24.14
N GLN B 513 24.96 -14.71 24.61
CA GLN B 513 24.92 -15.50 25.84
C GLN B 513 24.28 -16.86 25.58
N TRP B 514 24.77 -17.88 26.30
CA TRP B 514 24.18 -19.21 26.25
C TRP B 514 22.84 -19.23 26.99
N THR B 515 21.80 -18.80 26.29
CA THR B 515 20.45 -18.79 26.80
C THR B 515 19.84 -20.18 26.80
N SER B 516 18.66 -20.29 27.43
CA SER B 516 17.81 -21.47 27.37
C SER B 516 17.46 -21.84 25.93
N THR B 517 17.32 -20.83 25.07
CA THR B 517 17.10 -21.06 23.64
C THR B 517 18.29 -21.81 23.05
N CYS B 518 19.50 -21.34 23.36
CA CYS B 518 20.72 -21.95 22.89
C CYS B 518 20.81 -23.41 23.35
N ARG B 519 20.45 -23.65 24.62
CA ARG B 519 20.40 -25.00 25.15
C ARG B 519 19.50 -25.96 24.38
N PHE B 520 18.45 -25.42 23.73
CA PHE B 520 17.50 -26.23 22.97
C PHE B 520 17.69 -26.14 21.45
N ALA B 521 18.85 -25.65 21.01
CA ALA B 521 19.12 -25.45 19.60
C ALA B 521 19.89 -26.62 19.00
N ASP B 522 20.08 -26.58 17.67
CA ASP B 522 20.94 -27.51 16.98
C ASP B 522 22.27 -26.85 16.63
N ILE B 523 22.18 -25.65 16.04
CA ILE B 523 23.35 -24.84 15.76
C ILE B 523 23.26 -23.55 16.57
N VAL B 524 24.33 -23.23 17.31
CA VAL B 524 24.43 -21.99 18.05
C VAL B 524 25.64 -21.22 17.53
N LEU B 525 25.43 -19.95 17.15
CA LEU B 525 26.48 -19.11 16.62
C LEU B 525 26.73 -17.96 17.58
N PRO B 526 27.99 -17.70 17.99
CA PRO B 526 28.30 -16.61 18.90
C PRO B 526 28.33 -15.24 18.22
N ALA B 527 27.31 -14.42 18.53
CA ALA B 527 27.32 -13.00 18.20
C ALA B 527 28.08 -12.23 19.28
N THR B 528 28.58 -11.05 18.90
CA THR B 528 29.13 -10.09 19.85
C THR B 528 28.07 -9.37 20.67
N THR B 529 28.51 -8.74 21.77
CA THR B 529 27.75 -7.67 22.39
C THR B 529 28.10 -6.38 21.63
N GLN B 530 27.23 -5.37 21.80
CA GLN B 530 27.45 -4.04 21.25
C GLN B 530 28.71 -3.37 21.80
N PHE B 531 29.23 -3.89 22.91
CA PHE B 531 30.42 -3.34 23.53
C PHE B 531 31.69 -3.81 22.83
N GLU B 532 31.58 -4.70 21.84
CA GLU B 532 32.74 -5.10 21.07
C GLU B 532 32.61 -4.73 19.59
N ARG B 533 31.93 -3.62 19.34
CA ARG B 533 31.72 -3.10 17.99
C ARG B 533 31.49 -1.58 18.05
N ASN B 534 31.56 -0.94 16.88
CA ASN B 534 31.26 0.48 16.76
C ASN B 534 29.87 0.66 16.15
N ASP B 535 29.16 1.72 16.57
CA ASP B 535 27.84 2.00 16.03
C ASP B 535 27.39 3.43 16.33
N LEU B 536 26.19 3.78 15.88
CA LEU B 536 25.51 5.02 16.22
C LEU B 536 24.13 4.73 16.80
N ASP B 537 23.63 5.63 17.65
CA ASP B 537 22.26 5.53 18.15
C ASP B 537 21.66 6.89 18.51
N GLN B 538 20.33 6.94 18.53
CA GLN B 538 19.61 8.07 19.09
C GLN B 538 19.91 8.12 20.58
N TYR B 539 20.03 9.34 21.12
CA TYR B 539 20.01 9.55 22.56
C TYR B 539 18.66 10.18 22.89
N GLY B 540 17.82 9.40 23.59
CA GLY B 540 16.45 9.78 23.85
C GLY B 540 15.55 9.27 22.73
N ASN B 541 14.27 9.04 23.04
CA ASN B 541 13.35 8.46 22.08
C ASN B 541 12.31 9.52 21.69
N HIS B 542 11.23 9.64 22.48
CA HIS B 542 10.21 10.63 22.19
C HIS B 542 10.76 12.05 22.36
N SER B 543 11.76 12.22 23.22
CA SER B 543 12.44 13.49 23.39
C SER B 543 13.27 13.92 22.18
N ASN B 544 13.70 12.94 21.37
CA ASN B 544 14.66 13.16 20.29
C ASN B 544 15.75 14.11 20.76
N ARG B 545 16.32 13.84 21.94
CA ARG B 545 17.25 14.77 22.57
C ARG B 545 18.56 14.91 21.81
N GLY B 546 19.14 13.78 21.38
CA GLY B 546 20.46 13.79 20.76
C GLY B 546 20.81 12.55 19.97
N ILE B 547 22.10 12.43 19.64
CA ILE B 547 22.67 11.27 18.97
C ILE B 547 24.03 11.02 19.61
N ILE B 548 24.35 9.73 19.83
CA ILE B 548 25.59 9.32 20.45
C ILE B 548 26.37 8.38 19.54
N ALA B 549 27.70 8.45 19.64
CA ALA B 549 28.58 7.48 19.04
C ALA B 549 28.62 6.31 20.02
N MET B 550 28.57 5.09 19.48
CA MET B 550 28.86 3.91 20.27
C MET B 550 30.27 3.44 19.89
N LYS B 551 31.24 3.83 20.72
CA LYS B 551 32.63 3.44 20.49
C LYS B 551 32.87 2.04 21.05
N GLN B 552 33.62 1.22 20.29
CA GLN B 552 34.04 -0.10 20.73
C GLN B 552 34.78 -0.06 22.07
N VAL B 553 34.38 -0.92 23.01
CA VAL B 553 34.97 -0.96 24.33
C VAL B 553 36.11 -1.98 24.39
N VAL B 554 35.82 -3.22 23.96
CA VAL B 554 36.83 -4.27 23.89
C VAL B 554 36.76 -4.94 22.53
N PRO B 555 37.81 -5.69 22.10
CA PRO B 555 37.73 -6.48 20.88
C PRO B 555 36.72 -7.62 20.95
N PRO B 556 36.25 -8.17 19.81
CA PRO B 556 35.41 -9.37 19.85
C PRO B 556 36.00 -10.44 20.76
N GLN B 557 35.19 -10.91 21.72
CA GLN B 557 35.63 -11.89 22.71
C GLN B 557 35.58 -13.28 22.08
N PHE B 558 36.66 -14.06 22.28
CA PHE B 558 36.76 -15.41 21.77
C PHE B 558 36.57 -15.37 20.26
N GLU B 559 35.71 -16.23 19.70
CA GLU B 559 35.39 -16.24 18.30
C GLU B 559 34.01 -15.64 17.98
N ALA B 560 33.48 -14.80 18.88
CA ALA B 560 32.22 -14.13 18.65
C ALA B 560 32.38 -13.12 17.52
N ARG B 561 31.34 -13.00 16.69
CA ARG B 561 31.32 -12.09 15.55
C ARG B 561 30.07 -11.22 15.58
N ASN B 562 30.20 -9.98 15.09
CA ASN B 562 29.06 -9.13 14.81
C ASN B 562 28.12 -9.87 13.86
N ASP B 563 26.80 -9.73 14.07
CA ASP B 563 25.84 -10.40 13.21
C ASP B 563 26.09 -10.08 11.73
N PHE B 564 26.52 -8.84 11.45
CA PHE B 564 26.83 -8.42 10.10
C PHE B 564 27.78 -9.41 9.42
N ASP B 565 28.83 -9.81 10.14
CA ASP B 565 29.86 -10.68 9.61
C ASP B 565 29.40 -12.13 9.50
N ILE B 566 28.51 -12.55 10.42
CA ILE B 566 27.91 -13.87 10.34
C ILE B 566 27.13 -14.02 9.04
N PHE B 567 26.19 -13.09 8.81
CA PHE B 567 25.25 -13.19 7.72
C PHE B 567 25.87 -12.83 6.36
N ARG B 568 26.87 -11.95 6.39
CA ARG B 568 27.70 -11.67 5.22
C ARG B 568 28.36 -12.96 4.71
N GLU B 569 29.01 -13.69 5.62
CA GLU B 569 29.69 -14.92 5.29
C GLU B 569 28.71 -16.01 4.84
N LEU B 570 27.51 -16.04 5.46
CA LEU B 570 26.46 -16.95 5.02
C LEU B 570 26.06 -16.65 3.58
N CYS B 571 25.88 -15.36 3.27
CA CYS B 571 25.40 -14.93 1.96
C CYS B 571 26.41 -15.24 0.86
N ARG B 572 27.70 -15.30 1.23
CA ARG B 572 28.75 -15.68 0.31
C ARG B 572 28.54 -17.07 -0.26
N ARG B 573 27.94 -17.98 0.54
CA ARG B 573 27.68 -19.34 0.11
C ARG B 573 26.75 -19.44 -1.11
N PHE B 574 25.83 -18.49 -1.27
CA PHE B 574 24.94 -18.47 -2.42
C PHE B 574 25.15 -17.20 -3.28
N ASN B 575 26.38 -16.70 -3.28
CA ASN B 575 26.80 -15.60 -4.14
C ASN B 575 25.99 -14.32 -3.99
N ARG B 576 25.73 -13.91 -2.74
CA ARG B 576 24.97 -12.70 -2.48
C ARG B 576 25.61 -11.82 -1.40
N GLU B 577 26.91 -11.97 -1.19
CA GLU B 577 27.61 -11.19 -0.19
C GLU B 577 27.50 -9.70 -0.49
N GLU B 578 27.64 -9.34 -1.78
CA GLU B 578 27.65 -7.96 -2.22
C GLU B 578 26.27 -7.31 -2.05
N ALA B 579 25.23 -8.07 -2.41
CA ALA B 579 23.85 -7.62 -2.24
C ALA B 579 23.49 -7.41 -0.78
N PHE B 580 24.17 -8.12 0.13
CA PHE B 580 23.95 -7.98 1.57
C PHE B 580 24.67 -6.78 2.17
N THR B 581 25.96 -6.64 1.85
CA THR B 581 26.82 -5.60 2.42
C THR B 581 26.64 -4.25 1.74
N GLU B 582 26.16 -4.28 0.48
CA GLU B 582 26.11 -3.10 -0.38
C GLU B 582 27.50 -2.48 -0.54
N GLY B 583 28.53 -3.33 -0.50
CA GLY B 583 29.91 -2.92 -0.70
C GLY B 583 30.54 -2.11 0.43
N LEU B 584 29.97 -2.20 1.64
CA LEU B 584 30.43 -1.41 2.76
C LEU B 584 30.73 -2.28 3.98
N ASP B 585 31.73 -1.86 4.76
CA ASP B 585 32.06 -2.47 6.04
C ASP B 585 31.39 -1.64 7.14
N GLU B 586 31.84 -1.83 8.39
CA GLU B 586 31.19 -1.18 9.52
C GLU B 586 31.28 0.34 9.42
N MET B 587 32.50 0.87 9.27
CA MET B 587 32.71 2.30 9.37
C MET B 587 32.15 3.00 8.12
N GLY B 588 32.12 2.27 7.00
CA GLY B 588 31.47 2.74 5.79
C GLY B 588 29.96 2.90 5.97
N TRP B 589 29.33 1.86 6.53
CA TRP B 589 27.91 1.91 6.85
C TRP B 589 27.57 3.01 7.86
N LEU B 590 28.41 3.20 8.87
CA LEU B 590 28.18 4.25 9.85
C LEU B 590 28.24 5.63 9.19
N LYS B 591 29.21 5.82 8.29
CA LYS B 591 29.29 7.04 7.50
C LYS B 591 28.05 7.23 6.64
N ARG B 592 27.56 6.15 6.01
CA ARG B 592 26.35 6.20 5.21
C ARG B 592 25.14 6.62 6.03
N ILE B 593 24.98 6.03 7.22
CA ILE B 593 23.85 6.33 8.08
C ILE B 593 23.90 7.78 8.54
N TRP B 594 25.08 8.23 8.98
CA TRP B 594 25.28 9.61 9.38
C TRP B 594 24.94 10.61 8.27
N GLN B 595 25.46 10.36 7.07
CA GLN B 595 25.26 11.25 5.93
C GLN B 595 23.79 11.38 5.53
N GLU B 596 23.05 10.27 5.51
CA GLU B 596 21.61 10.31 5.35
C GLU B 596 21.00 11.18 6.44
N GLY B 597 21.54 11.06 7.66
CA GLY B 597 21.15 11.92 8.77
C GLY B 597 21.40 13.40 8.47
N VAL B 598 22.60 13.70 7.97
CA VAL B 598 22.97 15.06 7.59
C VAL B 598 22.01 15.62 6.54
N GLN B 599 21.67 14.79 5.55
CA GLN B 599 20.75 15.17 4.49
C GLN B 599 19.31 15.41 4.99
N GLN B 600 18.87 14.61 5.96
CA GLN B 600 17.56 14.80 6.57
C GLN B 600 17.54 16.12 7.35
N GLY B 601 18.62 16.38 8.08
CA GLY B 601 18.72 17.58 8.91
C GLY B 601 18.69 18.89 8.12
N LYS B 602 19.43 18.95 7.02
CA LYS B 602 19.44 20.12 6.16
C LYS B 602 18.07 20.41 5.55
N GLY B 603 17.32 19.36 5.19
CA GLY B 603 15.97 19.53 4.66
C GLY B 603 14.98 20.09 5.68
N ARG B 604 15.28 19.88 6.96
CA ARG B 604 14.43 20.25 8.07
C ARG B 604 14.96 21.49 8.80
N GLY B 605 16.18 21.91 8.45
CA GLY B 605 16.80 23.09 9.04
C GLY B 605 17.61 22.83 10.30
N VAL B 606 18.11 21.59 10.45
CA VAL B 606 18.97 21.23 11.58
C VAL B 606 20.33 20.77 11.06
N HIS B 607 21.38 21.37 11.62
CA HIS B 607 22.75 21.14 11.19
C HIS B 607 23.41 20.05 12.02
N LEU B 608 23.95 19.04 11.33
CA LEU B 608 24.86 18.07 11.91
C LEU B 608 26.27 18.32 11.37
N PRO B 609 27.33 18.06 12.17
CA PRO B 609 28.70 18.13 11.66
C PRO B 609 29.03 16.98 10.71
N ALA B 610 30.25 17.02 10.15
CA ALA B 610 30.76 15.95 9.31
C ALA B 610 31.04 14.71 10.17
N PHE B 611 31.01 13.53 9.54
CA PHE B 611 31.11 12.28 10.27
C PHE B 611 32.40 12.21 11.11
N ASP B 612 33.55 12.36 10.46
CA ASP B 612 34.83 12.25 11.16
C ASP B 612 34.95 13.30 12.26
N ASP B 613 34.38 14.49 12.03
CA ASP B 613 34.31 15.51 13.06
C ASP B 613 33.52 14.99 14.25
N PHE B 614 32.32 14.47 13.97
CA PHE B 614 31.46 13.95 15.02
C PHE B 614 32.10 12.78 15.76
N TRP B 615 32.51 11.76 15.01
CA TRP B 615 33.03 10.54 15.57
C TRP B 615 34.24 10.78 16.49
N ASN B 616 35.18 11.61 16.02
CA ASN B 616 36.47 11.75 16.66
C ASN B 616 36.58 12.94 17.61
N ASN B 617 35.78 13.99 17.39
CA ASN B 617 35.89 15.21 18.17
C ASN B 617 34.71 15.54 19.08
N LYS B 618 33.53 14.98 18.75
CA LYS B 618 32.30 15.36 19.43
C LYS B 618 31.74 14.19 20.24
N GLU B 619 31.48 13.07 19.55
CA GLU B 619 30.89 11.86 20.14
C GLU B 619 29.42 11.98 20.48
N TYR B 620 28.94 13.21 20.68
CA TYR B 620 27.56 13.46 21.10
C TYR B 620 27.11 14.79 20.49
N VAL B 621 25.90 14.80 19.93
CA VAL B 621 25.26 16.04 19.49
C VAL B 621 23.88 16.13 20.15
N GLU B 622 23.45 17.36 20.42
CA GLU B 622 22.17 17.61 21.09
C GLU B 622 21.32 18.57 20.26
N PHE B 623 20.01 18.33 20.25
CA PHE B 623 19.08 19.14 19.48
C PHE B 623 18.39 20.16 20.38
N ASP B 624 17.60 21.05 19.75
CA ASP B 624 16.92 22.15 20.43
C ASP B 624 15.44 22.20 20.08
N HIS B 625 14.76 23.24 20.59
CA HIS B 625 13.40 23.59 20.23
C HIS B 625 12.41 22.51 20.66
N PRO B 626 12.32 22.20 21.97
CA PRO B 626 11.32 21.24 22.44
C PRO B 626 9.89 21.72 22.18
N GLN B 627 9.03 20.78 21.77
CA GLN B 627 7.64 21.09 21.45
C GLN B 627 6.69 20.47 22.46
N MET B 628 5.80 21.32 23.00
CA MET B 628 4.67 20.85 23.79
C MET B 628 3.70 20.10 22.89
N PHE B 629 2.99 19.14 23.48
CA PHE B 629 2.06 18.31 22.72
C PHE B 629 0.89 17.92 23.62
N VAL B 630 -0.32 17.98 23.07
CA VAL B 630 -1.50 17.48 23.75
C VAL B 630 -2.12 16.42 22.83
N ARG B 631 -2.15 15.17 23.32
CA ARG B 631 -2.65 14.06 22.52
C ARG B 631 -4.16 14.19 22.29
N HIS B 632 -4.56 13.91 21.05
CA HIS B 632 -5.95 13.94 20.61
C HIS B 632 -6.55 15.35 20.46
N GLN B 633 -5.73 16.39 20.65
CA GLN B 633 -6.22 17.76 20.67
C GLN B 633 -6.77 18.21 19.31
N ALA B 634 -6.08 17.83 18.22
CA ALA B 634 -6.54 18.14 16.88
C ALA B 634 -7.98 17.65 16.66
N PHE B 635 -8.23 16.40 17.04
CA PHE B 635 -9.54 15.80 16.89
C PHE B 635 -10.57 16.52 17.75
N ARG B 636 -10.18 16.81 19.00
CA ARG B 636 -11.07 17.54 19.91
C ARG B 636 -11.45 18.89 19.32
N GLU B 637 -10.45 19.63 18.79
CA GLU B 637 -10.68 21.02 18.40
C GLU B 637 -11.43 21.16 17.07
N ASP B 638 -11.25 20.20 16.15
CA ASP B 638 -11.95 20.22 14.88
C ASP B 638 -12.19 18.78 14.42
N PRO B 639 -13.18 18.06 14.97
CA PRO B 639 -13.36 16.64 14.66
C PRO B 639 -13.81 16.37 13.23
N ASP B 640 -14.49 17.35 12.62
CA ASP B 640 -14.96 17.24 11.25
C ASP B 640 -13.80 17.36 10.28
N LEU B 641 -12.86 18.28 10.56
CA LEU B 641 -11.73 18.51 9.66
C LEU B 641 -10.55 17.59 9.93
N GLU B 642 -10.38 17.16 11.19
CA GLU B 642 -9.31 16.28 11.59
C GLU B 642 -9.85 14.95 12.13
N PRO B 643 -10.55 14.14 11.31
CA PRO B 643 -11.18 12.94 11.82
C PRO B 643 -10.17 11.84 12.16
N LEU B 644 -10.54 11.02 13.15
CA LEU B 644 -9.80 9.82 13.46
C LEU B 644 -9.84 8.91 12.24
N GLY B 645 -8.84 8.03 12.13
CA GLY B 645 -8.73 7.09 11.03
C GLY B 645 -9.57 5.83 11.24
N THR B 646 -10.87 6.03 11.51
CA THR B 646 -11.81 4.97 11.80
C THR B 646 -12.85 4.96 10.69
N PRO B 647 -13.64 3.87 10.51
CA PRO B 647 -14.71 3.85 9.51
C PRO B 647 -15.65 5.05 9.55
N SER B 648 -15.95 5.55 10.75
CA SER B 648 -16.87 6.67 10.92
C SER B 648 -16.18 8.02 10.97
N GLY B 649 -14.85 8.01 11.19
CA GLY B 649 -14.13 9.21 11.56
C GLY B 649 -14.18 9.54 13.06
N LEU B 650 -14.94 8.73 13.82
CA LEU B 650 -15.22 9.00 15.22
C LEU B 650 -14.73 7.84 16.09
N ILE B 651 -14.79 8.04 17.42
CA ILE B 651 -14.43 6.98 18.35
C ILE B 651 -15.53 5.91 18.27
N GLU B 652 -15.14 4.68 17.98
CA GLU B 652 -16.10 3.60 17.77
C GLU B 652 -16.35 2.81 19.06
N ILE B 653 -17.35 3.25 19.83
CA ILE B 653 -17.79 2.57 21.04
C ILE B 653 -18.51 1.29 20.62
N TYR B 654 -19.29 1.38 19.54
CA TYR B 654 -19.70 0.24 18.76
C TYR B 654 -19.01 0.27 17.39
N SER B 655 -18.53 -0.89 16.94
CA SER B 655 -17.89 -1.03 15.65
C SER B 655 -18.63 -2.03 14.77
N LYS B 656 -19.37 -1.50 13.78
CA LYS B 656 -20.11 -2.33 12.85
C LYS B 656 -19.18 -3.27 12.11
N THR B 657 -17.98 -2.78 11.78
CA THR B 657 -16.97 -3.56 11.09
C THR B 657 -16.53 -4.77 11.89
N ILE B 658 -16.28 -4.58 13.20
CA ILE B 658 -15.93 -5.69 14.07
C ILE B 658 -17.13 -6.62 14.23
N ALA B 659 -18.33 -6.03 14.44
CA ALA B 659 -19.55 -6.80 14.59
C ALA B 659 -19.75 -7.76 13.41
N ASP B 660 -19.51 -7.27 12.19
CA ASP B 660 -19.68 -8.07 10.99
C ASP B 660 -18.71 -9.24 10.84
N MET B 661 -17.68 -9.31 11.70
CA MET B 661 -16.74 -10.42 11.73
C MET B 661 -17.39 -11.66 12.34
N ASN B 662 -18.38 -11.44 13.23
CA ASN B 662 -19.09 -12.51 13.91
C ASN B 662 -18.14 -13.30 14.80
N TYR B 663 -17.32 -12.57 15.58
CA TYR B 663 -16.46 -13.18 16.59
C TYR B 663 -17.13 -13.15 17.96
N ASP B 664 -17.51 -14.32 18.50
CA ASP B 664 -18.09 -14.41 19.83
C ASP B 664 -17.14 -13.88 20.91
N ASP B 665 -15.83 -13.99 20.59
CA ASP B 665 -14.67 -13.52 21.35
C ASP B 665 -14.35 -12.02 21.35
N CYS B 666 -14.89 -11.32 20.35
CA CYS B 666 -14.70 -9.88 20.23
C CYS B 666 -15.83 -9.28 19.39
N GLN B 667 -16.86 -8.83 20.10
CA GLN B 667 -18.13 -8.43 19.51
C GLN B 667 -18.09 -6.93 19.23
N GLY B 668 -19.21 -6.39 18.74
CA GLY B 668 -19.26 -5.03 18.19
C GLY B 668 -19.03 -3.90 19.19
N HIS B 669 -19.22 -4.19 20.49
CA HIS B 669 -18.83 -3.28 21.54
C HIS B 669 -18.15 -4.08 22.66
N PRO B 670 -17.40 -3.43 23.58
CA PRO B 670 -16.73 -4.17 24.64
C PRO B 670 -17.70 -4.97 25.51
N MET B 671 -17.20 -6.10 26.02
CA MET B 671 -17.98 -7.05 26.78
C MET B 671 -17.11 -7.76 27.79
N TRP B 672 -17.73 -8.15 28.91
CA TRP B 672 -17.09 -9.05 29.85
C TRP B 672 -17.22 -10.50 29.41
N PHE B 673 -16.09 -11.13 29.11
CA PHE B 673 -16.02 -12.56 28.88
C PHE B 673 -15.30 -13.22 30.06
N GLU B 674 -15.86 -14.33 30.57
CA GLU B 674 -15.17 -15.13 31.56
C GLU B 674 -13.93 -15.78 30.94
N LYS B 675 -12.88 -15.96 31.77
CA LYS B 675 -11.60 -16.44 31.29
C LYS B 675 -11.48 -17.95 31.37
N ILE B 676 -10.52 -18.51 30.64
CA ILE B 676 -10.19 -19.93 30.72
C ILE B 676 -9.69 -20.30 32.11
N GLU B 677 -9.01 -19.36 32.78
CA GLU B 677 -8.74 -19.48 34.19
C GLU B 677 -8.62 -18.08 34.80
N ARG B 678 -9.17 -17.89 36.01
CA ARG B 678 -9.10 -16.60 36.67
C ARG B 678 -9.20 -16.81 38.17
N SER B 679 -8.51 -15.95 38.91
CA SER B 679 -8.40 -16.02 40.35
C SER B 679 -9.68 -15.56 41.04
N HIS B 680 -9.68 -15.65 42.38
CA HIS B 680 -10.77 -15.13 43.18
C HIS B 680 -12.13 -15.55 42.65
N GLY B 681 -12.30 -16.87 42.48
CA GLY B 681 -13.60 -17.45 42.21
C GLY B 681 -13.85 -17.77 40.74
N GLY B 682 -12.92 -17.36 39.87
CA GLY B 682 -12.99 -17.68 38.46
C GLY B 682 -12.65 -19.14 38.21
N PRO B 683 -12.71 -19.61 36.95
CA PRO B 683 -12.40 -21.01 36.63
C PRO B 683 -11.00 -21.44 37.04
N GLY B 684 -10.91 -22.64 37.63
CA GLY B 684 -9.64 -23.19 38.07
C GLY B 684 -9.17 -22.75 39.46
N SER B 685 -9.78 -21.70 40.04
CA SER B 685 -9.26 -21.09 41.26
C SER B 685 -9.53 -21.91 42.52
N GLN B 686 -10.23 -23.03 42.36
CA GLN B 686 -10.39 -24.00 43.44
C GLN B 686 -9.18 -24.94 43.48
N LYS B 687 -8.56 -25.21 42.33
CA LYS B 687 -7.37 -26.04 42.26
C LYS B 687 -6.09 -25.22 42.38
N TYR B 688 -6.04 -24.09 41.66
CA TYR B 688 -4.87 -23.24 41.61
C TYR B 688 -5.30 -21.83 42.02
N PRO B 689 -5.18 -21.48 43.32
CA PRO B 689 -5.86 -20.32 43.87
C PRO B 689 -5.17 -18.98 43.65
N LEU B 690 -3.91 -18.99 43.17
CA LEU B 690 -3.12 -17.78 43.07
C LEU B 690 -2.92 -17.32 41.64
N HIS B 691 -3.15 -16.02 41.40
CA HIS B 691 -2.79 -15.41 40.14
C HIS B 691 -1.29 -15.11 40.09
N LEU B 692 -0.59 -15.68 39.11
CA LEU B 692 0.84 -15.48 38.97
C LEU B 692 1.11 -14.42 37.90
N GLN B 693 1.50 -13.23 38.36
CA GLN B 693 2.00 -12.17 37.50
C GLN B 693 3.39 -12.52 36.98
N SER B 694 3.63 -12.28 35.69
CA SER B 694 4.95 -12.42 35.10
C SER B 694 5.44 -11.06 34.65
N VAL B 695 5.44 -10.12 35.59
CA VAL B 695 5.64 -8.70 35.33
C VAL B 695 7.07 -8.41 34.90
N HIS B 696 7.28 -7.26 34.24
CA HIS B 696 8.60 -6.95 33.69
C HIS B 696 9.61 -6.67 34.81
N PRO B 697 10.85 -7.21 34.67
CA PRO B 697 11.83 -7.15 35.74
C PRO B 697 12.39 -5.75 35.99
N ASP B 698 12.68 -5.49 37.27
CA ASP B 698 13.28 -4.25 37.74
C ASP B 698 14.80 -4.27 37.58
N PHE B 699 15.38 -5.47 37.46
CA PHE B 699 16.82 -5.65 37.41
C PHE B 699 17.34 -6.24 36.12
N ARG B 700 16.49 -6.33 35.10
CA ARG B 700 16.93 -6.69 33.77
C ARG B 700 15.96 -6.13 32.74
N LEU B 701 16.35 -6.24 31.46
CA LEU B 701 15.45 -6.09 30.34
C LEU B 701 15.10 -7.50 29.88
N HIS B 702 13.92 -7.99 30.24
CA HIS B 702 13.48 -9.33 29.86
C HIS B 702 14.47 -10.35 30.44
N SER B 703 15.10 -11.17 29.58
CA SER B 703 16.08 -12.14 30.02
C SER B 703 17.50 -11.59 30.00
N GLN B 704 17.69 -10.40 29.40
CA GLN B 704 19.01 -9.81 29.30
C GLN B 704 19.53 -9.31 30.66
N LEU B 705 20.80 -9.67 30.95
CA LEU B 705 21.47 -9.42 32.21
C LEU B 705 21.04 -10.30 33.39
N CYS B 706 20.22 -11.34 33.16
CA CYS B 706 19.96 -12.34 34.17
C CYS B 706 21.26 -13.04 34.60
N GLU B 707 22.19 -13.19 33.66
CA GLU B 707 23.47 -13.82 33.92
C GLU B 707 24.44 -12.98 34.76
N SER B 708 24.13 -11.70 35.00
CA SER B 708 25.00 -10.84 35.78
C SER B 708 24.94 -11.11 37.28
N GLU B 709 26.08 -11.51 37.86
CA GLU B 709 26.19 -11.75 39.28
C GLU B 709 26.08 -10.44 40.05
N THR B 710 26.61 -9.35 39.46
CA THR B 710 26.54 -8.04 40.06
C THR B 710 25.10 -7.65 40.38
N LEU B 711 24.18 -7.90 39.43
CA LEU B 711 22.78 -7.58 39.59
C LEU B 711 22.03 -8.66 40.37
N ARG B 712 22.24 -9.93 39.99
CA ARG B 712 21.62 -11.04 40.70
C ARG B 712 21.82 -11.02 42.21
N GLN B 713 23.01 -10.66 42.69
CA GLN B 713 23.26 -10.66 44.12
C GLN B 713 22.29 -9.74 44.86
N GLN B 714 21.68 -8.81 44.14
CA GLN B 714 20.77 -7.83 44.72
C GLN B 714 19.30 -8.25 44.78
N TYR B 715 18.95 -9.42 44.24
CA TYR B 715 17.55 -9.83 44.21
C TYR B 715 17.30 -11.34 44.28
N THR B 716 18.35 -12.16 44.04
CA THR B 716 18.23 -13.60 44.19
C THR B 716 17.94 -14.02 45.62
N VAL B 717 17.20 -15.12 45.75
CA VAL B 717 16.76 -15.68 47.02
C VAL B 717 17.00 -17.18 46.91
N ALA B 718 17.77 -17.73 47.85
CA ALA B 718 18.16 -19.13 47.84
C ALA B 718 18.82 -19.52 46.51
N GLY B 719 19.47 -18.54 45.87
CA GLY B 719 20.14 -18.74 44.60
C GLY B 719 19.21 -18.75 43.40
N LYS B 720 17.94 -18.38 43.64
CA LYS B 720 16.89 -18.50 42.65
C LYS B 720 16.23 -17.16 42.41
N GLU B 721 15.36 -17.13 41.39
CA GLU B 721 14.50 -15.99 41.15
C GLU B 721 13.57 -15.86 42.35
N PRO B 722 13.35 -14.65 42.88
CA PRO B 722 12.36 -14.45 43.92
C PRO B 722 10.93 -14.59 43.40
N VAL B 723 10.08 -15.18 44.22
CA VAL B 723 8.65 -15.17 43.98
C VAL B 723 8.04 -14.31 45.09
N PHE B 724 7.16 -13.38 44.69
CA PHE B 724 6.57 -12.47 45.64
C PHE B 724 5.20 -12.99 46.06
N ILE B 725 4.97 -13.07 47.38
CA ILE B 725 3.82 -13.73 47.95
C ILE B 725 3.21 -12.85 49.04
N ASN B 726 1.87 -12.78 49.06
CA ASN B 726 1.14 -12.02 50.06
C ASN B 726 1.31 -12.66 51.44
N PRO B 727 1.39 -11.87 52.54
CA PRO B 727 1.64 -12.41 53.87
C PRO B 727 0.60 -13.40 54.40
N GLN B 728 -0.68 -13.17 54.07
CA GLN B 728 -1.73 -14.10 54.45
C GLN B 728 -1.58 -15.42 53.71
N ASP B 729 -1.32 -15.33 52.40
CA ASP B 729 -1.11 -16.51 51.57
C ASP B 729 0.11 -17.30 52.01
N ALA B 730 1.16 -16.58 52.41
CA ALA B 730 2.41 -17.21 52.82
C ALA B 730 2.24 -17.94 54.15
N SER B 731 1.59 -17.28 55.11
CA SER B 731 1.32 -17.86 56.41
C SER B 731 0.40 -19.07 56.38
N ALA B 732 -0.54 -19.08 55.41
CA ALA B 732 -1.41 -20.23 55.21
C ALA B 732 -0.65 -21.45 54.68
N ARG B 733 0.48 -21.20 53.99
CA ARG B 733 1.31 -22.26 53.44
C ARG B 733 2.55 -22.55 54.27
N GLY B 734 2.66 -21.90 55.45
CA GLY B 734 3.85 -21.98 56.27
C GLY B 734 5.12 -21.54 55.55
N ILE B 735 4.99 -20.50 54.73
CA ILE B 735 6.11 -19.98 53.97
C ILE B 735 6.63 -18.72 54.64
N ARG B 736 7.96 -18.59 54.61
CA ARG B 736 8.66 -17.44 55.15
C ARG B 736 9.81 -17.04 54.21
N ASN B 737 10.27 -15.79 54.36
CA ASN B 737 11.36 -15.26 53.57
C ASN B 737 12.54 -16.22 53.45
N GLY B 738 12.98 -16.45 52.20
CA GLY B 738 14.12 -17.30 51.93
C GLY B 738 13.80 -18.75 51.57
N ASP B 739 12.57 -19.20 51.82
CA ASP B 739 12.16 -20.56 51.51
C ASP B 739 12.29 -20.88 50.02
N VAL B 740 12.75 -22.09 49.70
CA VAL B 740 12.63 -22.64 48.36
C VAL B 740 11.22 -23.24 48.21
N VAL B 741 10.45 -22.66 47.29
CA VAL B 741 9.06 -23.04 47.11
C VAL B 741 8.88 -23.56 45.70
N ARG B 742 7.89 -24.43 45.53
CA ARG B 742 7.52 -24.91 44.20
C ARG B 742 6.25 -24.16 43.80
N VAL B 743 6.29 -23.57 42.60
CA VAL B 743 5.18 -22.85 42.03
C VAL B 743 4.78 -23.69 40.82
N PHE B 744 3.53 -24.14 40.81
CA PHE B 744 3.10 -25.15 39.85
C PHE B 744 1.62 -25.02 39.45
N ASN B 745 1.29 -25.64 38.32
CA ASN B 745 -0.07 -25.87 37.90
C ASN B 745 -0.10 -27.14 37.02
N ALA B 746 -1.17 -27.32 36.23
CA ALA B 746 -1.27 -28.50 35.38
C ALA B 746 -0.35 -28.43 34.16
N ARG B 747 0.24 -27.25 33.91
CA ARG B 747 1.11 -27.04 32.76
C ARG B 747 2.60 -27.23 33.03
N GLY B 748 3.02 -27.00 34.28
CA GLY B 748 4.43 -27.06 34.64
C GLY B 748 4.69 -26.78 36.13
N GLN B 749 5.98 -26.73 36.49
CA GLN B 749 6.43 -26.52 37.86
C GLN B 749 7.79 -25.86 37.84
N VAL B 750 8.01 -24.89 38.74
CA VAL B 750 9.30 -24.25 38.92
C VAL B 750 9.65 -24.14 40.40
N LEU B 751 10.95 -23.98 40.68
CA LEU B 751 11.40 -23.53 41.99
C LEU B 751 11.72 -22.04 41.96
N ALA B 752 11.47 -21.37 43.10
CA ALA B 752 11.77 -19.96 43.30
C ALA B 752 12.10 -19.75 44.77
N GLY B 753 12.64 -18.57 45.09
CA GLY B 753 12.90 -18.20 46.47
C GLY B 753 11.88 -17.20 47.01
N ALA B 754 11.24 -17.54 48.13
CA ALA B 754 10.08 -16.79 48.59
C ALA B 754 10.48 -15.40 49.10
N VAL B 755 9.76 -14.37 48.63
CA VAL B 755 9.79 -13.06 49.25
C VAL B 755 8.37 -12.77 49.72
N VAL B 756 8.19 -12.69 51.05
CA VAL B 756 6.88 -12.38 51.60
C VAL B 756 6.73 -10.86 51.69
N SER B 757 5.76 -10.32 50.94
CA SER B 757 5.68 -8.89 50.69
C SER B 757 4.24 -8.40 50.83
N ASP B 758 4.07 -7.27 51.54
CA ASP B 758 2.76 -6.67 51.74
C ASP B 758 2.35 -5.79 50.57
N ARG B 759 3.20 -5.67 49.55
CA ARG B 759 2.82 -5.06 48.29
C ARG B 759 1.77 -5.86 47.53
N TYR B 760 1.67 -7.17 47.86
CA TYR B 760 0.80 -8.09 47.17
C TYR B 760 -0.50 -8.34 47.91
N ALA B 761 -1.62 -8.16 47.21
CA ALA B 761 -2.94 -8.46 47.73
C ALA B 761 -3.14 -9.97 47.82
N PRO B 762 -4.00 -10.46 48.73
CA PRO B 762 -4.24 -11.90 48.84
C PRO B 762 -4.67 -12.50 47.50
N GLY B 763 -4.07 -13.64 47.14
CA GLY B 763 -4.42 -14.36 45.93
C GLY B 763 -3.66 -13.87 44.71
N VAL B 764 -2.64 -13.03 44.93
CA VAL B 764 -1.79 -12.52 43.86
C VAL B 764 -0.32 -12.76 44.21
N ALA B 765 0.41 -13.35 43.25
CA ALA B 765 1.85 -13.55 43.36
C ALA B 765 2.54 -13.01 42.12
N ARG B 766 3.88 -12.98 42.16
CA ARG B 766 4.68 -12.57 41.02
C ARG B 766 6.01 -13.29 40.95
N ILE B 767 6.33 -13.81 39.75
CA ILE B 767 7.70 -14.09 39.36
C ILE B 767 7.92 -13.23 38.11
N HIS B 768 8.83 -12.26 38.22
CA HIS B 768 9.18 -11.38 37.12
C HIS B 768 9.66 -12.18 35.92
N GLU B 769 9.19 -11.81 34.73
CA GLU B 769 9.64 -12.46 33.52
C GLU B 769 11.12 -12.19 33.29
N GLY B 770 11.77 -13.09 32.52
CA GLY B 770 13.18 -12.96 32.24
C GLY B 770 14.11 -13.83 33.07
N ALA B 771 13.56 -14.47 34.11
CA ALA B 771 14.27 -15.51 34.83
C ALA B 771 14.53 -16.66 33.86
N TRP B 772 15.79 -17.07 33.72
CA TRP B 772 16.16 -18.07 32.72
C TRP B 772 15.62 -19.44 33.09
N TYR B 773 15.27 -20.22 32.05
CA TYR B 773 14.80 -21.59 32.21
C TYR B 773 15.98 -22.51 32.46
N ASP B 774 15.90 -23.30 33.54
CA ASP B 774 16.99 -24.18 33.94
C ASP B 774 16.43 -25.55 34.34
N PRO B 775 16.04 -26.42 33.39
CA PRO B 775 15.39 -27.67 33.72
C PRO B 775 16.32 -28.63 34.47
N ASP B 776 15.78 -29.32 35.48
CA ASP B 776 16.59 -30.28 36.23
C ASP B 776 16.96 -31.49 35.36
N LYS B 777 16.04 -31.89 34.48
CA LYS B 777 16.30 -32.95 33.51
C LYS B 777 16.20 -32.35 32.11
N GLY B 778 17.33 -31.87 31.60
CA GLY B 778 17.39 -31.03 30.42
C GLY B 778 16.74 -31.68 29.19
N GLY B 779 15.70 -31.03 28.67
CA GLY B 779 15.07 -31.45 27.44
C GLY B 779 13.78 -32.25 27.61
N GLU B 780 13.57 -32.79 28.82
CA GLU B 780 12.38 -33.59 29.08
C GLU B 780 11.19 -32.66 29.34
N PRO B 781 10.03 -32.86 28.66
CA PRO B 781 8.79 -32.23 29.09
C PRO B 781 8.43 -32.60 30.52
N GLY B 782 8.02 -31.60 31.31
CA GLY B 782 7.70 -31.79 32.71
C GLY B 782 8.87 -31.61 33.68
N ALA B 783 10.05 -31.29 33.14
CA ALA B 783 11.21 -30.99 33.98
C ALA B 783 10.89 -29.83 34.92
N LEU B 784 11.44 -29.91 36.14
CA LEU B 784 11.34 -28.84 37.11
C LEU B 784 12.39 -27.78 36.78
N CYS B 785 11.95 -26.51 36.66
CA CYS B 785 12.89 -25.41 36.45
C CYS B 785 13.53 -25.05 37.79
N LYS B 786 14.86 -25.08 37.84
CA LYS B 786 15.59 -24.85 39.07
C LYS B 786 15.80 -23.36 39.36
N TYR B 787 15.58 -22.47 38.38
CA TYR B 787 15.82 -21.06 38.59
C TYR B 787 14.53 -20.24 38.72
N GLY B 788 13.52 -20.56 37.92
CA GLY B 788 12.17 -20.03 38.09
C GLY B 788 11.61 -19.21 36.93
N ASN B 789 11.70 -19.73 35.70
CA ASN B 789 11.15 -19.06 34.53
C ASN B 789 9.64 -19.20 34.53
N PRO B 790 8.87 -18.09 34.64
CA PRO B 790 7.42 -18.16 34.75
C PRO B 790 6.72 -18.74 33.52
N ASN B 791 7.37 -18.68 32.35
CA ASN B 791 6.75 -19.21 31.15
C ASN B 791 6.68 -20.73 31.11
N VAL B 792 7.26 -21.40 32.13
CA VAL B 792 7.00 -22.80 32.38
C VAL B 792 5.55 -23.01 32.78
N LEU B 793 4.93 -21.96 33.36
CA LEU B 793 3.61 -22.04 33.95
C LEU B 793 2.51 -21.34 33.15
N THR B 794 2.90 -20.49 32.19
CA THR B 794 1.93 -19.74 31.40
C THR B 794 1.20 -20.65 30.43
N ILE B 795 0.09 -20.15 29.87
CA ILE B 795 -0.69 -20.88 28.88
C ILE B 795 -0.52 -20.20 27.53
N ASP B 796 -0.45 -21.00 26.47
CA ASP B 796 -0.26 -20.50 25.12
C ASP B 796 -1.60 -20.51 24.37
N ILE B 797 -2.32 -19.39 24.46
CA ILE B 797 -3.59 -19.21 23.77
C ILE B 797 -3.71 -17.78 23.23
N GLY B 798 -4.44 -17.65 22.13
CA GLY B 798 -4.72 -16.35 21.57
C GLY B 798 -5.69 -15.55 22.44
N THR B 799 -5.43 -14.24 22.58
CA THR B 799 -6.32 -13.32 23.27
C THR B 799 -7.76 -13.50 22.80
N SER B 800 -7.96 -13.41 21.48
CA SER B 800 -9.23 -13.65 20.84
C SER B 800 -9.01 -13.84 19.35
N GLN B 801 -10.10 -14.05 18.60
CA GLN B 801 -10.02 -14.14 17.16
C GLN B 801 -9.63 -12.81 16.51
N LEU B 802 -9.75 -11.70 17.25
CA LEU B 802 -9.35 -10.40 16.73
C LEU B 802 -7.84 -10.33 16.55
N ALA B 803 -7.09 -10.41 17.66
CA ALA B 803 -5.66 -10.15 17.62
C ALA B 803 -4.82 -11.43 17.65
N GLN B 804 -5.37 -12.50 18.24
CA GLN B 804 -4.68 -13.78 18.34
C GLN B 804 -3.33 -13.60 19.02
N ALA B 805 -3.26 -12.64 19.95
CA ALA B 805 -2.02 -12.24 20.59
C ALA B 805 -1.78 -13.04 21.88
N THR B 806 -0.59 -12.86 22.46
CA THR B 806 -0.21 -13.54 23.71
C THR B 806 -1.17 -13.23 24.86
N SER B 807 -1.49 -14.27 25.63
CA SER B 807 -2.31 -14.13 26.83
C SER B 807 -1.49 -14.49 28.07
N ALA B 808 -0.23 -14.07 28.08
CA ALA B 808 0.77 -14.52 29.03
C ALA B 808 0.37 -14.43 30.51
N HIS B 809 -0.32 -13.35 30.89
CA HIS B 809 -0.63 -13.09 32.29
C HIS B 809 -1.92 -13.72 32.81
N THR B 810 -2.58 -14.51 31.95
CA THR B 810 -3.72 -15.32 32.33
C THR B 810 -3.16 -16.61 32.93
N THR B 811 -2.79 -16.55 34.22
CA THR B 811 -2.04 -17.61 34.87
C THR B 811 -2.44 -17.88 36.33
N LEU B 812 -2.95 -19.08 36.60
CA LEU B 812 -3.21 -19.51 37.97
C LEU B 812 -2.16 -20.55 38.38
N VAL B 813 -1.70 -20.45 39.63
CA VAL B 813 -0.74 -21.40 40.19
C VAL B 813 -1.13 -21.74 41.62
N GLU B 814 -0.47 -22.77 42.14
CA GLU B 814 -0.37 -23.03 43.56
C GLU B 814 1.09 -22.88 43.95
N ILE B 815 1.34 -22.56 45.22
CA ILE B 815 2.69 -22.50 45.75
C ILE B 815 2.73 -23.33 47.03
N GLU B 816 3.79 -24.12 47.19
CA GLU B 816 4.03 -24.86 48.42
C GLU B 816 5.53 -24.78 48.73
N LYS B 817 5.89 -24.88 50.02
CA LYS B 817 7.28 -25.03 50.37
C LYS B 817 7.73 -26.39 49.85
N TYR B 818 8.90 -26.43 49.19
CA TYR B 818 9.28 -27.60 48.41
C TYR B 818 9.86 -28.69 49.32
N ASN B 819 9.49 -29.95 49.03
CA ASN B 819 9.92 -31.09 49.83
C ASN B 819 10.94 -31.99 49.14
N GLY B 820 11.28 -31.70 47.88
CA GLY B 820 12.25 -32.47 47.13
C GLY B 820 13.68 -31.96 47.30
N THR B 821 14.62 -32.62 46.62
CA THR B 821 16.02 -32.20 46.62
C THR B 821 16.19 -30.94 45.78
N VAL B 822 16.96 -29.99 46.31
CA VAL B 822 17.30 -28.77 45.60
C VAL B 822 18.67 -28.97 44.94
N GLU B 823 18.66 -29.10 43.61
CA GLU B 823 19.90 -29.23 42.86
C GLU B 823 20.51 -27.85 42.59
N GLN B 824 21.79 -27.86 42.21
CA GLN B 824 22.52 -26.65 41.92
C GLN B 824 21.95 -26.03 40.65
N VAL B 825 21.89 -24.70 40.59
CA VAL B 825 21.46 -23.98 39.41
C VAL B 825 22.55 -24.07 38.33
N THR B 826 22.14 -24.41 37.11
CA THR B 826 23.06 -24.56 35.98
C THR B 826 22.76 -23.61 34.82
N ALA B 827 22.01 -22.55 35.08
CA ALA B 827 21.51 -21.68 34.03
C ALA B 827 22.60 -20.82 33.39
N PHE B 828 23.56 -20.37 34.18
CA PHE B 828 24.44 -19.28 33.78
C PHE B 828 25.88 -19.67 33.47
N ASN B 829 26.12 -20.97 33.21
CA ASN B 829 27.49 -21.43 33.08
C ASN B 829 27.77 -22.18 31.78
N GLY B 830 26.97 -21.89 30.74
CA GLY B 830 27.24 -22.39 29.40
C GLY B 830 26.84 -23.85 29.21
N PRO B 831 27.14 -24.46 28.04
CA PRO B 831 26.81 -25.86 27.79
C PRO B 831 27.79 -26.86 28.40
N VAL B 832 27.41 -28.14 28.36
CA VAL B 832 28.37 -29.22 28.52
C VAL B 832 29.04 -29.41 27.16
N GLU B 833 30.30 -28.99 27.06
CA GLU B 833 31.04 -29.11 25.81
C GLU B 833 31.50 -30.55 25.65
N MET B 834 31.39 -31.05 24.41
CA MET B 834 31.63 -32.43 24.08
C MET B 834 32.74 -32.49 23.04
N VAL B 835 33.56 -33.57 23.11
CA VAL B 835 34.73 -33.73 22.28
C VAL B 835 34.78 -35.14 21.72
N ALA B 836 35.27 -35.25 20.47
CA ALA B 836 35.46 -36.52 19.80
C ALA B 836 36.58 -37.29 20.49
N GLN B 837 36.23 -38.43 21.13
CA GLN B 837 37.18 -39.26 21.84
C GLN B 837 37.46 -40.55 21.07
N CYS B 838 38.73 -40.98 21.14
CA CYS B 838 39.20 -42.23 20.55
C CYS B 838 39.87 -43.06 21.63
N GLU B 839 39.20 -44.12 22.09
CA GLU B 839 39.63 -44.84 23.27
C GLU B 839 39.40 -46.34 23.10
N TYR B 840 40.23 -47.14 23.78
CA TYR B 840 40.02 -48.57 23.91
C TYR B 840 39.42 -48.86 25.28
N VAL B 841 38.21 -49.45 25.29
CA VAL B 841 37.51 -49.76 26.52
C VAL B 841 37.27 -51.27 26.58
N PRO B 842 37.14 -51.89 27.78
CA PRO B 842 36.65 -53.26 27.86
C PRO B 842 35.30 -53.44 27.17
N ALA B 843 35.13 -54.59 26.50
CA ALA B 843 33.90 -54.87 25.78
C ALA B 843 32.77 -55.23 26.77
#